data_6CH2
#
_entry.id   6CH2
#
_cell.length_a   49.110
_cell.length_b   77.590
_cell.length_c   119.270
_cell.angle_alpha   86.88
_cell.angle_beta   89.00
_cell.angle_gamma   84.27
#
_symmetry.space_group_name_H-M   'P 1'
#
loop_
_entity.id
_entity.type
_entity.pdbx_description
1 polymer 'Flagellar biosynthesis protein FlhA'
2 polymer 'Flagellar hook-associated protein 2,Flagellar protein FliT'
3 non-polymer GLYCEROL
4 water water
#
loop_
_entity_poly.entity_id
_entity_poly.type
_entity_poly.pdbx_seq_one_letter_code
_entity_poly.pdbx_strand_id
1 'polypeptide(L)'
;GEDSLGMEVGYRLIPMVDFQQDGELLGRIRSIRKKFAQDMGFLPPVVHIRDNMDLQPARYRILMKGVEIGSGDAYPGRWL
AINPGTAAGTLPGEKTVDPAFGLDAIWIESALKEQAQIQGFTVVEASTVVATHLNHLIGQFSAELFGRQEAQQLLDRVSQ
EMPKLTEDLVPGVVTLTTLHKVLQNLLAEKVPIRDMRTILETLAEHAPLQSDPHELTAVVRVALGRAITQQWFPGNEEVQ
VIGLDTALERLLLQALQGGGGLEPGLADRLLAQTQEALSRQEMLGAPPVLLVNHALRPLLSRFLRRSLPQLVVLSNLELS
DNRHIRMTATIGGK
;
A,B,C
2 'polypeptide(L)'
;GAHMSIDETVARYKAQFTQLDTMMSKLNNTSSYLTQQFTAMNKSGGSGGSGSGGSGGMTSTVEFINRWQRIALLSQSLLE
LAQRGEWDLLLQQEVSYLQSIETVMEKQTPPGITRSIQDMVAGYIKQTLDNEQLLKGLLQQRLDELSSLIGQSTRQKSLN
NAYGRLSGMLLVPDAPGAS
;
D,E,F
#
loop_
_chem_comp.id
_chem_comp.type
_chem_comp.name
_chem_comp.formula
GOL non-polymer GLYCEROL 'C3 H8 O3'
#
# COMPACT_ATOMS: atom_id res chain seq x y z
N GLU A 2 -29.13 -26.84 14.53
CA GLU A 2 -27.86 -27.45 14.15
C GLU A 2 -26.93 -26.42 13.50
N ASP A 3 -26.23 -26.84 12.44
CA ASP A 3 -25.29 -25.97 11.76
C ASP A 3 -25.99 -25.14 10.69
N SER A 4 -25.49 -23.92 10.49
CA SER A 4 -26.07 -23.03 9.49
C SER A 4 -25.91 -23.61 8.09
N LEU A 5 -24.70 -24.02 7.73
CA LEU A 5 -24.42 -24.62 6.43
C LEU A 5 -23.60 -25.88 6.64
N GLY A 6 -24.16 -27.03 6.26
CA GLY A 6 -23.48 -28.29 6.42
C GLY A 6 -23.55 -29.11 5.14
N MET A 7 -22.59 -30.03 5.00
CA MET A 7 -22.52 -30.93 3.86
C MET A 7 -22.05 -32.29 4.33
N GLU A 8 -22.84 -33.32 4.07
CA GLU A 8 -22.47 -34.71 4.33
C GLU A 8 -22.05 -35.40 3.04
N VAL A 9 -21.10 -36.32 3.16
CA VAL A 9 -20.44 -36.93 1.99
C VAL A 9 -20.21 -38.41 2.25
N GLY A 10 -20.23 -39.19 1.16
CA GLY A 10 -19.92 -40.60 1.23
C GLY A 10 -18.42 -40.87 1.20
N TYR A 11 -18.05 -42.11 1.49
CA TYR A 11 -16.65 -42.43 1.72
C TYR A 11 -15.81 -42.26 0.45
N ARG A 12 -16.41 -42.37 -0.74
CA ARG A 12 -15.65 -42.11 -1.95
C ARG A 12 -15.32 -40.64 -2.12
N LEU A 13 -16.12 -39.76 -1.50
CA LEU A 13 -15.85 -38.33 -1.53
C LEU A 13 -14.93 -37.88 -0.39
N ILE A 14 -14.59 -38.79 0.52
CA ILE A 14 -13.66 -38.43 1.61
C ILE A 14 -12.32 -37.90 1.09
N PRO A 15 -11.68 -38.52 0.10
CA PRO A 15 -10.42 -37.93 -0.42
C PRO A 15 -10.61 -36.52 -0.93
N MET A 16 -11.76 -36.22 -1.52
CA MET A 16 -12.04 -34.87 -2.00
C MET A 16 -12.12 -33.88 -0.85
N VAL A 17 -12.41 -34.34 0.37
CA VAL A 17 -12.60 -33.46 1.52
C VAL A 17 -11.59 -33.79 2.63
N ASP A 18 -10.36 -34.16 2.26
CA ASP A 18 -9.34 -34.56 3.22
C ASP A 18 -8.04 -33.83 2.91
N PHE A 19 -7.56 -33.05 3.88
CA PHE A 19 -6.26 -32.40 3.74
C PHE A 19 -5.12 -33.41 3.68
N GLN A 20 -5.33 -34.63 4.15
CA GLN A 20 -4.26 -35.61 4.16
C GLN A 20 -3.95 -36.16 2.78
N GLN A 21 -4.86 -35.96 1.81
CA GLN A 21 -4.64 -36.45 0.46
C GLN A 21 -5.04 -35.41 -0.57
N ASP A 22 -6.07 -35.70 -1.36
CA ASP A 22 -6.55 -34.80 -2.39
C ASP A 22 -7.03 -33.48 -1.80
N GLY A 23 -8.23 -33.51 -1.22
CA GLY A 23 -8.90 -32.33 -0.70
C GLY A 23 -8.99 -31.17 -1.66
N GLU A 24 -9.61 -31.40 -2.81
CA GLU A 24 -9.86 -30.33 -3.77
C GLU A 24 -11.05 -29.47 -3.37
N LEU A 25 -12.01 -30.05 -2.65
CA LEU A 25 -13.20 -29.31 -2.25
C LEU A 25 -12.91 -28.23 -1.24
N LEU A 26 -11.99 -28.49 -0.29
CA LEU A 26 -11.74 -27.50 0.76
C LEU A 26 -11.21 -26.20 0.19
N GLY A 27 -10.30 -26.28 -0.79
CA GLY A 27 -9.82 -25.07 -1.43
C GLY A 27 -10.92 -24.36 -2.21
N ARG A 28 -11.79 -25.11 -2.88
CA ARG A 28 -12.87 -24.51 -3.64
C ARG A 28 -13.91 -23.87 -2.74
N ILE A 29 -14.24 -24.53 -1.63
CA ILE A 29 -15.22 -23.95 -0.70
C ILE A 29 -14.70 -22.66 -0.09
N ARG A 30 -13.40 -22.62 0.25
CA ARG A 30 -12.82 -21.39 0.77
C ARG A 30 -12.87 -20.28 -0.27
N SER A 31 -12.57 -20.60 -1.52
CA SER A 31 -12.66 -19.60 -2.58
C SER A 31 -14.10 -19.18 -2.84
N ILE A 32 -15.06 -20.10 -2.68
CA ILE A 32 -16.47 -19.75 -2.85
C ILE A 32 -16.89 -18.73 -1.79
N ARG A 33 -16.53 -18.99 -0.52
CA ARG A 33 -16.91 -18.07 0.54
C ARG A 33 -16.13 -16.75 0.44
N LYS A 34 -14.89 -16.79 -0.05
CA LYS A 34 -14.12 -15.56 -0.18
C LYS A 34 -14.71 -14.64 -1.24
N LYS A 35 -14.95 -15.17 -2.45
CA LYS A 35 -15.52 -14.32 -3.50
C LYS A 35 -16.94 -13.90 -3.17
N PHE A 36 -17.68 -14.73 -2.44
CA PHE A 36 -19.04 -14.35 -2.06
C PHE A 36 -19.04 -13.20 -1.08
N ALA A 37 -18.01 -13.11 -0.23
CA ALA A 37 -17.92 -12.01 0.72
C ALA A 37 -17.53 -10.70 0.04
N GLN A 38 -16.75 -10.77 -1.04
CA GLN A 38 -16.33 -9.57 -1.74
C GLN A 38 -17.29 -9.14 -2.84
N ASP A 39 -18.14 -10.06 -3.33
CA ASP A 39 -19.12 -9.71 -4.37
C ASP A 39 -20.42 -9.20 -3.76
N MET A 40 -21.09 -10.05 -2.98
CA MET A 40 -22.36 -9.68 -2.37
C MET A 40 -22.21 -8.86 -1.10
N GLY A 41 -21.01 -8.75 -0.55
CA GLY A 41 -20.75 -7.85 0.56
C GLY A 41 -20.94 -8.43 1.94
N PHE A 42 -21.03 -9.74 2.09
CA PHE A 42 -21.13 -10.35 3.41
C PHE A 42 -20.55 -11.76 3.37
N LEU A 43 -19.93 -12.15 4.47
CA LEU A 43 -19.33 -13.48 4.57
C LEU A 43 -20.40 -14.51 4.89
N PRO A 44 -20.61 -15.52 4.04
CA PRO A 44 -21.61 -16.54 4.34
C PRO A 44 -21.14 -17.42 5.47
N PRO A 45 -22.05 -18.17 6.10
CA PRO A 45 -21.63 -19.06 7.20
C PRO A 45 -20.67 -20.12 6.69
N VAL A 46 -19.84 -20.62 7.60
CA VAL A 46 -18.90 -21.67 7.23
C VAL A 46 -19.66 -22.95 6.91
N VAL A 47 -19.07 -23.78 6.07
CA VAL A 47 -19.68 -25.04 5.65
C VAL A 47 -19.07 -26.15 6.49
N HIS A 48 -19.89 -26.80 7.32
CA HIS A 48 -19.43 -27.90 8.14
C HIS A 48 -19.52 -29.18 7.31
N ILE A 49 -18.37 -29.75 6.97
CA ILE A 49 -18.28 -30.96 6.18
C ILE A 49 -18.11 -32.13 7.13
N ARG A 50 -18.88 -33.19 6.91
CA ARG A 50 -18.83 -34.36 7.79
C ARG A 50 -18.95 -35.62 6.96
N ASP A 51 -18.10 -36.60 7.25
CA ASP A 51 -18.17 -37.88 6.57
C ASP A 51 -19.37 -38.68 7.09
N ASN A 52 -19.91 -39.53 6.22
CA ASN A 52 -21.05 -40.35 6.61
C ASN A 52 -20.90 -41.68 5.89
N MET A 53 -20.34 -42.68 6.59
CA MET A 53 -20.14 -43.98 5.96
C MET A 53 -21.45 -44.75 5.78
N ASP A 54 -22.53 -44.32 6.44
CA ASP A 54 -23.83 -44.93 6.20
C ASP A 54 -24.44 -44.46 4.88
N LEU A 55 -24.06 -43.27 4.44
CA LEU A 55 -24.53 -42.71 3.17
C LEU A 55 -23.96 -43.52 2.01
N GLN A 56 -24.55 -43.34 0.83
CA GLN A 56 -24.06 -44.04 -0.35
C GLN A 56 -22.63 -43.60 -0.66
N PRO A 57 -21.85 -44.46 -1.32
CA PRO A 57 -20.42 -44.14 -1.54
C PRO A 57 -20.19 -42.84 -2.29
N ALA A 58 -20.98 -42.55 -3.32
CA ALA A 58 -20.77 -41.38 -4.16
C ALA A 58 -21.78 -40.28 -3.91
N ARG A 59 -22.64 -40.42 -2.91
CA ARG A 59 -23.69 -39.45 -2.65
C ARG A 59 -23.20 -38.38 -1.68
N TYR A 60 -23.68 -37.16 -1.90
CA TYR A 60 -23.45 -36.05 -0.99
C TYR A 60 -24.77 -35.36 -0.69
N ARG A 61 -24.83 -34.68 0.45
CA ARG A 61 -26.00 -33.92 0.84
C ARG A 61 -25.58 -32.53 1.29
N ILE A 62 -26.45 -31.56 1.08
CA ILE A 62 -26.22 -30.18 1.51
C ILE A 62 -27.41 -29.79 2.38
N LEU A 63 -27.12 -29.40 3.62
CA LEU A 63 -28.15 -29.09 4.60
C LEU A 63 -28.01 -27.66 5.12
N MET A 64 -29.15 -27.02 5.34
CA MET A 64 -29.20 -25.67 5.90
C MET A 64 -30.06 -25.71 7.14
N LYS A 65 -29.43 -25.52 8.31
CA LYS A 65 -30.10 -25.64 9.60
C LYS A 65 -30.73 -27.02 9.79
N GLY A 66 -30.04 -28.05 9.29
CA GLY A 66 -30.50 -29.40 9.43
C GLY A 66 -31.43 -29.90 8.34
N VAL A 67 -31.95 -29.01 7.50
CA VAL A 67 -32.90 -29.37 6.45
C VAL A 67 -32.13 -29.59 5.15
N GLU A 68 -32.38 -30.72 4.49
CA GLU A 68 -31.70 -31.02 3.24
C GLU A 68 -32.22 -30.11 2.14
N ILE A 69 -31.31 -29.35 1.52
CA ILE A 69 -31.65 -28.45 0.43
C ILE A 69 -31.07 -28.91 -0.89
N GLY A 70 -30.50 -30.11 -0.95
CA GLY A 70 -29.92 -30.61 -2.16
C GLY A 70 -29.12 -31.88 -1.98
N SER A 71 -29.26 -32.81 -2.92
CA SER A 71 -28.50 -34.05 -2.90
C SER A 71 -27.80 -34.21 -4.25
N GLY A 72 -27.17 -35.36 -4.47
CA GLY A 72 -26.54 -35.61 -5.75
C GLY A 72 -25.48 -36.68 -5.63
N ASP A 73 -24.86 -36.98 -6.77
CA ASP A 73 -23.79 -37.95 -6.86
C ASP A 73 -22.55 -37.30 -7.47
N ALA A 74 -21.39 -37.87 -7.16
CA ALA A 74 -20.14 -37.39 -7.71
C ALA A 74 -19.16 -38.56 -7.71
N TYR A 75 -18.47 -38.74 -8.83
CA TYR A 75 -17.53 -39.84 -8.97
C TYR A 75 -16.15 -39.26 -9.23
N PRO A 76 -15.22 -39.35 -8.29
CA PRO A 76 -13.97 -38.58 -8.40
C PRO A 76 -13.13 -38.95 -9.61
N GLY A 77 -13.19 -40.19 -10.09
CA GLY A 77 -12.39 -40.57 -11.24
C GLY A 77 -13.00 -40.23 -12.57
N ARG A 78 -14.23 -39.74 -12.60
CA ARG A 78 -14.97 -39.52 -13.84
C ARG A 78 -15.27 -38.05 -14.05
N TRP A 79 -15.74 -37.73 -15.26
CA TRP A 79 -16.13 -36.39 -15.64
C TRP A 79 -17.63 -36.35 -15.95
N LEU A 80 -18.25 -35.20 -15.70
CA LEU A 80 -19.66 -34.99 -15.97
C LEU A 80 -19.79 -34.23 -17.29
N ALA A 81 -20.46 -34.84 -18.26
CA ALA A 81 -20.66 -34.26 -19.57
C ALA A 81 -22.06 -33.66 -19.61
N ILE A 82 -22.15 -32.34 -19.55
CA ILE A 82 -23.42 -31.63 -19.49
C ILE A 82 -23.88 -31.29 -20.90
N ASN A 83 -25.15 -31.57 -21.20
CA ASN A 83 -25.73 -31.26 -22.50
C ASN A 83 -26.58 -30.00 -22.38
N PRO A 84 -26.13 -28.86 -22.89
CA PRO A 84 -26.91 -27.63 -22.79
C PRO A 84 -28.03 -27.51 -23.83
N GLY A 85 -28.34 -28.59 -24.54
CA GLY A 85 -29.38 -28.59 -25.56
C GLY A 85 -28.86 -28.66 -26.98
N THR A 86 -27.57 -28.42 -27.20
CA THR A 86 -26.99 -28.39 -28.54
C THR A 86 -26.00 -29.52 -28.79
N ALA A 87 -25.78 -30.39 -27.82
CA ALA A 87 -24.87 -31.50 -27.99
C ALA A 87 -25.48 -32.56 -28.93
N ALA A 88 -24.62 -33.35 -29.54
CA ALA A 88 -25.01 -34.34 -30.53
C ALA A 88 -24.59 -35.72 -30.06
N GLY A 89 -25.44 -36.71 -30.35
CA GLY A 89 -25.15 -38.08 -29.95
C GLY A 89 -25.26 -38.28 -28.45
N THR A 90 -24.83 -39.48 -28.03
CA THR A 90 -24.84 -39.85 -26.63
C THR A 90 -23.49 -40.46 -26.27
N LEU A 91 -23.17 -40.46 -24.97
CA LEU A 91 -21.92 -40.99 -24.47
C LEU A 91 -22.18 -42.09 -23.45
N PRO A 92 -21.34 -43.13 -23.43
CA PRO A 92 -21.53 -44.19 -22.43
C PRO A 92 -21.18 -43.68 -21.04
N GLY A 93 -22.00 -44.07 -20.07
CA GLY A 93 -21.80 -43.67 -18.70
C GLY A 93 -23.14 -43.60 -17.98
N GLU A 94 -23.08 -43.11 -16.74
CA GLU A 94 -24.28 -43.00 -15.92
C GLU A 94 -25.01 -41.72 -16.29
N LYS A 95 -26.20 -41.86 -16.85
CA LYS A 95 -27.01 -40.70 -17.20
C LYS A 95 -27.58 -40.07 -15.94
N THR A 96 -27.54 -38.73 -15.89
CA THR A 96 -27.94 -38.01 -14.68
C THR A 96 -28.43 -36.62 -15.09
N VAL A 97 -28.37 -35.69 -14.15
CA VAL A 97 -28.86 -34.33 -14.33
C VAL A 97 -27.90 -33.38 -13.61
N ASP A 98 -27.49 -32.30 -14.30
CA ASP A 98 -26.58 -31.34 -13.67
C ASP A 98 -27.28 -30.63 -12.51
N PRO A 99 -26.59 -30.43 -11.39
CA PRO A 99 -27.26 -29.93 -10.19
C PRO A 99 -27.57 -28.43 -10.19
N ALA A 100 -27.01 -27.65 -11.11
CA ALA A 100 -27.23 -26.21 -11.12
C ALA A 100 -28.46 -25.81 -11.93
N PHE A 101 -28.58 -26.33 -13.16
CA PHE A 101 -29.66 -25.93 -14.05
C PHE A 101 -30.63 -27.05 -14.38
N GLY A 102 -30.36 -28.28 -13.95
CA GLY A 102 -31.23 -29.39 -14.23
C GLY A 102 -31.10 -29.99 -15.61
N LEU A 103 -30.05 -29.64 -16.35
CA LEU A 103 -29.86 -30.12 -17.71
C LEU A 103 -29.47 -31.59 -17.70
N ASP A 104 -29.69 -32.25 -18.84
CA ASP A 104 -29.29 -33.63 -19.00
C ASP A 104 -27.77 -33.74 -19.04
N ALA A 105 -27.24 -34.77 -18.38
CA ALA A 105 -25.79 -34.94 -18.28
C ALA A 105 -25.47 -36.41 -18.14
N ILE A 106 -24.20 -36.75 -18.38
CA ILE A 106 -23.72 -38.13 -18.31
C ILE A 106 -22.34 -38.13 -17.66
N TRP A 107 -22.16 -39.02 -16.68
CA TRP A 107 -20.85 -39.23 -16.07
C TRP A 107 -20.03 -40.15 -16.98
N ILE A 108 -18.99 -39.59 -17.60
CA ILE A 108 -18.22 -40.32 -18.60
C ILE A 108 -16.85 -40.68 -18.03
N GLU A 109 -16.27 -41.73 -18.61
CA GLU A 109 -14.91 -42.13 -18.28
C GLU A 109 -13.92 -41.06 -18.72
N SER A 110 -12.76 -41.06 -18.07
CA SER A 110 -11.76 -40.02 -18.32
C SER A 110 -11.22 -40.05 -19.75
N ALA A 111 -11.44 -41.14 -20.48
CA ALA A 111 -10.94 -41.25 -21.85
C ALA A 111 -11.91 -40.68 -22.89
N LEU A 112 -13.04 -40.12 -22.47
CA LEU A 112 -14.03 -39.57 -23.39
C LEU A 112 -14.18 -38.06 -23.26
N LYS A 113 -13.31 -37.40 -22.50
CA LYS A 113 -13.45 -35.97 -22.28
C LYS A 113 -13.40 -35.19 -23.58
N GLU A 114 -12.37 -35.45 -24.40
CA GLU A 114 -12.20 -34.69 -25.64
C GLU A 114 -13.28 -35.01 -26.65
N GLN A 115 -13.76 -36.26 -26.67
CA GLN A 115 -14.86 -36.60 -27.56
C GLN A 115 -16.15 -35.91 -27.12
N ALA A 116 -16.39 -35.84 -25.81
CA ALA A 116 -17.54 -35.10 -25.31
C ALA A 116 -17.49 -33.64 -25.76
N GLN A 117 -16.32 -33.01 -25.67
CA GLN A 117 -16.20 -31.61 -26.08
C GLN A 117 -16.53 -31.43 -27.55
N ILE A 118 -16.02 -32.34 -28.40
CA ILE A 118 -16.29 -32.23 -29.83
C ILE A 118 -17.77 -32.46 -30.13
N GLN A 119 -18.43 -33.32 -29.36
CA GLN A 119 -19.87 -33.53 -29.51
C GLN A 119 -20.70 -32.41 -28.92
N GLY A 120 -20.09 -31.39 -28.34
CA GLY A 120 -20.81 -30.23 -27.84
C GLY A 120 -21.15 -30.25 -26.37
N PHE A 121 -20.67 -31.24 -25.61
CA PHE A 121 -20.92 -31.28 -24.17
C PHE A 121 -19.95 -30.36 -23.44
N THR A 122 -20.37 -29.90 -22.27
CA THR A 122 -19.49 -29.18 -21.35
C THR A 122 -19.02 -30.20 -20.30
N VAL A 123 -17.73 -30.49 -20.29
CA VAL A 123 -17.16 -31.50 -19.40
C VAL A 123 -16.66 -30.84 -18.13
N VAL A 124 -17.14 -31.31 -16.99
CA VAL A 124 -16.82 -30.71 -15.69
C VAL A 124 -16.28 -31.79 -14.77
N GLU A 125 -15.22 -31.46 -14.03
CA GLU A 125 -14.63 -32.41 -13.10
C GLU A 125 -15.50 -32.59 -11.86
N ALA A 126 -15.27 -33.70 -11.16
CA ALA A 126 -16.15 -34.12 -10.07
C ALA A 126 -16.16 -33.12 -8.92
N SER A 127 -14.98 -32.64 -8.51
CA SER A 127 -14.93 -31.68 -7.40
C SER A 127 -15.63 -30.38 -7.76
N THR A 128 -15.61 -30.00 -9.03
CA THR A 128 -16.31 -28.79 -9.44
C THR A 128 -17.82 -28.97 -9.41
N VAL A 129 -18.31 -30.18 -9.73
CA VAL A 129 -19.74 -30.44 -9.69
C VAL A 129 -20.29 -30.18 -8.29
N VAL A 130 -19.63 -30.73 -7.28
CA VAL A 130 -20.08 -30.49 -5.90
C VAL A 130 -19.90 -29.03 -5.52
N ALA A 131 -18.76 -28.44 -5.85
CA ALA A 131 -18.52 -27.04 -5.50
C ALA A 131 -19.52 -26.12 -6.19
N THR A 132 -19.76 -26.34 -7.48
CA THR A 132 -20.74 -25.52 -8.20
C THR A 132 -22.14 -25.69 -7.60
N HIS A 133 -22.50 -26.91 -7.24
CA HIS A 133 -23.80 -27.14 -6.59
C HIS A 133 -23.87 -26.41 -5.25
N LEU A 134 -22.79 -26.48 -4.47
CA LEU A 134 -22.76 -25.75 -3.20
C LEU A 134 -22.78 -24.24 -3.44
N ASN A 135 -22.04 -23.77 -4.44
CA ASN A 135 -22.04 -22.34 -4.75
C ASN A 135 -23.39 -21.88 -5.29
N HIS A 136 -24.11 -22.76 -5.97
CA HIS A 136 -25.41 -22.39 -6.51
C HIS A 136 -26.43 -22.20 -5.41
N LEU A 137 -26.45 -23.11 -4.43
CA LEU A 137 -27.42 -23.00 -3.34
C LEU A 137 -27.16 -21.80 -2.45
N ILE A 138 -25.89 -21.42 -2.26
CA ILE A 138 -25.56 -20.27 -1.42
C ILE A 138 -26.16 -19.00 -2.01
N GLY A 139 -26.02 -18.81 -3.32
CA GLY A 139 -26.63 -17.67 -3.97
C GLY A 139 -28.14 -17.72 -3.96
N GLN A 140 -28.73 -18.92 -4.04
CA GLN A 140 -30.18 -19.05 -4.00
C GLN A 140 -30.73 -18.69 -2.63
N PHE A 141 -30.00 -18.99 -1.56
CA PHE A 141 -30.44 -18.72 -0.21
C PHE A 141 -29.60 -17.61 0.44
N SER A 142 -29.17 -16.63 -0.37
CA SER A 142 -28.38 -15.53 0.17
C SER A 142 -29.13 -14.76 1.24
N ALA A 143 -30.44 -14.55 1.03
CA ALA A 143 -31.23 -13.83 2.01
C ALA A 143 -31.40 -14.62 3.30
N GLU A 144 -31.58 -15.93 3.20
CA GLU A 144 -31.77 -16.75 4.40
C GLU A 144 -30.49 -16.87 5.20
N LEU A 145 -29.36 -17.07 4.52
CA LEU A 145 -28.07 -17.20 5.20
C LEU A 145 -27.62 -15.90 5.86
N PHE A 146 -28.33 -14.80 5.64
CA PHE A 146 -28.03 -13.52 6.27
C PHE A 146 -29.02 -13.29 7.41
N GLY A 147 -28.74 -13.92 8.55
CA GLY A 147 -29.59 -13.78 9.71
C GLY A 147 -29.28 -12.51 10.49
N ARG A 148 -29.96 -12.37 11.63
CA ARG A 148 -29.75 -11.20 12.46
C ARG A 148 -28.35 -11.18 13.06
N GLN A 149 -27.76 -12.35 13.28
CA GLN A 149 -26.40 -12.40 13.82
C GLN A 149 -25.41 -11.75 12.86
N GLU A 150 -25.52 -12.06 11.56
CA GLU A 150 -24.65 -11.44 10.57
C GLU A 150 -24.97 -9.97 10.37
N ALA A 151 -26.20 -9.56 10.69
CA ALA A 151 -26.53 -8.14 10.64
C ALA A 151 -25.75 -7.36 11.69
N GLN A 152 -25.82 -7.82 12.95
CA GLN A 152 -25.01 -7.21 14.01
C GLN A 152 -23.53 -7.33 13.70
N GLN A 153 -23.11 -8.46 13.15
CA GLN A 153 -21.70 -8.64 12.83
C GLN A 153 -21.25 -7.65 11.76
N LEU A 154 -22.09 -7.43 10.74
CA LEU A 154 -21.74 -6.45 9.72
C LEU A 154 -21.78 -5.03 10.26
N LEU A 155 -22.69 -4.74 11.19
CA LEU A 155 -22.81 -3.41 11.74
C LEU A 155 -21.55 -3.04 12.53
N ASP A 156 -21.12 -3.93 13.43
CA ASP A 156 -19.88 -3.68 14.17
C ASP A 156 -18.68 -3.57 13.24
N ARG A 157 -18.68 -4.35 12.16
CA ARG A 157 -17.58 -4.29 11.20
C ARG A 157 -17.53 -2.93 10.51
N VAL A 158 -18.71 -2.38 10.14
CA VAL A 158 -18.74 -1.06 9.52
C VAL A 158 -18.80 0.06 10.54
N SER A 159 -19.10 -0.24 11.81
CA SER A 159 -19.11 0.82 12.81
C SER A 159 -17.70 1.27 13.18
N GLN A 160 -16.68 0.50 12.81
CA GLN A 160 -15.31 0.87 13.10
C GLN A 160 -14.68 1.60 11.92
N GLU A 161 -15.17 1.33 10.72
CA GLU A 161 -14.69 2.02 9.53
C GLU A 161 -15.21 3.45 9.48
N MET A 162 -16.52 3.63 9.63
CA MET A 162 -17.17 4.94 9.62
C MET A 162 -17.98 5.06 10.90
N PRO A 163 -17.35 5.45 12.00
CA PRO A 163 -18.08 5.50 13.29
C PRO A 163 -19.12 6.61 13.37
N LYS A 164 -18.94 7.71 12.64
CA LYS A 164 -19.89 8.81 12.77
C LYS A 164 -21.25 8.46 12.16
N LEU A 165 -21.29 7.56 11.19
CA LEU A 165 -22.56 7.20 10.58
C LEU A 165 -23.31 6.15 11.38
N THR A 166 -22.60 5.12 11.86
CA THR A 166 -23.25 4.03 12.57
C THR A 166 -23.65 4.40 14.00
N GLU A 167 -22.93 5.33 14.62
CA GLU A 167 -23.21 5.67 16.01
C GLU A 167 -24.59 6.33 16.15
N ASP A 168 -24.87 7.33 15.32
CA ASP A 168 -26.13 8.05 15.39
C ASP A 168 -27.30 7.22 14.85
N LEU A 169 -27.02 6.13 14.14
CA LEU A 169 -28.06 5.38 13.45
C LEU A 169 -28.73 4.32 14.32
N VAL A 170 -28.08 3.20 14.55
CA VAL A 170 -28.67 2.13 15.36
C VAL A 170 -28.43 2.44 16.83
N PRO A 171 -29.46 2.36 17.70
CA PRO A 171 -30.85 2.04 17.34
C PRO A 171 -31.71 3.29 17.27
N GLY A 172 -31.07 4.44 17.10
CA GLY A 172 -31.77 5.71 17.10
C GLY A 172 -32.82 5.85 16.01
N VAL A 173 -32.38 5.94 14.76
CA VAL A 173 -33.31 6.14 13.67
C VAL A 173 -33.91 4.81 13.20
N VAL A 174 -33.09 3.78 13.06
CA VAL A 174 -33.55 2.44 12.68
C VAL A 174 -33.01 1.44 13.68
N THR A 175 -33.86 0.50 14.08
CA THR A 175 -33.41 -0.55 14.97
C THR A 175 -32.62 -1.59 14.18
N LEU A 176 -32.02 -2.53 14.91
CA LEU A 176 -31.26 -3.58 14.24
C LEU A 176 -32.16 -4.49 13.43
N THR A 177 -33.42 -4.66 13.85
CA THR A 177 -34.35 -5.49 13.09
C THR A 177 -34.71 -4.83 11.76
N THR A 178 -34.88 -3.51 11.75
CA THR A 178 -35.23 -2.82 10.51
C THR A 178 -34.08 -2.81 9.52
N LEU A 179 -32.86 -2.52 9.99
CA LEU A 179 -31.70 -2.55 9.11
C LEU A 179 -31.48 -3.94 8.53
N HIS A 180 -31.72 -4.97 9.34
CA HIS A 180 -31.56 -6.33 8.87
C HIS A 180 -32.54 -6.68 7.76
N LYS A 181 -33.79 -6.23 7.90
CA LYS A 181 -34.79 -6.59 6.90
C LYS A 181 -34.52 -5.88 5.59
N VAL A 182 -33.99 -4.65 5.66
CA VAL A 182 -33.62 -3.93 4.44
C VAL A 182 -32.49 -4.64 3.71
N LEU A 183 -31.46 -5.04 4.44
CA LEU A 183 -30.36 -5.77 3.81
C LEU A 183 -30.80 -7.12 3.27
N GLN A 184 -31.77 -7.77 3.93
CA GLN A 184 -32.29 -9.03 3.40
C GLN A 184 -33.00 -8.83 2.08
N ASN A 185 -33.77 -7.74 1.95
CA ASN A 185 -34.44 -7.47 0.69
C ASN A 185 -33.43 -7.20 -0.43
N LEU A 186 -32.27 -6.62 -0.09
CA LEU A 186 -31.25 -6.38 -1.11
C LEU A 186 -30.64 -7.69 -1.60
N LEU A 187 -30.24 -8.58 -0.67
CA LEU A 187 -29.70 -9.86 -1.10
C LEU A 187 -30.75 -10.73 -1.78
N ALA A 188 -32.02 -10.57 -1.39
CA ALA A 188 -33.09 -11.38 -1.99
C ALA A 188 -33.24 -11.11 -3.48
N GLU A 189 -32.86 -9.92 -3.95
CA GLU A 189 -32.92 -9.57 -5.36
C GLU A 189 -31.53 -9.43 -5.98
N LYS A 190 -30.53 -10.07 -5.39
CA LYS A 190 -29.18 -10.15 -5.92
C LYS A 190 -28.48 -8.80 -6.02
N VAL A 191 -28.91 -7.80 -5.25
CA VAL A 191 -28.17 -6.55 -5.23
C VAL A 191 -27.19 -6.60 -4.05
N PRO A 192 -25.91 -6.32 -4.27
CA PRO A 192 -24.93 -6.45 -3.19
C PRO A 192 -25.06 -5.34 -2.17
N ILE A 193 -24.66 -5.65 -0.94
CA ILE A 193 -24.69 -4.69 0.16
C ILE A 193 -23.27 -4.24 0.46
N ARG A 194 -22.45 -4.14 -0.59
CA ARG A 194 -21.06 -3.75 -0.44
C ARG A 194 -20.95 -2.29 0.02
N ASP A 195 -21.68 -1.39 -0.63
CA ASP A 195 -21.60 0.06 -0.34
C ASP A 195 -22.47 0.36 0.88
N MET A 196 -21.91 0.08 2.06
CA MET A 196 -22.63 0.38 3.30
C MET A 196 -22.70 1.87 3.59
N ARG A 197 -21.83 2.67 2.98
CA ARG A 197 -21.92 4.12 3.17
C ARG A 197 -23.22 4.66 2.60
N THR A 198 -23.48 4.40 1.31
CA THR A 198 -24.68 4.93 0.68
C THR A 198 -25.95 4.35 1.29
N ILE A 199 -25.91 3.07 1.67
CA ILE A 199 -27.07 2.45 2.30
C ILE A 199 -27.40 3.16 3.61
N LEU A 200 -26.39 3.34 4.48
CA LEU A 200 -26.62 3.98 5.77
C LEU A 200 -26.76 5.50 5.65
N GLU A 201 -26.07 6.12 4.70
CA GLU A 201 -26.21 7.56 4.51
C GLU A 201 -27.63 7.92 4.12
N THR A 202 -28.18 7.22 3.11
CA THR A 202 -29.55 7.49 2.70
C THR A 202 -30.57 6.95 3.68
N LEU A 203 -30.19 6.01 4.54
CA LEU A 203 -31.09 5.57 5.59
C LEU A 203 -31.32 6.67 6.62
N ALA A 204 -30.25 7.38 7.00
CA ALA A 204 -30.37 8.46 7.97
C ALA A 204 -31.21 9.62 7.45
N GLU A 205 -31.31 9.80 6.13
CA GLU A 205 -32.11 10.88 5.57
C GLU A 205 -33.59 10.55 5.47
N HIS A 206 -33.95 9.25 5.42
CA HIS A 206 -35.34 8.85 5.27
C HIS A 206 -35.89 8.12 6.47
N ALA A 207 -35.04 7.71 7.42
CA ALA A 207 -35.56 7.06 8.63
C ALA A 207 -36.44 7.98 9.47
N PRO A 208 -36.08 9.24 9.74
CA PRO A 208 -36.99 10.09 10.53
C PRO A 208 -38.35 10.31 9.89
N LEU A 209 -38.48 10.06 8.58
CA LEU A 209 -39.76 10.25 7.91
C LEU A 209 -40.43 8.93 7.50
N GLN A 210 -39.69 7.83 7.49
CA GLN A 210 -40.23 6.53 7.10
C GLN A 210 -39.67 5.45 8.01
N SER A 211 -40.55 4.60 8.54
CA SER A 211 -40.15 3.50 9.40
C SER A 211 -40.60 2.15 8.85
N ASP A 212 -40.94 2.09 7.57
CA ASP A 212 -41.38 0.85 6.95
C ASP A 212 -40.19 0.22 6.24
N PRO A 213 -39.84 -1.04 6.56
CA PRO A 213 -38.67 -1.65 5.89
C PRO A 213 -38.84 -1.78 4.40
N HIS A 214 -40.03 -2.16 3.93
CA HIS A 214 -40.26 -2.28 2.49
C HIS A 214 -40.14 -0.93 1.80
N GLU A 215 -40.60 0.12 2.46
CA GLU A 215 -40.50 1.47 1.88
C GLU A 215 -39.05 1.96 1.89
N LEU A 216 -38.33 1.73 2.98
CA LEU A 216 -36.93 2.14 3.05
C LEU A 216 -36.09 1.39 2.02
N THR A 217 -36.42 0.13 1.75
CA THR A 217 -35.70 -0.63 0.74
C THR A 217 -35.82 0.03 -0.63
N ALA A 218 -37.03 0.52 -0.98
CA ALA A 218 -37.23 1.14 -2.27
C ALA A 218 -36.36 2.39 -2.43
N VAL A 219 -36.26 3.21 -1.39
CA VAL A 219 -35.42 4.39 -1.46
C VAL A 219 -33.95 4.01 -1.61
N VAL A 220 -33.53 2.94 -0.93
CA VAL A 220 -32.13 2.52 -0.98
C VAL A 220 -31.76 2.03 -2.38
N ARG A 221 -32.68 1.33 -3.06
CA ARG A 221 -32.36 0.82 -4.38
C ARG A 221 -32.12 1.96 -5.36
N VAL A 222 -32.86 3.07 -5.23
CA VAL A 222 -32.61 4.22 -6.08
C VAL A 222 -31.29 4.89 -5.73
N ALA A 223 -30.92 4.88 -4.43
CA ALA A 223 -29.63 5.40 -4.02
C ALA A 223 -28.50 4.54 -4.54
N LEU A 224 -28.73 3.24 -4.70
CA LEU A 224 -27.79 2.30 -5.28
C LEU A 224 -27.96 2.15 -6.79
N GLY A 225 -28.59 3.12 -7.45
CA GLY A 225 -28.93 2.96 -8.87
C GLY A 225 -27.73 2.80 -9.79
N ARG A 226 -26.61 3.44 -9.47
CA ARG A 226 -25.41 3.23 -10.30
C ARG A 226 -24.91 1.80 -10.20
N ALA A 227 -24.99 1.19 -9.02
CA ALA A 227 -24.54 -0.19 -8.89
C ALA A 227 -25.55 -1.14 -9.52
N ILE A 228 -26.84 -0.87 -9.36
CA ILE A 228 -27.85 -1.74 -9.96
C ILE A 228 -27.82 -1.66 -11.48
N THR A 229 -27.57 -0.46 -12.02
CA THR A 229 -27.47 -0.30 -13.47
C THR A 229 -26.26 -1.05 -14.02
N GLN A 230 -25.08 -0.84 -13.43
CA GLN A 230 -23.87 -1.47 -13.92
C GLN A 230 -23.85 -2.98 -13.69
N GLN A 231 -24.62 -3.49 -12.72
CA GLN A 231 -24.63 -4.93 -12.46
C GLN A 231 -25.22 -5.69 -13.64
N TRP A 232 -26.28 -5.16 -14.24
CA TRP A 232 -26.93 -5.83 -15.35
C TRP A 232 -26.65 -5.19 -16.70
N PHE A 233 -26.08 -3.98 -16.72
CA PHE A 233 -25.72 -3.29 -17.96
C PHE A 233 -24.35 -2.66 -17.77
N PRO A 234 -23.29 -3.46 -17.74
CA PRO A 234 -21.95 -2.91 -17.51
C PRO A 234 -21.46 -2.11 -18.71
N GLY A 235 -20.87 -0.95 -18.44
CA GLY A 235 -20.33 -0.11 -19.48
C GLY A 235 -21.24 1.03 -19.87
N ASN A 236 -21.12 1.51 -21.12
CA ASN A 236 -21.95 2.59 -21.64
C ASN A 236 -22.36 2.22 -23.07
N GLU A 237 -23.38 1.37 -23.17
CA GLU A 237 -23.92 0.97 -24.46
C GLU A 237 -25.44 1.04 -24.37
N GLU A 238 -26.12 0.37 -25.30
CA GLU A 238 -27.57 0.41 -25.34
C GLU A 238 -28.14 -0.52 -24.27
N VAL A 239 -29.06 0.01 -23.47
CA VAL A 239 -29.72 -0.76 -22.43
C VAL A 239 -30.96 -1.41 -23.06
N GLN A 240 -30.99 -2.74 -23.06
CA GLN A 240 -32.07 -3.51 -23.70
C GLN A 240 -32.84 -4.23 -22.61
N VAL A 241 -34.09 -3.80 -22.39
CA VAL A 241 -34.90 -4.30 -21.28
C VAL A 241 -36.22 -4.83 -21.81
N ILE A 242 -36.87 -5.64 -21.00
CA ILE A 242 -38.25 -6.06 -21.23
C ILE A 242 -39.15 -4.98 -20.65
N GLY A 243 -40.32 -4.77 -21.27
CA GLY A 243 -41.26 -3.80 -20.80
C GLY A 243 -42.66 -4.37 -20.76
N LEU A 244 -43.56 -3.60 -20.16
CA LEU A 244 -44.97 -3.93 -20.10
C LEU A 244 -45.68 -3.20 -21.24
N ASP A 245 -46.67 -3.86 -21.83
CA ASP A 245 -47.55 -3.16 -22.76
C ASP A 245 -48.21 -2.02 -22.02
N THR A 246 -48.25 -0.84 -22.65
CA THR A 246 -48.81 0.33 -21.98
C THR A 246 -50.24 0.09 -21.52
N ALA A 247 -51.00 -0.71 -22.26
CA ALA A 247 -52.34 -1.09 -21.81
C ALA A 247 -52.27 -1.91 -20.52
N LEU A 248 -51.28 -2.81 -20.42
CA LEU A 248 -51.16 -3.62 -19.21
C LEU A 248 -50.67 -2.78 -18.03
N GLU A 249 -49.79 -1.82 -18.28
CA GLU A 249 -49.26 -0.99 -17.20
C GLU A 249 -50.36 -0.17 -16.54
N ARG A 250 -51.27 0.41 -17.34
CA ARG A 250 -52.36 1.17 -16.77
C ARG A 250 -53.40 0.28 -16.11
N LEU A 251 -53.57 -0.95 -16.60
CA LEU A 251 -54.47 -1.90 -15.94
C LEU A 251 -53.95 -2.26 -14.56
N LEU A 252 -52.63 -2.43 -14.43
CA LEU A 252 -52.05 -2.77 -13.15
C LEU A 252 -52.06 -1.59 -12.19
N LEU A 253 -51.76 -0.39 -12.69
CA LEU A 253 -51.84 0.81 -11.86
C LEU A 253 -53.25 1.06 -11.37
N GLN A 254 -54.25 0.75 -12.20
CA GLN A 254 -55.63 0.90 -11.80
C GLN A 254 -56.00 -0.12 -10.71
N ALA A 255 -55.50 -1.34 -10.81
CA ALA A 255 -55.81 -2.37 -9.82
C ALA A 255 -55.22 -2.01 -8.45
N LEU A 256 -54.01 -1.45 -8.42
CA LEU A 256 -53.44 -1.03 -7.15
C LEU A 256 -54.10 0.23 -6.61
N GLN A 257 -54.58 1.11 -7.48
CA GLN A 257 -55.27 2.33 -7.07
C GLN A 257 -56.73 2.12 -6.73
N GLY A 258 -57.21 0.88 -6.71
CA GLY A 258 -58.58 0.60 -6.33
C GLY A 258 -59.61 0.84 -7.42
N GLY A 259 -59.18 1.01 -8.67
CA GLY A 259 -60.13 1.18 -9.76
C GLY A 259 -60.73 -0.11 -10.26
N GLY A 260 -60.08 -1.24 -9.99
CA GLY A 260 -60.60 -2.53 -10.43
C GLY A 260 -59.51 -3.47 -10.86
N GLY A 261 -59.45 -4.66 -10.26
CA GLY A 261 -58.44 -5.62 -10.59
C GLY A 261 -58.83 -6.50 -11.76
N LEU A 262 -57.84 -7.20 -12.30
CA LEU A 262 -58.05 -8.08 -13.44
C LEU A 262 -58.41 -9.49 -12.99
N GLU A 263 -58.90 -10.28 -13.94
CA GLU A 263 -59.31 -11.65 -13.66
C GLU A 263 -58.10 -12.49 -13.27
N PRO A 264 -58.28 -13.47 -12.38
CA PRO A 264 -57.15 -14.36 -12.03
C PRO A 264 -56.60 -15.14 -13.21
N GLY A 265 -57.38 -15.33 -14.27
CA GLY A 265 -56.85 -15.97 -15.46
C GLY A 265 -55.87 -15.10 -16.21
N LEU A 266 -56.04 -13.78 -16.13
CA LEU A 266 -55.07 -12.86 -16.74
C LEU A 266 -53.73 -12.90 -16.04
N ALA A 267 -53.72 -13.27 -14.76
CA ALA A 267 -52.45 -13.44 -14.04
C ALA A 267 -51.66 -14.62 -14.59
N ASP A 268 -52.35 -15.70 -14.96
CA ASP A 268 -51.66 -16.85 -15.53
C ASP A 268 -51.00 -16.50 -16.86
N ARG A 269 -51.67 -15.67 -17.67
CA ARG A 269 -51.05 -15.20 -18.90
C ARG A 269 -49.88 -14.28 -18.61
N LEU A 270 -49.97 -13.49 -17.55
CA LEU A 270 -48.87 -12.60 -17.18
C LEU A 270 -47.61 -13.40 -16.85
N LEU A 271 -47.77 -14.54 -16.16
CA LEU A 271 -46.63 -15.40 -15.90
C LEU A 271 -46.10 -16.02 -17.18
N ALA A 272 -46.99 -16.49 -18.05
CA ALA A 272 -46.57 -17.11 -19.30
C ALA A 272 -45.90 -16.10 -20.21
N GLN A 273 -46.54 -14.94 -20.41
CA GLN A 273 -45.97 -13.91 -21.27
C GLN A 273 -44.63 -13.42 -20.75
N THR A 274 -44.42 -13.46 -19.43
CA THR A 274 -43.13 -13.08 -18.88
C THR A 274 -42.07 -14.11 -19.23
N GLN A 275 -42.39 -15.39 -19.08
CA GLN A 275 -41.43 -16.44 -19.42
C GLN A 275 -41.08 -16.41 -20.89
N GLU A 276 -42.06 -16.13 -21.75
CA GLU A 276 -41.77 -15.95 -23.17
C GLU A 276 -40.89 -14.73 -23.40
N ALA A 277 -41.04 -13.70 -22.58
CA ALA A 277 -40.18 -12.53 -22.69
C ALA A 277 -38.74 -12.83 -22.29
N LEU A 278 -38.53 -13.77 -21.36
CA LEU A 278 -37.16 -14.18 -21.05
C LEU A 278 -36.53 -14.94 -22.20
N SER A 279 -37.32 -15.74 -22.92
CA SER A 279 -36.80 -16.43 -24.08
C SER A 279 -36.50 -15.47 -25.23
N ARG A 280 -37.44 -14.57 -25.53
CA ARG A 280 -37.20 -13.59 -26.59
C ARG A 280 -36.02 -12.67 -26.26
N GLN A 281 -35.87 -12.32 -24.98
CA GLN A 281 -34.73 -11.51 -24.57
C GLN A 281 -33.44 -12.31 -24.68
N GLU A 282 -33.53 -13.62 -24.50
CA GLU A 282 -32.36 -14.48 -24.58
C GLU A 282 -31.86 -14.61 -26.01
N MET A 283 -32.78 -14.68 -26.97
CA MET A 283 -32.41 -14.79 -28.38
C MET A 283 -31.71 -13.53 -28.89
N LEU A 284 -31.79 -12.42 -28.17
CA LEU A 284 -31.16 -11.18 -28.58
C LEU A 284 -29.85 -10.92 -27.87
N GLY A 285 -29.46 -11.78 -26.94
CA GLY A 285 -28.26 -11.53 -26.17
C GLY A 285 -28.40 -10.37 -25.21
N ALA A 286 -29.59 -10.17 -24.65
CA ALA A 286 -29.89 -9.07 -23.75
C ALA A 286 -30.15 -9.57 -22.33
N PRO A 287 -29.90 -8.76 -21.30
CA PRO A 287 -30.06 -9.23 -19.94
C PRO A 287 -31.53 -9.48 -19.62
N PRO A 288 -31.81 -10.45 -18.72
CA PRO A 288 -33.21 -10.81 -18.41
C PRO A 288 -33.84 -9.90 -17.36
N VAL A 289 -33.92 -8.61 -17.68
CA VAL A 289 -34.43 -7.60 -16.76
C VAL A 289 -35.73 -7.01 -17.30
N LEU A 290 -36.65 -6.70 -16.39
CA LEU A 290 -37.95 -6.13 -16.70
C LEU A 290 -38.02 -4.75 -16.07
N LEU A 291 -38.13 -3.71 -16.90
CA LEU A 291 -38.20 -2.34 -16.44
C LEU A 291 -39.67 -1.93 -16.35
N VAL A 292 -40.09 -1.51 -15.15
CA VAL A 292 -41.48 -1.17 -14.88
C VAL A 292 -41.51 0.17 -14.17
N ASN A 293 -42.71 0.76 -14.11
CA ASN A 293 -42.93 1.98 -13.36
C ASN A 293 -42.61 1.73 -11.88
N HIS A 294 -42.14 2.77 -11.21
CA HIS A 294 -41.68 2.61 -9.83
C HIS A 294 -42.79 2.09 -8.92
N ALA A 295 -44.03 2.49 -9.16
CA ALA A 295 -45.12 2.05 -8.30
C ALA A 295 -45.43 0.57 -8.47
N LEU A 296 -45.06 -0.03 -9.61
CA LEU A 296 -45.35 -1.42 -9.90
C LEU A 296 -44.17 -2.35 -9.64
N ARG A 297 -42.99 -1.82 -9.35
CA ARG A 297 -41.80 -2.65 -9.25
C ARG A 297 -41.85 -3.67 -8.11
N PRO A 298 -42.15 -3.29 -6.86
CA PRO A 298 -42.17 -4.31 -5.80
C PRO A 298 -43.23 -5.37 -5.99
N LEU A 299 -44.39 -5.01 -6.55
CA LEU A 299 -45.44 -5.99 -6.78
C LEU A 299 -45.01 -7.04 -7.80
N LEU A 300 -44.62 -6.60 -9.01
CA LEU A 300 -44.24 -7.56 -10.04
C LEU A 300 -42.96 -8.31 -9.70
N SER A 301 -42.05 -7.70 -8.93
CA SER A 301 -40.85 -8.41 -8.52
C SER A 301 -41.21 -9.60 -7.64
N ARG A 302 -41.99 -9.36 -6.58
CA ARG A 302 -42.41 -10.44 -5.71
C ARG A 302 -43.29 -11.45 -6.44
N PHE A 303 -44.03 -11.00 -7.46
CA PHE A 303 -45.00 -11.87 -8.12
C PHE A 303 -44.36 -12.73 -9.21
N LEU A 304 -43.57 -12.12 -10.10
CA LEU A 304 -42.96 -12.91 -11.17
C LEU A 304 -41.79 -13.76 -10.67
N ARG A 305 -40.90 -13.17 -9.86
CA ARG A 305 -39.71 -13.88 -9.42
C ARG A 305 -40.03 -15.07 -8.53
N ARG A 306 -41.25 -15.14 -7.98
CA ARG A 306 -41.64 -16.32 -7.22
C ARG A 306 -41.66 -17.56 -8.09
N SER A 307 -42.03 -17.41 -9.37
CA SER A 307 -42.03 -18.51 -10.33
C SER A 307 -40.80 -18.49 -11.23
N LEU A 308 -40.35 -17.31 -11.65
CA LEU A 308 -39.18 -17.16 -12.52
C LEU A 308 -38.13 -16.36 -11.75
N PRO A 309 -37.32 -17.02 -10.92
CA PRO A 309 -36.33 -16.28 -10.12
C PRO A 309 -35.24 -15.63 -10.95
N GLN A 310 -34.93 -16.16 -12.13
CA GLN A 310 -33.90 -15.59 -12.97
C GLN A 310 -34.25 -14.19 -13.46
N LEU A 311 -35.50 -13.77 -13.33
CA LEU A 311 -35.93 -12.46 -13.79
C LEU A 311 -35.51 -11.37 -12.81
N VAL A 312 -35.07 -10.24 -13.35
CA VAL A 312 -34.69 -9.08 -12.55
C VAL A 312 -35.70 -7.98 -12.85
N VAL A 313 -36.23 -7.36 -11.80
CA VAL A 313 -37.24 -6.32 -11.94
C VAL A 313 -36.67 -5.01 -11.39
N LEU A 314 -36.40 -4.06 -12.29
CA LEU A 314 -35.91 -2.74 -11.90
C LEU A 314 -36.96 -1.67 -12.17
N SER A 315 -36.88 -0.59 -11.40
CA SER A 315 -37.78 0.55 -11.57
C SER A 315 -37.13 1.59 -12.48
N ASN A 316 -37.98 2.41 -13.09
CA ASN A 316 -37.48 3.45 -13.99
C ASN A 316 -36.64 4.50 -13.25
N LEU A 317 -36.88 4.70 -11.96
CA LEU A 317 -36.11 5.68 -11.20
C LEU A 317 -34.71 5.21 -10.83
N GLU A 318 -34.35 3.96 -11.10
CA GLU A 318 -33.05 3.43 -10.73
C GLU A 318 -32.03 3.44 -11.86
N LEU A 319 -32.49 3.30 -13.10
CA LEU A 319 -31.58 3.36 -14.24
C LEU A 319 -31.02 4.76 -14.41
N SER A 320 -29.75 4.85 -14.77
CA SER A 320 -29.11 6.14 -14.99
C SER A 320 -29.75 6.87 -16.15
N ASP A 321 -29.98 8.17 -15.98
CA ASP A 321 -30.69 8.97 -16.98
C ASP A 321 -29.87 9.21 -18.24
N ASN A 322 -28.58 8.90 -18.24
CA ASN A 322 -27.74 9.13 -19.41
C ASN A 322 -27.68 7.92 -20.34
N ARG A 323 -28.17 6.76 -19.92
CA ARG A 323 -28.13 5.56 -20.74
C ARG A 323 -29.23 5.58 -21.79
N HIS A 324 -28.96 4.93 -22.92
CA HIS A 324 -29.91 4.82 -24.02
C HIS A 324 -30.71 3.53 -23.82
N ILE A 325 -31.99 3.68 -23.48
CA ILE A 325 -32.86 2.54 -23.17
C ILE A 325 -33.67 2.20 -24.41
N ARG A 326 -33.72 0.91 -24.74
CA ARG A 326 -34.61 0.40 -25.79
C ARG A 326 -35.32 -0.85 -25.27
N MET A 327 -36.63 -0.89 -25.45
CA MET A 327 -37.45 -2.01 -25.03
C MET A 327 -37.44 -3.07 -26.12
N THR A 328 -36.75 -4.18 -25.86
CA THR A 328 -36.60 -5.23 -26.87
C THR A 328 -37.64 -6.33 -26.76
N ALA A 329 -38.42 -6.37 -25.68
CA ALA A 329 -39.45 -7.38 -25.51
C ALA A 329 -40.58 -6.79 -24.70
N THR A 330 -41.78 -7.35 -24.88
CA THR A 330 -42.97 -6.80 -24.24
C THR A 330 -43.81 -7.92 -23.62
N ILE A 331 -44.34 -7.63 -22.44
CA ILE A 331 -45.28 -8.51 -21.75
C ILE A 331 -46.68 -7.95 -21.95
N GLY A 332 -47.53 -8.70 -22.64
CA GLY A 332 -48.89 -8.26 -22.89
C GLY A 332 -49.23 -8.12 -24.37
N GLY B 1 7.62 -8.79 -5.22
CA GLY B 1 8.18 -8.69 -3.89
C GLY B 1 7.20 -8.18 -2.85
N GLU B 2 7.10 -8.91 -1.74
CA GLU B 2 6.18 -8.53 -0.68
C GLU B 2 6.75 -7.39 0.16
N ASP B 3 5.92 -6.88 1.07
CA ASP B 3 6.28 -5.70 1.84
C ASP B 3 7.44 -6.02 2.78
N SER B 4 8.44 -5.15 2.78
CA SER B 4 9.59 -5.35 3.66
C SER B 4 9.17 -5.37 5.12
N LEU B 5 8.38 -4.38 5.54
CA LEU B 5 7.84 -4.30 6.89
C LEU B 5 6.36 -4.05 6.78
N GLY B 6 5.55 -5.02 7.23
CA GLY B 6 4.11 -4.90 7.13
C GLY B 6 3.42 -5.26 8.43
N MET B 7 2.19 -4.77 8.56
CA MET B 7 1.35 -5.03 9.74
C MET B 7 -0.08 -5.20 9.27
N GLU B 8 -0.67 -6.35 9.58
CA GLU B 8 -2.08 -6.63 9.30
C GLU B 8 -2.88 -6.42 10.57
N VAL B 9 -4.11 -5.96 10.41
CA VAL B 9 -4.89 -5.45 11.53
C VAL B 9 -6.33 -5.90 11.41
N GLY B 10 -6.97 -6.13 12.58
CA GLY B 10 -8.39 -6.45 12.62
C GLY B 10 -9.26 -5.22 12.63
N TYR B 11 -10.57 -5.43 12.40
CA TYR B 11 -11.45 -4.30 12.15
C TYR B 11 -11.64 -3.41 13.39
N ARG B 12 -11.48 -3.96 14.60
CA ARG B 12 -11.55 -3.13 15.80
C ARG B 12 -10.33 -2.23 15.96
N LEU B 13 -9.22 -2.58 15.31
CA LEU B 13 -8.01 -1.76 15.33
C LEU B 13 -8.01 -0.68 14.24
N ILE B 14 -9.02 -0.67 13.37
CA ILE B 14 -9.10 0.36 12.34
C ILE B 14 -9.07 1.78 12.89
N PRO B 15 -9.86 2.15 13.92
CA PRO B 15 -9.78 3.52 14.43
C PRO B 15 -8.40 3.90 14.92
N MET B 16 -7.68 2.97 15.55
CA MET B 16 -6.35 3.24 16.04
C MET B 16 -5.37 3.53 14.92
N VAL B 17 -5.67 3.08 13.71
CA VAL B 17 -4.76 3.15 12.58
C VAL B 17 -5.31 3.98 11.43
N ASP B 18 -6.50 4.56 11.58
CA ASP B 18 -7.15 5.28 10.49
C ASP B 18 -6.45 6.62 10.23
N PHE B 19 -6.32 6.95 8.95
CA PHE B 19 -5.61 8.13 8.50
C PHE B 19 -6.26 9.43 8.98
N GLN B 20 -7.53 9.38 9.39
CA GLN B 20 -8.26 10.60 9.73
C GLN B 20 -9.10 10.46 10.99
N GLN B 21 -8.79 9.50 11.86
CA GLN B 21 -9.57 9.27 13.07
C GLN B 21 -8.68 9.47 14.30
N ASP B 22 -8.98 8.76 15.39
CA ASP B 22 -8.14 8.78 16.60
C ASP B 22 -6.96 7.83 16.43
N GLY B 23 -6.20 8.08 15.37
CA GLY B 23 -5.05 7.29 14.97
C GLY B 23 -3.84 7.43 15.87
N GLU B 24 -3.92 6.92 17.11
CA GLU B 24 -2.77 7.00 18.00
C GLU B 24 -1.62 6.11 17.52
N LEU B 25 -1.93 5.03 16.80
CA LEU B 25 -0.85 4.17 16.32
C LEU B 25 0.02 4.88 15.30
N LEU B 26 -0.60 5.68 14.43
CA LEU B 26 0.14 6.34 13.37
C LEU B 26 1.16 7.32 13.93
N GLY B 27 0.77 8.08 14.95
CA GLY B 27 1.70 9.01 15.57
C GLY B 27 2.85 8.30 16.27
N ARG B 28 2.56 7.17 16.89
CA ARG B 28 3.61 6.41 17.58
C ARG B 28 4.58 5.77 16.58
N ILE B 29 4.05 5.27 15.45
CA ILE B 29 4.92 4.72 14.42
C ILE B 29 5.83 5.80 13.86
N ARG B 30 5.29 7.01 13.68
CA ARG B 30 6.12 8.11 13.20
C ARG B 30 7.23 8.44 14.19
N SER B 31 6.90 8.47 15.49
CA SER B 31 7.93 8.70 16.48
C SER B 31 8.90 7.53 16.57
N ILE B 32 8.41 6.30 16.36
CA ILE B 32 9.29 5.14 16.37
C ILE B 32 10.29 5.20 15.23
N ARG B 33 9.81 5.47 14.02
CA ARG B 33 10.72 5.55 12.88
C ARG B 33 11.60 6.80 12.94
N LYS B 34 11.09 7.90 13.50
CA LYS B 34 11.90 9.11 13.60
C LYS B 34 13.03 8.92 14.61
N LYS B 35 12.71 8.46 15.82
CA LYS B 35 13.73 8.25 16.82
C LYS B 35 14.72 7.16 16.40
N PHE B 36 14.27 6.19 15.61
CA PHE B 36 15.16 5.14 15.14
C PHE B 36 16.18 5.69 14.14
N ALA B 37 15.81 6.72 13.37
CA ALA B 37 16.73 7.29 12.40
C ALA B 37 17.86 8.08 13.06
N GLN B 38 17.58 8.71 14.20
CA GLN B 38 18.63 9.47 14.90
C GLN B 38 19.42 8.62 15.88
N ASP B 39 18.87 7.47 16.29
CA ASP B 39 19.57 6.59 17.23
C ASP B 39 20.47 5.59 16.52
N MET B 40 19.89 4.74 15.68
CA MET B 40 20.66 3.73 14.96
C MET B 40 21.33 4.26 13.71
N GLY B 41 20.96 5.45 13.25
CA GLY B 41 21.65 6.08 12.14
C GLY B 41 21.12 5.75 10.76
N PHE B 42 19.95 5.14 10.65
CA PHE B 42 19.34 4.86 9.36
C PHE B 42 17.84 4.80 9.53
N LEU B 43 17.13 5.24 8.48
CA LEU B 43 15.67 5.25 8.53
C LEU B 43 15.14 3.85 8.23
N PRO B 44 14.38 3.24 9.13
CA PRO B 44 13.85 1.91 8.86
C PRO B 44 12.78 1.98 7.78
N PRO B 45 12.45 0.84 7.17
CA PRO B 45 11.40 0.84 6.14
C PRO B 45 10.06 1.25 6.73
N VAL B 46 9.20 1.81 5.88
CA VAL B 46 7.85 2.14 6.33
C VAL B 46 7.09 0.85 6.58
N VAL B 47 6.10 0.93 7.46
CA VAL B 47 5.27 -0.22 7.81
C VAL B 47 3.98 -0.13 7.01
N HIS B 48 3.74 -1.11 6.15
CA HIS B 48 2.55 -1.14 5.33
C HIS B 48 1.40 -1.71 6.14
N ILE B 49 0.40 -0.89 6.40
CA ILE B 49 -0.76 -1.28 7.19
C ILE B 49 -1.83 -1.77 6.23
N ARG B 50 -2.41 -2.94 6.55
CA ARG B 50 -3.38 -3.57 5.67
C ARG B 50 -4.46 -4.23 6.49
N ASP B 51 -5.71 -4.07 6.08
CA ASP B 51 -6.80 -4.75 6.75
C ASP B 51 -6.76 -6.23 6.40
N ASN B 52 -7.29 -7.06 7.31
CA ASN B 52 -7.30 -8.49 7.12
C ASN B 52 -8.60 -9.03 7.72
N MET B 53 -9.58 -9.31 6.87
CA MET B 53 -10.88 -9.77 7.30
C MET B 53 -10.84 -11.17 7.90
N ASP B 54 -9.77 -11.93 7.67
CA ASP B 54 -9.62 -13.24 8.30
C ASP B 54 -9.16 -13.11 9.75
N LEU B 55 -8.46 -12.03 10.09
CA LEU B 55 -7.98 -11.85 11.45
C LEU B 55 -9.15 -11.62 12.42
N GLN B 56 -8.88 -11.86 13.70
CA GLN B 56 -9.85 -11.57 14.75
C GLN B 56 -10.01 -10.06 14.89
N PRO B 57 -11.14 -9.60 15.42
CA PRO B 57 -11.38 -8.15 15.50
C PRO B 57 -10.28 -7.36 16.19
N ALA B 58 -9.69 -7.89 17.25
CA ALA B 58 -8.69 -7.18 18.02
C ALA B 58 -7.27 -7.69 17.77
N ARG B 59 -7.08 -8.59 16.82
CA ARG B 59 -5.77 -9.19 16.57
C ARG B 59 -5.00 -8.39 15.53
N TYR B 60 -3.68 -8.34 15.71
CA TYR B 60 -2.78 -7.75 14.74
C TYR B 60 -1.64 -8.71 14.47
N ARG B 61 -1.01 -8.57 13.31
CA ARG B 61 0.15 -9.36 12.94
C ARG B 61 1.24 -8.43 12.41
N ILE B 62 2.49 -8.83 12.61
CA ILE B 62 3.65 -8.09 12.12
C ILE B 62 4.46 -9.03 11.22
N LEU B 63 4.69 -8.60 9.98
CA LEU B 63 5.34 -9.41 8.97
C LEU B 63 6.60 -8.70 8.49
N MET B 64 7.64 -9.48 8.20
CA MET B 64 8.87 -8.96 7.62
C MET B 64 9.14 -9.75 6.36
N LYS B 65 8.98 -9.10 5.20
CA LYS B 65 9.09 -9.77 3.90
C LYS B 65 8.12 -10.95 3.79
N GLY B 66 6.92 -10.78 4.35
CA GLY B 66 5.90 -11.81 4.28
C GLY B 66 5.95 -12.84 5.38
N VAL B 67 7.02 -12.89 6.17
CA VAL B 67 7.17 -13.87 7.23
C VAL B 67 6.68 -13.26 8.55
N GLU B 68 5.82 -13.97 9.24
CA GLU B 68 5.28 -13.47 10.51
C GLU B 68 6.36 -13.51 11.57
N ILE B 69 6.66 -12.35 12.15
CA ILE B 69 7.63 -12.24 13.22
C ILE B 69 6.98 -11.85 14.54
N GLY B 70 5.66 -11.77 14.59
CA GLY B 70 4.96 -11.41 15.80
C GLY B 70 3.48 -11.11 15.62
N SER B 71 2.66 -11.59 16.55
CA SER B 71 1.23 -11.32 16.55
C SER B 71 0.85 -10.76 17.92
N GLY B 72 -0.43 -10.61 18.19
CA GLY B 72 -0.85 -10.12 19.49
C GLY B 72 -2.26 -9.59 19.46
N ASP B 73 -2.69 -9.12 20.62
CA ASP B 73 -4.01 -8.54 20.82
C ASP B 73 -3.88 -7.11 21.32
N ALA B 74 -4.92 -6.32 21.06
CA ALA B 74 -4.99 -4.96 21.56
C ALA B 74 -6.47 -4.60 21.61
N TYR B 75 -6.91 -4.00 22.71
CA TYR B 75 -8.30 -3.62 22.89
C TYR B 75 -8.37 -2.11 23.05
N PRO B 76 -8.90 -1.37 22.08
CA PRO B 76 -8.74 0.09 22.08
C PRO B 76 -9.38 0.79 23.28
N GLY B 77 -10.45 0.25 23.83
CA GLY B 77 -11.08 0.90 24.98
C GLY B 77 -10.46 0.57 26.32
N ARG B 78 -9.50 -0.34 26.37
CA ARG B 78 -8.97 -0.85 27.63
C ARG B 78 -7.49 -0.49 27.76
N TRP B 79 -6.96 -0.73 28.96
CA TRP B 79 -5.56 -0.52 29.28
C TRP B 79 -4.92 -1.86 29.63
N LEU B 80 -3.62 -1.99 29.35
CA LEU B 80 -2.88 -3.19 29.66
C LEU B 80 -2.07 -2.95 30.92
N ALA B 81 -2.33 -3.75 31.96
CA ALA B 81 -1.66 -3.64 33.24
C ALA B 81 -0.58 -4.71 33.33
N ILE B 82 0.68 -4.30 33.20
CA ILE B 82 1.80 -5.22 33.19
C ILE B 82 2.31 -5.40 34.62
N ASN B 83 2.54 -6.65 35.02
CA ASN B 83 3.10 -6.99 36.32
C ASN B 83 4.57 -7.29 36.12
N PRO B 84 5.48 -6.38 36.50
CA PRO B 84 6.92 -6.63 36.32
C PRO B 84 7.54 -7.50 37.40
N GLY B 85 6.74 -8.15 38.24
CA GLY B 85 7.23 -8.98 39.33
C GLY B 85 7.00 -8.41 40.71
N THR B 86 6.63 -7.14 40.81
CA THR B 86 6.45 -6.48 42.09
C THR B 86 5.01 -6.12 42.40
N ALA B 87 4.07 -6.43 41.51
CA ALA B 87 2.67 -6.17 41.77
C ALA B 87 2.15 -7.13 42.84
N ALA B 88 1.06 -6.72 43.49
CA ALA B 88 0.54 -7.46 44.64
C ALA B 88 -0.86 -8.01 44.43
N GLY B 89 -1.80 -7.20 43.98
CA GLY B 89 -3.16 -7.64 43.75
C GLY B 89 -3.39 -8.23 42.38
N THR B 90 -4.65 -8.48 42.08
CA THR B 90 -5.09 -8.99 40.79
C THR B 90 -6.29 -8.18 40.33
N LEU B 91 -6.39 -7.96 39.02
CA LEU B 91 -7.48 -7.15 38.51
C LEU B 91 -8.40 -8.00 37.64
N PRO B 92 -9.69 -7.66 37.60
CA PRO B 92 -10.59 -8.33 36.65
C PRO B 92 -10.28 -7.91 35.23
N GLY B 93 -10.33 -8.87 34.32
CA GLY B 93 -10.05 -8.61 32.92
C GLY B 93 -9.47 -9.85 32.26
N GLU B 94 -9.08 -9.67 31.01
CA GLU B 94 -8.49 -10.77 30.24
C GLU B 94 -7.01 -10.86 30.59
N LYS B 95 -6.62 -11.95 31.23
CA LYS B 95 -5.22 -12.14 31.56
C LYS B 95 -4.42 -12.51 30.32
N THR B 96 -3.23 -11.94 30.21
CA THR B 96 -2.42 -12.11 29.00
C THR B 96 -0.94 -11.98 29.29
N VAL B 97 -0.16 -11.61 28.29
CA VAL B 97 1.30 -11.54 28.38
C VAL B 97 1.78 -10.32 27.62
N ASP B 98 2.65 -9.53 28.24
CA ASP B 98 3.20 -8.37 27.57
C ASP B 98 4.07 -8.80 26.39
N PRO B 99 3.96 -8.13 25.25
CA PRO B 99 4.60 -8.63 24.03
C PRO B 99 6.11 -8.42 23.97
N ALA B 100 6.67 -7.58 24.84
CA ALA B 100 8.10 -7.32 24.78
C ALA B 100 8.90 -8.30 25.64
N PHE B 101 8.51 -8.50 26.90
CA PHE B 101 9.29 -9.30 27.83
C PHE B 101 8.60 -10.58 28.28
N GLY B 102 7.35 -10.80 27.89
CA GLY B 102 6.65 -12.00 28.30
C GLY B 102 6.08 -11.96 29.70
N LEU B 103 6.01 -10.78 30.33
CA LEU B 103 5.51 -10.68 31.69
C LEU B 103 4.00 -10.89 31.74
N ASP B 104 3.52 -11.24 32.93
CA ASP B 104 2.08 -11.39 33.13
C ASP B 104 1.41 -10.03 33.08
N ALA B 105 0.24 -9.98 32.45
CA ALA B 105 -0.48 -8.72 32.28
C ALA B 105 -1.97 -9.00 32.21
N ILE B 106 -2.76 -7.94 32.40
CA ILE B 106 -4.22 -8.04 32.38
C ILE B 106 -4.78 -6.81 31.68
N TRP B 107 -5.70 -7.03 30.74
CA TRP B 107 -6.43 -5.93 30.09
C TRP B 107 -7.55 -5.48 31.02
N ILE B 108 -7.41 -4.29 31.59
CA ILE B 108 -8.35 -3.80 32.59
C ILE B 108 -9.20 -2.68 31.98
N GLU B 109 -10.37 -2.50 32.57
CA GLU B 109 -11.25 -1.40 32.18
C GLU B 109 -10.59 -0.07 32.53
N SER B 110 -11.00 0.98 31.81
CA SER B 110 -10.39 2.29 31.98
C SER B 110 -10.60 2.87 33.39
N ALA B 111 -11.53 2.32 34.17
CA ALA B 111 -11.77 2.83 35.51
C ALA B 111 -10.81 2.26 36.54
N LEU B 112 -10.24 1.09 36.30
CA LEU B 112 -9.32 0.45 37.24
C LEU B 112 -7.88 0.87 37.04
N LYS B 113 -7.61 1.91 36.25
CA LYS B 113 -6.22 2.29 35.96
C LYS B 113 -5.49 2.70 37.23
N GLU B 114 -6.10 3.59 38.02
CA GLU B 114 -5.42 4.11 39.20
C GLU B 114 -5.24 3.03 40.26
N GLN B 115 -6.23 2.15 40.42
CA GLN B 115 -6.09 1.07 41.39
C GLN B 115 -4.95 0.14 40.99
N ALA B 116 -4.87 -0.21 39.70
CA ALA B 116 -3.79 -1.08 39.25
C ALA B 116 -2.43 -0.43 39.46
N GLN B 117 -2.35 0.89 39.32
CA GLN B 117 -1.09 1.59 39.59
C GLN B 117 -0.72 1.48 41.06
N ILE B 118 -1.70 1.67 41.96
CA ILE B 118 -1.44 1.54 43.39
C ILE B 118 -1.01 0.12 43.73
N GLN B 119 -1.53 -0.86 43.01
CA GLN B 119 -1.13 -2.24 43.22
C GLN B 119 0.22 -2.59 42.59
N GLY B 120 0.88 -1.63 41.94
CA GLY B 120 2.22 -1.84 41.43
C GLY B 120 2.31 -2.26 39.98
N PHE B 121 1.25 -2.09 39.20
CA PHE B 121 1.26 -2.46 37.80
C PHE B 121 1.69 -1.27 36.94
N THR B 122 2.35 -1.58 35.82
CA THR B 122 2.65 -0.59 34.79
C THR B 122 1.48 -0.56 33.80
N VAL B 123 0.70 0.51 33.84
CA VAL B 123 -0.52 0.60 33.04
C VAL B 123 -0.23 1.28 31.71
N VAL B 124 -0.60 0.62 30.63
CA VAL B 124 -0.23 1.04 29.28
C VAL B 124 -1.48 1.05 28.40
N GLU B 125 -1.62 2.08 27.58
CA GLU B 125 -2.75 2.17 26.67
C GLU B 125 -2.57 1.21 25.49
N ALA B 126 -3.69 0.93 24.81
CA ALA B 126 -3.70 -0.11 23.78
C ALA B 126 -2.77 0.23 22.62
N SER B 127 -2.80 1.47 22.15
CA SER B 127 -1.93 1.84 21.02
C SER B 127 -0.46 1.72 21.37
N THR B 128 -0.10 1.92 22.64
CA THR B 128 1.30 1.77 23.03
C THR B 128 1.74 0.32 23.02
N VAL B 129 0.84 -0.61 23.38
CA VAL B 129 1.19 -2.02 23.39
C VAL B 129 1.62 -2.48 22.00
N VAL B 130 0.81 -2.14 20.99
CA VAL B 130 1.17 -2.51 19.63
C VAL B 130 2.42 -1.75 19.17
N ALA B 131 2.50 -0.46 19.51
CA ALA B 131 3.67 0.33 19.12
C ALA B 131 4.93 -0.20 19.78
N THR B 132 4.86 -0.51 21.09
CA THR B 132 6.02 -1.06 21.79
C THR B 132 6.41 -2.41 21.20
N HIS B 133 5.42 -3.25 20.87
CA HIS B 133 5.72 -4.53 20.24
C HIS B 133 6.39 -4.32 18.88
N LEU B 134 5.84 -3.40 18.08
CA LEU B 134 6.44 -3.09 16.79
C LEU B 134 7.84 -2.49 16.97
N ASN B 135 8.00 -1.60 17.95
CA ASN B 135 9.31 -1.03 18.22
C ASN B 135 10.29 -2.08 18.73
N HIS B 136 9.79 -3.10 19.42
CA HIS B 136 10.67 -4.14 19.94
C HIS B 136 11.24 -4.98 18.80
N LEU B 137 10.40 -5.35 17.82
CA LEU B 137 10.88 -6.15 16.70
C LEU B 137 11.83 -5.35 15.81
N ILE B 138 11.61 -4.04 15.64
CA ILE B 138 12.47 -3.24 14.78
C ILE B 138 13.91 -3.26 15.29
N GLY B 139 14.09 -3.07 16.60
CA GLY B 139 15.40 -3.18 17.17
C GLY B 139 15.97 -4.59 17.13
N GLN B 140 15.10 -5.59 17.28
CA GLN B 140 15.55 -6.98 17.27
C GLN B 140 16.03 -7.40 15.89
N PHE B 141 15.40 -6.88 14.83
CA PHE B 141 15.76 -7.21 13.45
C PHE B 141 16.37 -6.02 12.72
N SER B 142 17.13 -5.18 13.43
CA SER B 142 17.72 -4.02 12.78
C SER B 142 18.64 -4.42 11.65
N ALA B 143 19.43 -5.48 11.84
CA ALA B 143 20.34 -5.93 10.79
C ALA B 143 19.58 -6.47 9.60
N GLU B 144 18.47 -7.19 9.84
CA GLU B 144 17.70 -7.74 8.73
C GLU B 144 16.97 -6.65 7.98
N LEU B 145 16.42 -5.66 8.69
CA LEU B 145 15.74 -4.54 8.06
C LEU B 145 16.68 -3.62 7.31
N PHE B 146 18.00 -3.83 7.40
CA PHE B 146 18.98 -3.05 6.66
C PHE B 146 19.41 -3.90 5.47
N GLY B 147 18.55 -3.94 4.46
CA GLY B 147 18.81 -4.68 3.24
C GLY B 147 19.61 -3.88 2.25
N ARG B 148 19.73 -4.45 1.03
CA ARG B 148 20.48 -3.77 -0.03
C ARG B 148 19.80 -2.48 -0.49
N GLN B 149 18.47 -2.40 -0.38
CA GLN B 149 17.78 -1.18 -0.75
C GLN B 149 18.25 0.00 0.10
N GLU B 150 18.28 -0.19 1.42
CA GLU B 150 18.81 0.86 2.29
C GLU B 150 20.33 0.95 2.19
N ALA B 151 21.01 -0.13 1.82
CA ALA B 151 22.46 -0.09 1.66
C ALA B 151 22.86 0.76 0.47
N GLN B 152 22.31 0.46 -0.71
CA GLN B 152 22.58 1.29 -1.89
C GLN B 152 22.09 2.71 -1.68
N GLN B 153 20.92 2.87 -1.04
CA GLN B 153 20.39 4.20 -0.78
C GLN B 153 21.29 4.98 0.17
N LEU B 154 21.81 4.31 1.20
CA LEU B 154 22.71 4.99 2.13
C LEU B 154 24.04 5.32 1.48
N LEU B 155 24.50 4.50 0.54
CA LEU B 155 25.79 4.74 -0.10
C LEU B 155 25.77 6.02 -0.92
N ASP B 156 24.78 6.17 -1.81
CA ASP B 156 24.63 7.40 -2.57
C ASP B 156 24.38 8.59 -1.67
N ARG B 157 23.64 8.38 -0.57
CA ARG B 157 23.37 9.46 0.37
C ARG B 157 24.64 9.94 1.05
N VAL B 158 25.55 9.03 1.40
CA VAL B 158 26.82 9.40 2.02
C VAL B 158 27.91 9.72 1.00
N SER B 159 27.71 9.38 -0.28
CA SER B 159 28.70 9.65 -1.31
C SER B 159 28.79 11.13 -1.68
N GLN B 160 27.86 11.96 -1.23
CA GLN B 160 27.86 13.37 -1.60
C GLN B 160 28.62 14.27 -0.62
N GLU B 161 28.75 13.86 0.65
CA GLU B 161 29.47 14.69 1.61
C GLU B 161 30.98 14.70 1.34
N MET B 162 31.58 13.52 1.22
CA MET B 162 33.02 13.42 0.94
C MET B 162 33.21 12.53 -0.28
N PRO B 163 33.17 13.11 -1.48
CA PRO B 163 33.31 12.28 -2.69
C PRO B 163 34.68 11.66 -2.85
N LYS B 164 35.72 12.29 -2.28
CA LYS B 164 37.07 11.73 -2.40
C LYS B 164 37.22 10.43 -1.62
N LEU B 165 36.41 10.26 -0.56
CA LEU B 165 36.50 9.04 0.25
C LEU B 165 35.70 7.91 -0.37
N THR B 166 34.48 8.19 -0.82
CA THR B 166 33.63 7.13 -1.35
C THR B 166 34.07 6.67 -2.74
N GLU B 167 34.73 7.54 -3.49
CA GLU B 167 35.15 7.18 -4.85
C GLU B 167 36.22 6.10 -4.81
N ASP B 168 37.26 6.29 -4.00
CA ASP B 168 38.36 5.33 -3.96
C ASP B 168 37.98 4.03 -3.28
N LEU B 169 36.88 3.99 -2.52
CA LEU B 169 36.53 2.81 -1.77
C LEU B 169 35.65 1.87 -2.60
N VAL B 170 34.39 2.20 -2.74
CA VAL B 170 33.46 1.37 -3.51
C VAL B 170 33.58 1.74 -4.99
N PRO B 171 33.73 0.75 -5.89
CA PRO B 171 33.87 -0.66 -5.56
C PRO B 171 35.32 -1.13 -5.65
N GLY B 172 36.26 -0.18 -5.57
CA GLY B 172 37.66 -0.48 -5.72
C GLY B 172 38.24 -1.40 -4.67
N VAL B 173 38.40 -0.89 -3.45
CA VAL B 173 39.01 -1.69 -2.38
C VAL B 173 37.99 -2.58 -1.70
N VAL B 174 36.79 -2.05 -1.41
CA VAL B 174 35.71 -2.81 -0.82
C VAL B 174 34.48 -2.64 -1.69
N THR B 175 33.80 -3.74 -1.99
CA THR B 175 32.60 -3.71 -2.80
C THR B 175 31.39 -3.30 -1.98
N LEU B 176 30.27 -3.09 -2.66
CA LEU B 176 29.04 -2.72 -1.96
C LEU B 176 28.53 -3.87 -1.11
N THR B 177 28.78 -5.12 -1.53
CA THR B 177 28.38 -6.27 -0.73
C THR B 177 29.17 -6.34 0.56
N THR B 178 30.47 -6.03 0.51
CA THR B 178 31.30 -6.09 1.71
C THR B 178 30.95 -4.97 2.68
N LEU B 179 30.77 -3.74 2.17
CA LEU B 179 30.39 -2.63 3.03
C LEU B 179 29.02 -2.89 3.68
N HIS B 180 28.10 -3.51 2.95
CA HIS B 180 26.79 -3.80 3.50
C HIS B 180 26.88 -4.77 4.67
N LYS B 181 27.74 -5.79 4.55
CA LYS B 181 27.86 -6.78 5.61
C LYS B 181 28.53 -6.20 6.85
N VAL B 182 29.45 -5.25 6.67
CA VAL B 182 30.10 -4.61 7.83
C VAL B 182 29.09 -3.80 8.62
N LEU B 183 28.27 -3.00 7.94
CA LEU B 183 27.25 -2.22 8.64
C LEU B 183 26.19 -3.13 9.26
N GLN B 184 25.91 -4.28 8.64
CA GLN B 184 24.95 -5.21 9.21
C GLN B 184 25.46 -5.79 10.53
N ASN B 185 26.77 -6.09 10.61
CA ASN B 185 27.34 -6.57 11.86
C ASN B 185 27.29 -5.50 12.95
N LEU B 186 27.38 -4.23 12.56
CA LEU B 186 27.29 -3.15 13.53
C LEU B 186 25.89 -3.03 14.10
N LEU B 187 24.87 -3.02 13.23
CA LEU B 187 23.50 -2.93 13.70
C LEU B 187 23.08 -4.16 14.49
N ALA B 188 23.64 -5.32 14.17
CA ALA B 188 23.27 -6.55 14.88
C ALA B 188 23.64 -6.47 16.36
N GLU B 189 24.59 -5.63 16.72
CA GLU B 189 25.02 -5.44 18.09
C GLU B 189 24.67 -4.05 18.64
N LYS B 190 23.65 -3.40 18.06
CA LYS B 190 23.13 -2.13 18.56
C LYS B 190 24.16 -0.99 18.50
N VAL B 191 25.11 -1.11 17.57
CA VAL B 191 26.09 -0.05 17.36
C VAL B 191 25.57 0.89 16.27
N PRO B 192 25.52 2.20 16.53
CA PRO B 192 24.96 3.11 15.52
C PRO B 192 25.94 3.34 14.38
N ILE B 193 25.37 3.60 13.21
CA ILE B 193 26.15 3.88 12.00
C ILE B 193 26.00 5.34 11.60
N ARG B 194 25.90 6.24 12.58
CA ARG B 194 25.72 7.66 12.26
C ARG B 194 26.97 8.23 11.60
N ASP B 195 28.14 8.01 12.22
CA ASP B 195 29.39 8.61 11.75
C ASP B 195 29.93 7.78 10.59
N MET B 196 29.36 8.01 9.41
CA MET B 196 29.84 7.32 8.21
C MET B 196 31.20 7.84 7.75
N ARG B 197 31.61 9.02 8.21
CA ARG B 197 32.94 9.53 7.88
C ARG B 197 34.02 8.64 8.49
N THR B 198 33.98 8.46 9.82
CA THR B 198 34.99 7.67 10.50
C THR B 198 34.95 6.20 10.05
N ILE B 199 33.75 5.68 9.80
CA ILE B 199 33.63 4.30 9.32
C ILE B 199 34.36 4.13 8.01
N LEU B 200 34.09 5.00 7.04
CA LEU B 200 34.72 4.91 5.73
C LEU B 200 36.18 5.36 5.76
N GLU B 201 36.52 6.32 6.62
CA GLU B 201 37.91 6.78 6.71
C GLU B 201 38.83 5.64 7.12
N THR B 202 38.50 4.93 8.21
CA THR B 202 39.33 3.82 8.65
C THR B 202 39.17 2.61 7.75
N LEU B 203 38.08 2.52 7.00
CA LEU B 203 37.94 1.44 6.02
C LEU B 203 38.93 1.60 4.87
N ALA B 204 39.09 2.84 4.37
CA ALA B 204 40.02 3.08 3.27
C ALA B 204 41.47 2.80 3.67
N GLU B 205 41.79 2.87 4.97
CA GLU B 205 43.14 2.57 5.43
C GLU B 205 43.39 1.09 5.60
N HIS B 206 42.35 0.28 5.80
CA HIS B 206 42.50 -1.14 6.06
C HIS B 206 41.95 -2.04 4.95
N ALA B 207 41.15 -1.48 4.03
CA ALA B 207 40.64 -2.30 2.93
C ALA B 207 41.73 -2.83 2.01
N PRO B 208 42.70 -2.03 1.53
CA PRO B 208 43.75 -2.59 0.69
C PRO B 208 44.60 -3.65 1.38
N LEU B 209 44.56 -3.72 2.72
CA LEU B 209 45.36 -4.65 3.48
C LEU B 209 44.58 -5.80 4.09
N GLN B 210 43.24 -5.73 4.08
CA GLN B 210 42.44 -6.76 4.73
C GLN B 210 41.26 -7.18 3.86
N SER B 211 40.26 -6.30 3.73
CA SER B 211 39.06 -6.55 2.93
C SER B 211 38.23 -7.72 3.45
N ASP B 212 38.43 -8.12 4.71
CA ASP B 212 37.67 -9.20 5.32
C ASP B 212 36.56 -8.57 6.14
N PRO B 213 35.29 -8.92 5.91
CA PRO B 213 34.21 -8.23 6.65
C PRO B 213 34.27 -8.42 8.16
N HIS B 214 34.56 -9.63 8.64
CA HIS B 214 34.65 -9.82 10.09
C HIS B 214 35.84 -9.09 10.69
N GLU B 215 36.97 -9.03 9.96
CA GLU B 215 38.13 -8.31 10.46
C GLU B 215 37.92 -6.81 10.38
N LEU B 216 37.35 -6.31 9.28
CA LEU B 216 37.09 -4.88 9.16
C LEU B 216 36.08 -4.40 10.20
N THR B 217 35.10 -5.24 10.55
CA THR B 217 34.13 -4.86 11.57
C THR B 217 34.82 -4.54 12.89
N ALA B 218 35.80 -5.35 13.28
CA ALA B 218 36.53 -5.10 14.52
C ALA B 218 37.27 -3.77 14.48
N VAL B 219 37.91 -3.47 13.34
CA VAL B 219 38.65 -2.22 13.21
C VAL B 219 37.71 -1.02 13.27
N VAL B 220 36.51 -1.15 12.70
CA VAL B 220 35.55 -0.05 12.71
C VAL B 220 35.08 0.24 14.12
N ARG B 221 34.87 -0.81 14.93
CA ARG B 221 34.40 -0.62 16.30
C ARG B 221 35.44 0.11 17.15
N VAL B 222 36.73 -0.12 16.89
CA VAL B 222 37.76 0.61 17.61
C VAL B 222 37.75 2.08 17.22
N ALA B 223 37.49 2.37 15.94
CA ALA B 223 37.35 3.77 15.53
C ALA B 223 36.09 4.40 16.12
N LEU B 224 35.02 3.62 16.27
CA LEU B 224 33.80 4.08 16.92
C LEU B 224 33.76 3.78 18.40
N GLY B 225 34.91 3.44 19.00
CA GLY B 225 34.93 3.07 20.41
C GLY B 225 34.54 4.21 21.33
N ARG B 226 34.88 5.44 20.95
CA ARG B 226 34.52 6.59 21.78
C ARG B 226 33.01 6.77 21.84
N ALA B 227 32.31 6.50 20.74
CA ALA B 227 30.86 6.59 20.73
C ALA B 227 30.22 5.41 21.46
N ILE B 228 30.80 4.23 21.32
CA ILE B 228 30.27 3.05 21.99
C ILE B 228 30.39 3.19 23.50
N THR B 229 31.47 3.83 23.97
CA THR B 229 31.64 4.04 25.40
C THR B 229 30.53 4.91 25.96
N GLN B 230 30.27 6.05 25.31
CA GLN B 230 29.23 6.95 25.78
C GLN B 230 27.83 6.36 25.62
N GLN B 231 27.65 5.42 24.69
CA GLN B 231 26.33 4.82 24.50
C GLN B 231 25.90 4.01 25.72
N TRP B 232 26.83 3.29 26.34
CA TRP B 232 26.50 2.45 27.49
C TRP B 232 26.96 3.04 28.81
N PHE B 233 27.84 4.04 28.79
CA PHE B 233 28.29 4.71 30.02
C PHE B 233 28.37 6.21 29.76
N PRO B 234 27.21 6.87 29.65
CA PRO B 234 27.22 8.31 29.35
C PRO B 234 27.71 9.12 30.55
N GLY B 235 28.59 10.08 30.28
CA GLY B 235 29.15 10.93 31.31
C GLY B 235 30.66 10.74 31.44
N ASN B 236 31.14 10.80 32.69
CA ASN B 236 32.56 10.62 32.95
C ASN B 236 32.79 9.95 34.30
N GLU B 237 31.82 9.19 34.78
CA GLU B 237 31.88 8.57 36.10
C GLU B 237 32.55 7.20 36.00
N GLU B 238 32.36 6.35 37.00
CA GLU B 238 32.99 5.04 37.02
C GLU B 238 32.20 4.09 36.13
N VAL B 239 32.89 3.43 35.20
CA VAL B 239 32.28 2.45 34.31
C VAL B 239 32.32 1.09 34.98
N GLN B 240 31.14 0.48 35.14
CA GLN B 240 30.98 -0.78 35.86
C GLN B 240 30.61 -1.88 34.89
N VAL B 241 31.54 -2.82 34.67
CA VAL B 241 31.39 -3.87 33.67
C VAL B 241 31.57 -5.23 34.34
N ILE B 242 31.09 -6.26 33.65
CA ILE B 242 31.36 -7.65 34.00
C ILE B 242 32.68 -8.05 33.35
N GLY B 243 33.43 -8.94 34.02
CA GLY B 243 34.70 -9.40 33.50
C GLY B 243 34.81 -10.91 33.65
N LEU B 244 35.86 -11.45 33.04
CA LEU B 244 36.19 -12.86 33.16
C LEU B 244 37.26 -13.07 34.23
N ASP B 245 37.14 -14.18 34.96
CA ASP B 245 38.23 -14.62 35.80
C ASP B 245 39.46 -14.89 34.93
N THR B 246 40.63 -14.44 35.39
CA THR B 246 41.84 -14.61 34.60
C THR B 246 42.08 -16.08 34.25
N ALA B 247 41.68 -17.00 35.13
CA ALA B 247 41.77 -18.42 34.80
C ALA B 247 40.87 -18.78 33.62
N LEU B 248 39.67 -18.20 33.58
CA LEU B 248 38.78 -18.45 32.45
C LEU B 248 39.27 -17.75 31.19
N GLU B 249 39.85 -16.57 31.34
CA GLU B 249 40.36 -15.84 30.19
C GLU B 249 41.51 -16.58 29.52
N ARG B 250 42.41 -17.17 30.31
CA ARG B 250 43.52 -17.91 29.71
C ARG B 250 43.08 -19.22 29.10
N LEU B 251 42.01 -19.84 29.63
CA LEU B 251 41.48 -21.06 29.03
C LEU B 251 40.89 -20.77 27.65
N LEU B 252 40.20 -19.64 27.49
CA LEU B 252 39.62 -19.30 26.20
C LEU B 252 40.69 -18.90 25.20
N LEU B 253 41.68 -18.11 25.63
CA LEU B 253 42.78 -17.77 24.75
C LEU B 253 43.57 -19.01 24.34
N GLN B 254 43.70 -19.97 25.26
CA GLN B 254 44.36 -21.22 24.93
C GLN B 254 43.53 -22.05 23.96
N ALA B 255 42.20 -22.04 24.13
CA ALA B 255 41.34 -22.81 23.23
C ALA B 255 41.38 -22.26 21.80
N LEU B 256 41.48 -20.93 21.66
CA LEU B 256 41.55 -20.36 20.32
C LEU B 256 42.90 -20.62 19.66
N GLN B 257 43.98 -20.67 20.44
CA GLN B 257 45.30 -20.94 19.89
C GLN B 257 45.58 -22.43 19.72
N GLY B 258 44.57 -23.29 19.81
CA GLY B 258 44.76 -24.70 19.56
C GLY B 258 45.65 -25.39 20.57
N GLY B 259 45.61 -24.95 21.83
CA GLY B 259 46.35 -25.62 22.89
C GLY B 259 45.42 -26.41 23.80
N GLY B 260 44.34 -26.94 23.23
CA GLY B 260 43.34 -27.63 24.01
C GLY B 260 42.10 -26.79 24.21
N GLY B 261 40.92 -27.38 24.01
CA GLY B 261 39.67 -26.67 24.13
C GLY B 261 38.89 -27.07 25.38
N LEU B 262 37.84 -26.30 25.65
CA LEU B 262 36.96 -26.57 26.77
C LEU B 262 36.01 -27.71 26.43
N GLU B 263 35.67 -28.50 27.46
CA GLU B 263 34.70 -29.56 27.28
C GLU B 263 33.31 -28.95 27.04
N PRO B 264 32.42 -29.69 26.36
CA PRO B 264 31.08 -29.14 26.08
C PRO B 264 30.27 -28.88 27.35
N GLY B 265 30.61 -29.52 28.47
CA GLY B 265 29.97 -29.18 29.72
C GLY B 265 30.49 -27.91 30.34
N LEU B 266 31.78 -27.60 30.12
CA LEU B 266 32.31 -26.32 30.57
C LEU B 266 31.78 -25.17 29.74
N ALA B 267 31.40 -25.43 28.49
CA ALA B 267 30.76 -24.39 27.69
C ALA B 267 29.38 -24.06 28.24
N ASP B 268 28.65 -25.08 28.71
CA ASP B 268 27.36 -24.84 29.35
C ASP B 268 27.53 -24.03 30.63
N ARG B 269 28.61 -24.27 31.37
CA ARG B 269 28.89 -23.48 32.56
C ARG B 269 29.19 -22.03 32.21
N LEU B 270 29.84 -21.79 31.08
CA LEU B 270 30.11 -20.41 30.66
C LEU B 270 28.81 -19.66 30.43
N LEU B 271 27.79 -20.31 29.86
CA LEU B 271 26.50 -19.67 29.71
C LEU B 271 25.85 -19.41 31.06
N ALA B 272 25.90 -20.38 31.96
CA ALA B 272 25.30 -20.22 33.28
C ALA B 272 26.01 -19.13 34.09
N GLN B 273 27.35 -19.20 34.16
CA GLN B 273 28.10 -18.20 34.89
C GLN B 273 27.90 -16.80 34.31
N THR B 274 27.66 -16.71 33.00
CA THR B 274 27.33 -15.43 32.39
C THR B 274 25.95 -14.96 32.82
N GLN B 275 24.98 -15.88 32.81
CA GLN B 275 23.63 -15.53 33.22
C GLN B 275 23.58 -15.12 34.69
N GLU B 276 24.33 -15.82 35.54
CA GLU B 276 24.42 -15.44 36.95
C GLU B 276 25.14 -14.10 37.13
N ALA B 277 26.12 -13.81 36.28
CA ALA B 277 26.79 -12.52 36.35
C ALA B 277 25.86 -11.40 35.91
N LEU B 278 24.93 -11.70 34.99
CA LEU B 278 23.95 -10.68 34.59
C LEU B 278 22.97 -10.37 35.73
N SER B 279 22.62 -11.37 36.53
CA SER B 279 21.75 -11.10 37.68
C SER B 279 22.48 -10.29 38.74
N ARG B 280 23.73 -10.67 39.05
CA ARG B 280 24.50 -9.91 40.01
C ARG B 280 24.75 -8.49 39.52
N GLN B 281 24.93 -8.32 38.21
CA GLN B 281 25.06 -6.97 37.66
C GLN B 281 23.75 -6.21 37.74
N GLU B 282 22.63 -6.91 37.67
CA GLU B 282 21.33 -6.27 37.77
C GLU B 282 21.07 -5.79 39.19
N MET B 283 21.46 -6.58 40.19
CA MET B 283 21.28 -6.21 41.59
C MET B 283 22.16 -5.03 42.00
N LEU B 284 23.16 -4.68 41.19
CA LEU B 284 24.04 -3.56 41.48
C LEU B 284 23.67 -2.30 40.72
N GLY B 285 22.65 -2.34 39.86
CA GLY B 285 22.30 -1.18 39.07
C GLY B 285 23.32 -0.80 38.01
N ALA B 286 24.00 -1.79 37.43
CA ALA B 286 25.02 -1.57 36.42
C ALA B 286 24.57 -2.11 35.06
N PRO B 287 25.09 -1.57 33.96
CA PRO B 287 24.65 -2.03 32.64
C PRO B 287 25.08 -3.46 32.41
N PRO B 288 24.32 -4.22 31.61
CA PRO B 288 24.64 -5.64 31.37
C PRO B 288 25.68 -5.82 30.28
N VAL B 289 26.85 -5.24 30.49
CA VAL B 289 27.92 -5.24 29.51
C VAL B 289 29.09 -6.04 30.07
N LEU B 290 29.75 -6.79 29.18
CA LEU B 290 30.86 -7.65 29.53
C LEU B 290 32.11 -7.15 28.81
N LEU B 291 33.13 -6.76 29.58
CA LEU B 291 34.38 -6.29 29.02
C LEU B 291 35.37 -7.45 28.94
N VAL B 292 35.88 -7.72 27.74
CA VAL B 292 36.75 -8.85 27.49
C VAL B 292 37.95 -8.41 26.66
N ASN B 293 38.95 -9.29 26.59
CA ASN B 293 40.11 -9.08 25.75
C ASN B 293 39.69 -8.95 24.30
N HIS B 294 40.46 -8.16 23.53
CA HIS B 294 40.09 -7.89 22.15
C HIS B 294 40.00 -9.17 21.33
N ALA B 295 40.88 -10.13 21.59
CA ALA B 295 40.87 -11.38 20.83
C ALA B 295 39.67 -12.25 21.15
N LEU B 296 39.03 -12.06 22.30
CA LEU B 296 37.90 -12.87 22.71
C LEU B 296 36.56 -12.21 22.44
N ARG B 297 36.56 -10.93 22.05
CA ARG B 297 35.29 -10.21 21.94
C ARG B 297 34.36 -10.77 20.86
N PRO B 298 34.79 -10.97 19.62
CA PRO B 298 33.86 -11.49 18.61
C PRO B 298 33.36 -12.88 18.93
N LEU B 299 34.21 -13.74 19.51
CA LEU B 299 33.79 -15.09 19.85
C LEU B 299 32.68 -15.07 20.90
N LEU B 300 32.93 -14.40 22.03
CA LEU B 300 31.97 -14.40 23.12
C LEU B 300 30.70 -13.65 22.76
N SER B 301 30.78 -12.64 21.89
CA SER B 301 29.58 -11.92 21.47
C SER B 301 28.63 -12.84 20.71
N ARG B 302 29.12 -13.48 19.65
CA ARG B 302 28.28 -14.38 18.86
C ARG B 302 27.81 -15.58 19.69
N PHE B 303 28.59 -15.98 20.69
CA PHE B 303 28.24 -17.17 21.47
C PHE B 303 27.27 -16.84 22.60
N LEU B 304 27.57 -15.80 23.38
CA LEU B 304 26.73 -15.45 24.53
C LEU B 304 25.45 -14.75 24.11
N ARG B 305 25.54 -13.77 23.21
CA ARG B 305 24.37 -12.98 22.84
C ARG B 305 23.30 -13.80 22.13
N ARG B 306 23.64 -14.98 21.61
CA ARG B 306 22.62 -15.84 21.03
C ARG B 306 21.60 -16.29 22.07
N SER B 307 22.05 -16.49 23.31
CA SER B 307 21.18 -16.87 24.41
C SER B 307 20.77 -15.68 25.28
N LEU B 308 21.69 -14.74 25.52
CA LEU B 308 21.44 -13.55 26.34
C LEU B 308 21.57 -12.32 25.43
N PRO B 309 20.50 -11.96 24.72
CA PRO B 309 20.60 -10.80 23.81
C PRO B 309 20.81 -9.49 24.51
N GLN B 310 20.32 -9.34 25.75
CA GLN B 310 20.51 -8.08 26.48
C GLN B 310 21.97 -7.84 26.82
N LEU B 311 22.81 -8.86 26.74
CA LEU B 311 24.21 -8.74 27.13
C LEU B 311 25.00 -8.05 26.01
N VAL B 312 25.89 -7.15 26.40
CA VAL B 312 26.75 -6.40 25.49
C VAL B 312 28.19 -6.82 25.74
N VAL B 313 28.93 -7.08 24.67
CA VAL B 313 30.32 -7.50 24.76
C VAL B 313 31.18 -6.42 24.14
N LEU B 314 31.97 -5.73 24.98
CA LEU B 314 32.88 -4.70 24.51
C LEU B 314 34.31 -5.17 24.64
N SER B 315 35.18 -4.64 23.79
CA SER B 315 36.59 -4.97 23.81
C SER B 315 37.37 -3.97 24.65
N ASN B 316 38.52 -4.43 25.17
CA ASN B 316 39.36 -3.55 25.97
C ASN B 316 39.93 -2.42 25.12
N LEU B 317 40.11 -2.65 23.83
CA LEU B 317 40.63 -1.62 22.93
C LEU B 317 39.59 -0.58 22.56
N GLU B 318 38.33 -0.79 22.93
CA GLU B 318 37.26 0.13 22.58
C GLU B 318 36.86 1.06 23.71
N LEU B 319 36.97 0.62 24.96
CA LEU B 319 36.68 1.50 26.08
C LEU B 319 37.75 2.57 26.16
N SER B 320 37.34 3.79 26.47
CA SER B 320 38.28 4.90 26.55
C SER B 320 39.25 4.70 27.70
N ASP B 321 40.53 4.95 27.44
CA ASP B 321 41.58 4.73 28.43
C ASP B 321 41.55 5.75 29.57
N ASN B 322 40.75 6.81 29.45
CA ASN B 322 40.66 7.84 30.47
C ASN B 322 39.58 7.56 31.50
N ARG B 323 38.69 6.61 31.24
CA ARG B 323 37.61 6.31 32.16
C ARG B 323 38.11 5.43 33.31
N HIS B 324 37.46 5.54 34.46
CA HIS B 324 37.82 4.75 35.63
C HIS B 324 36.98 3.47 35.60
N ILE B 325 37.64 2.35 35.33
CA ILE B 325 36.97 1.06 35.15
C ILE B 325 37.01 0.28 36.45
N ARG B 326 35.87 -0.28 36.85
CA ARG B 326 35.79 -1.20 37.97
C ARG B 326 34.99 -2.41 37.53
N MET B 327 35.53 -3.60 37.79
CA MET B 327 34.86 -4.85 37.45
C MET B 327 33.96 -5.26 38.61
N THR B 328 32.65 -5.16 38.40
CA THR B 328 31.67 -5.42 39.46
C THR B 328 31.18 -6.86 39.49
N ALA B 329 31.44 -7.65 38.44
CA ALA B 329 31.03 -9.05 38.42
C ALA B 329 32.04 -9.82 37.58
N THR B 330 32.14 -11.12 37.86
CA THR B 330 33.11 -11.98 37.20
C THR B 330 32.44 -13.27 36.75
N ILE B 331 32.84 -13.74 35.57
CA ILE B 331 32.40 -15.02 35.03
C ILE B 331 33.52 -16.03 35.28
N GLY B 332 33.24 -17.03 36.10
CA GLY B 332 34.22 -18.05 36.43
C GLY B 332 34.55 -18.13 37.90
N GLU C 2 -18.25 17.45 -39.23
CA GLU C 2 -17.31 17.69 -38.15
C GLU C 2 -15.87 17.63 -38.65
N ASP C 3 -14.97 18.30 -37.93
CA ASP C 3 -13.58 18.45 -38.35
C ASP C 3 -12.69 17.91 -37.23
N SER C 4 -12.05 16.76 -37.47
CA SER C 4 -11.27 16.09 -36.44
C SER C 4 -10.24 17.05 -35.82
N LEU C 5 -9.46 17.72 -36.64
CA LEU C 5 -8.49 18.70 -36.17
C LEU C 5 -8.61 19.96 -37.00
N GLY C 6 -9.00 21.06 -36.35
CA GLY C 6 -9.17 22.33 -37.03
C GLY C 6 -8.50 23.44 -36.24
N MET C 7 -8.19 24.52 -36.95
CA MET C 7 -7.58 25.70 -36.36
C MET C 7 -8.14 26.93 -37.06
N GLU C 8 -8.73 27.84 -36.30
CA GLU C 8 -9.18 29.13 -36.80
C GLU C 8 -8.17 30.20 -36.39
N VAL C 9 -7.98 31.19 -37.26
CA VAL C 9 -6.87 32.12 -37.11
C VAL C 9 -7.30 33.53 -37.52
N GLY C 10 -6.68 34.53 -36.88
CA GLY C 10 -6.89 35.92 -37.26
C GLY C 10 -6.01 36.32 -38.42
N TYR C 11 -6.32 37.49 -39.00
CA TYR C 11 -5.70 37.87 -40.27
C TYR C 11 -4.20 38.14 -40.14
N ARG C 12 -3.70 38.49 -38.95
CA ARG C 12 -2.26 38.67 -38.80
C ARG C 12 -1.49 37.36 -38.84
N LEU C 13 -2.14 36.23 -38.54
CA LEU C 13 -1.50 34.93 -38.67
C LEU C 13 -1.65 34.33 -40.06
N ILE C 14 -2.40 34.98 -40.95
CA ILE C 14 -2.51 34.49 -42.32
C ILE C 14 -1.16 34.35 -43.00
N PRO C 15 -0.24 35.32 -42.92
CA PRO C 15 1.07 35.10 -43.55
C PRO C 15 1.83 33.91 -42.98
N MET C 16 1.74 33.66 -41.67
CA MET C 16 2.44 32.54 -41.06
C MET C 16 1.87 31.20 -41.51
N VAL C 17 0.60 31.16 -41.92
CA VAL C 17 -0.08 29.89 -42.14
C VAL C 17 -0.54 29.69 -43.58
N ASP C 18 -0.33 30.66 -44.45
CA ASP C 18 -0.77 30.53 -45.84
C ASP C 18 0.16 29.60 -46.59
N PHE C 19 -0.40 28.62 -47.30
CA PHE C 19 0.43 27.68 -48.04
C PHE C 19 1.13 28.37 -49.21
N GLN C 20 0.45 29.32 -49.85
CA GLN C 20 1.03 29.97 -51.04
C GLN C 20 2.15 30.93 -50.68
N GLN C 21 2.11 31.50 -49.48
CA GLN C 21 3.20 32.35 -49.01
C GLN C 21 4.33 31.49 -48.44
N ASP C 22 5.03 32.00 -47.43
CA ASP C 22 6.12 31.25 -46.82
C ASP C 22 5.58 30.01 -46.13
N GLY C 23 4.87 30.21 -45.02
CA GLY C 23 4.26 29.10 -44.31
C GLY C 23 5.25 28.18 -43.63
N GLU C 24 6.00 28.71 -42.66
CA GLU C 24 6.91 27.87 -41.89
C GLU C 24 6.19 26.95 -40.94
N LEU C 25 4.95 27.29 -40.55
CA LEU C 25 4.18 26.44 -39.65
C LEU C 25 3.86 25.10 -40.29
N LEU C 26 3.57 25.09 -41.59
CA LEU C 26 3.16 23.86 -42.24
C LEU C 26 4.27 22.82 -42.20
N GLY C 27 5.52 23.24 -42.39
CA GLY C 27 6.63 22.30 -42.29
C GLY C 27 6.77 21.74 -40.88
N ARG C 28 6.53 22.57 -39.86
CA ARG C 28 6.62 22.11 -38.49
C ARG C 28 5.49 21.14 -38.16
N ILE C 29 4.28 21.40 -38.67
CA ILE C 29 3.16 20.50 -38.43
C ILE C 29 3.42 19.12 -39.05
N ARG C 30 4.02 19.09 -40.25
CA ARG C 30 4.35 17.82 -40.87
C ARG C 30 5.39 17.06 -40.05
N SER C 31 6.41 17.75 -39.55
CA SER C 31 7.40 17.10 -38.71
C SER C 31 6.79 16.65 -37.38
N ILE C 32 5.82 17.41 -36.87
CA ILE C 32 5.13 17.01 -35.65
C ILE C 32 4.36 15.71 -35.88
N ARG C 33 3.62 15.64 -36.98
CA ARG C 33 2.85 14.43 -37.26
C ARG C 33 3.75 13.25 -37.59
N LYS C 34 4.93 13.50 -38.15
CA LYS C 34 5.85 12.41 -38.44
C LYS C 34 6.41 11.81 -37.16
N LYS C 35 6.96 12.64 -36.27
CA LYS C 35 7.50 12.13 -35.02
C LYS C 35 6.40 11.55 -34.14
N PHE C 36 5.18 12.08 -34.24
CA PHE C 36 4.08 11.52 -33.47
C PHE C 36 3.69 10.14 -33.97
N ALA C 37 3.86 9.89 -35.27
CA ALA C 37 3.56 8.56 -35.80
C ALA C 37 4.62 7.55 -35.38
N GLN C 38 5.87 7.99 -35.21
CA GLN C 38 6.95 7.10 -34.80
C GLN C 38 7.09 7.00 -33.29
N ASP C 39 6.60 7.98 -32.54
CA ASP C 39 6.67 7.94 -31.08
C ASP C 39 5.43 7.29 -30.47
N MET C 40 4.25 7.88 -30.70
CA MET C 40 3.03 7.32 -30.15
C MET C 40 2.45 6.19 -30.99
N GLY C 41 2.95 5.98 -32.21
CA GLY C 41 2.58 4.83 -33.01
C GLY C 41 1.38 4.99 -33.91
N PHE C 42 0.91 6.22 -34.14
CA PHE C 42 -0.20 6.42 -35.06
C PHE C 42 -0.13 7.83 -35.63
N LEU C 43 -0.54 7.96 -36.89
CA LEU C 43 -0.51 9.26 -37.56
C LEU C 43 -1.75 10.05 -37.18
N PRO C 44 -1.59 11.23 -36.57
CA PRO C 44 -2.76 12.03 -36.18
C PRO C 44 -3.41 12.64 -37.41
N PRO C 45 -4.68 13.07 -37.30
CA PRO C 45 -5.34 13.69 -38.45
C PRO C 45 -4.67 15.00 -38.84
N VAL C 46 -4.83 15.38 -40.10
CA VAL C 46 -4.29 16.66 -40.58
C VAL C 46 -5.04 17.81 -39.93
N VAL C 47 -4.38 18.96 -39.86
CA VAL C 47 -4.94 20.16 -39.25
C VAL C 47 -5.48 21.06 -40.35
N HIS C 48 -6.80 21.27 -40.34
CA HIS C 48 -7.48 22.13 -41.30
C HIS C 48 -7.46 23.56 -40.76
N ILE C 49 -6.70 24.43 -41.42
CA ILE C 49 -6.53 25.82 -41.00
C ILE C 49 -7.47 26.71 -41.82
N ARG C 50 -8.19 27.59 -41.13
CA ARG C 50 -9.17 28.47 -41.76
C ARG C 50 -9.14 29.82 -41.06
N ASP C 51 -9.21 30.90 -41.85
CA ASP C 51 -9.24 32.24 -41.27
C ASP C 51 -10.60 32.52 -40.62
N ASN C 52 -10.59 33.41 -39.63
CA ASN C 52 -11.81 33.80 -38.91
C ASN C 52 -11.65 35.28 -38.54
N MET C 53 -12.29 36.14 -39.33
CA MET C 53 -12.16 37.58 -39.13
C MET C 53 -12.85 38.10 -37.87
N ASP C 54 -13.69 37.30 -37.21
CA ASP C 54 -14.26 37.73 -35.94
C ASP C 54 -13.23 37.67 -34.81
N LEU C 55 -12.24 36.81 -34.93
CA LEU C 55 -11.18 36.74 -33.93
C LEU C 55 -10.33 38.01 -33.98
N GLN C 56 -9.58 38.23 -32.90
CA GLN C 56 -8.65 39.33 -32.85
C GLN C 56 -7.55 39.11 -33.88
N PRO C 57 -6.89 40.18 -34.32
CA PRO C 57 -5.89 40.04 -35.40
C PRO C 57 -4.81 38.99 -35.13
N ALA C 58 -4.32 38.90 -33.89
CA ALA C 58 -3.22 37.99 -33.56
C ALA C 58 -3.68 36.75 -32.80
N ARG C 59 -4.98 36.55 -32.65
CA ARG C 59 -5.51 35.43 -31.89
C ARG C 59 -5.75 34.22 -32.79
N TYR C 60 -5.57 33.03 -32.22
CA TYR C 60 -5.88 31.78 -32.90
C TYR C 60 -6.71 30.88 -32.00
N ARG C 61 -7.41 29.94 -32.63
CA ARG C 61 -8.21 28.94 -31.93
C ARG C 61 -7.86 27.56 -32.47
N ILE C 62 -7.99 26.56 -31.61
CA ILE C 62 -7.75 25.16 -31.97
C ILE C 62 -9.01 24.38 -31.64
N LEU C 63 -9.57 23.70 -32.65
CA LEU C 63 -10.84 23.02 -32.52
C LEU C 63 -10.67 21.54 -32.81
N MET C 64 -11.40 20.71 -32.05
CA MET C 64 -11.44 19.27 -32.27
C MET C 64 -12.91 18.89 -32.42
N LYS C 65 -13.30 18.54 -33.64
CA LYS C 65 -14.71 18.25 -33.95
C LYS C 65 -15.62 19.41 -33.55
N GLY C 66 -15.14 20.63 -33.76
CA GLY C 66 -15.88 21.84 -33.48
C GLY C 66 -15.72 22.41 -32.08
N VAL C 67 -15.13 21.65 -31.16
CA VAL C 67 -14.98 22.07 -29.77
C VAL C 67 -13.60 22.68 -29.59
N GLU C 68 -13.55 23.87 -28.99
CA GLU C 68 -12.28 24.54 -28.75
C GLU C 68 -11.50 23.86 -27.63
N ILE C 69 -10.27 23.45 -27.93
CA ILE C 69 -9.40 22.82 -26.95
C ILE C 69 -8.19 23.68 -26.62
N GLY C 70 -8.15 24.92 -27.11
CA GLY C 70 -7.02 25.79 -26.85
C GLY C 70 -7.01 27.08 -27.65
N SER C 71 -6.61 28.18 -27.01
CA SER C 71 -6.49 29.47 -27.67
C SER C 71 -5.10 30.05 -27.45
N GLY C 72 -4.89 31.28 -27.89
CA GLY C 72 -3.62 31.95 -27.69
C GLY C 72 -3.43 33.05 -28.70
N ASP C 73 -2.29 33.73 -28.59
CA ASP C 73 -1.90 34.77 -29.53
C ASP C 73 -0.56 34.44 -30.15
N ALA C 74 -0.32 35.00 -31.34
CA ALA C 74 0.95 34.81 -32.03
C ALA C 74 1.17 35.95 -33.01
N TYR C 75 2.39 36.48 -33.02
CA TYR C 75 2.78 37.58 -33.91
C TYR C 75 3.91 37.11 -34.82
N PRO C 76 3.66 36.93 -36.12
CA PRO C 76 4.66 36.23 -36.97
C PRO C 76 6.01 36.91 -37.08
N GLY C 77 6.07 38.23 -36.99
CA GLY C 77 7.37 38.88 -37.06
C GLY C 77 8.10 38.96 -35.75
N ARG C 78 7.50 38.50 -34.66
CA ARG C 78 7.99 38.74 -33.31
C ARG C 78 8.41 37.44 -32.64
N TRP C 79 9.07 37.59 -31.50
CA TRP C 79 9.49 36.48 -30.64
C TRP C 79 8.76 36.59 -29.31
N LEU C 80 8.51 35.43 -28.70
CA LEU C 80 7.85 35.36 -27.40
C LEU C 80 8.89 35.16 -26.31
N ALA C 81 8.95 36.11 -25.37
CA ALA C 81 9.90 36.07 -24.26
C ALA C 81 9.15 35.54 -23.03
N ILE C 82 9.43 34.29 -22.66
CA ILE C 82 8.73 33.65 -21.55
C ILE C 82 9.47 33.95 -20.25
N ASN C 83 8.72 34.35 -19.23
CA ASN C 83 9.28 34.62 -17.92
C ASN C 83 8.96 33.44 -17.00
N PRO C 84 9.93 32.58 -16.68
CA PRO C 84 9.66 31.45 -15.78
C PRO C 84 9.64 31.83 -14.30
N GLY C 85 9.62 33.11 -13.99
CA GLY C 85 9.65 33.59 -12.62
C GLY C 85 10.95 34.22 -12.21
N THR C 86 12.01 34.06 -13.02
CA THR C 86 13.33 34.54 -12.68
C THR C 86 13.81 35.68 -13.56
N ALA C 87 13.01 36.15 -14.51
CA ALA C 87 13.47 37.23 -15.37
C ALA C 87 13.55 38.55 -14.60
N ALA C 88 14.47 39.40 -15.03
CA ALA C 88 14.76 40.67 -14.35
C ALA C 88 14.60 41.81 -15.34
N GLY C 89 13.59 42.65 -15.13
CA GLY C 89 13.38 43.80 -15.99
C GLY C 89 12.04 43.76 -16.68
N THR C 90 11.88 44.67 -17.64
CA THR C 90 10.65 44.78 -18.42
C THR C 90 11.01 44.84 -19.90
N LEU C 91 10.07 44.40 -20.74
CA LEU C 91 10.28 44.33 -22.18
C LEU C 91 9.07 44.90 -22.90
N PRO C 92 9.26 45.86 -23.80
CA PRO C 92 8.12 46.38 -24.56
C PRO C 92 7.50 45.29 -25.42
N GLY C 93 6.18 45.28 -25.47
CA GLY C 93 5.47 44.30 -26.28
C GLY C 93 4.12 43.99 -25.66
N GLU C 94 3.43 43.03 -26.28
CA GLU C 94 2.12 42.59 -25.83
C GLU C 94 2.30 41.52 -24.76
N LYS C 95 1.86 41.81 -23.53
CA LYS C 95 1.92 40.81 -22.48
C LYS C 95 0.91 39.71 -22.71
N THR C 96 1.31 38.48 -22.44
CA THR C 96 0.48 37.32 -22.71
C THR C 96 0.84 36.17 -21.77
N VAL C 97 0.55 34.95 -22.21
CA VAL C 97 0.78 33.75 -21.43
C VAL C 97 1.28 32.68 -22.38
N ASP C 98 2.37 32.02 -22.01
CA ASP C 98 2.91 30.97 -22.86
C ASP C 98 1.90 29.83 -22.93
N PRO C 99 1.68 29.26 -24.12
CA PRO C 99 0.58 28.29 -24.28
C PRO C 99 0.86 26.91 -23.71
N ALA C 100 2.11 26.60 -23.36
CA ALA C 100 2.42 25.27 -22.86
C ALA C 100 2.29 25.18 -21.34
N PHE C 101 2.89 26.13 -20.61
CA PHE C 101 2.95 26.07 -19.16
C PHE C 101 2.18 27.18 -18.47
N GLY C 102 1.66 28.17 -19.21
CA GLY C 102 0.92 29.23 -18.57
C GLY C 102 1.76 30.31 -17.92
N LEU C 103 3.06 30.34 -18.18
CA LEU C 103 3.93 31.35 -17.57
C LEU C 103 3.69 32.71 -18.20
N ASP C 104 4.11 33.75 -17.49
CA ASP C 104 4.01 35.10 -18.02
C ASP C 104 5.00 35.25 -19.17
N ALA C 105 4.55 35.96 -20.21
CA ALA C 105 5.36 36.11 -21.41
C ALA C 105 5.00 37.42 -22.10
N ILE C 106 5.88 37.85 -23.00
CA ILE C 106 5.70 39.10 -23.75
C ILE C 106 6.13 38.84 -25.20
N TRP C 107 5.28 39.21 -26.15
CA TRP C 107 5.63 39.15 -27.58
C TRP C 107 6.45 40.39 -27.90
N ILE C 108 7.75 40.20 -28.13
CA ILE C 108 8.67 41.30 -28.37
C ILE C 108 9.11 41.27 -29.82
N GLU C 109 9.50 42.44 -30.32
CA GLU C 109 10.07 42.50 -31.67
C GLU C 109 11.38 41.71 -31.72
N SER C 110 11.72 41.24 -32.92
CA SER C 110 12.92 40.42 -33.07
C SER C 110 14.18 41.21 -32.73
N ALA C 111 14.11 42.53 -32.72
CA ALA C 111 15.29 43.34 -32.40
C ALA C 111 15.68 43.26 -30.93
N LEU C 112 14.83 42.66 -30.09
CA LEU C 112 15.02 42.65 -28.65
C LEU C 112 15.32 41.27 -28.08
N LYS C 113 15.56 40.27 -28.94
CA LYS C 113 15.79 38.91 -28.42
C LYS C 113 17.05 38.83 -27.58
N GLU C 114 18.10 39.59 -27.94
CA GLU C 114 19.32 39.59 -27.15
C GLU C 114 19.13 40.30 -25.81
N GLN C 115 18.28 41.33 -25.77
CA GLN C 115 17.94 41.95 -24.49
C GLN C 115 17.12 41.01 -23.63
N ALA C 116 16.27 40.19 -24.24
CA ALA C 116 15.46 39.27 -23.47
C ALA C 116 16.29 38.12 -22.91
N GLN C 117 17.41 37.79 -23.56
CA GLN C 117 18.23 36.67 -23.11
C GLN C 117 18.96 37.00 -21.81
N ILE C 118 19.69 38.11 -21.79
CA ILE C 118 20.47 38.47 -20.60
C ILE C 118 19.57 38.83 -19.42
N GLN C 119 18.30 39.16 -19.68
CA GLN C 119 17.37 39.48 -18.61
C GLN C 119 16.62 38.27 -18.10
N GLY C 120 16.98 37.07 -18.54
CA GLY C 120 16.47 35.84 -17.97
C GLY C 120 15.30 35.22 -18.70
N PHE C 121 14.74 35.89 -19.70
CA PHE C 121 13.60 35.33 -20.43
C PHE C 121 14.06 34.18 -21.32
N THR C 122 13.12 33.29 -21.61
CA THR C 122 13.29 32.24 -22.60
C THR C 122 12.57 32.69 -23.88
N VAL C 123 13.34 32.98 -24.92
CA VAL C 123 12.81 33.57 -26.15
C VAL C 123 12.59 32.45 -27.17
N VAL C 124 11.36 32.34 -27.67
CA VAL C 124 10.98 31.32 -28.64
C VAL C 124 10.41 32.01 -29.87
N GLU C 125 10.73 31.47 -31.05
CA GLU C 125 10.24 32.06 -32.29
C GLU C 125 8.73 31.84 -32.41
N ALA C 126 8.10 32.69 -33.24
CA ALA C 126 6.64 32.70 -33.30
C ALA C 126 6.08 31.39 -33.85
N SER C 127 6.66 30.90 -34.95
CA SER C 127 6.18 29.64 -35.53
C SER C 127 6.43 28.46 -34.60
N THR C 128 7.50 28.52 -33.79
CA THR C 128 7.76 27.45 -32.85
C THR C 128 6.73 27.45 -31.72
N VAL C 129 6.31 28.64 -31.29
CA VAL C 129 5.31 28.73 -30.23
C VAL C 129 4.01 28.04 -30.65
N VAL C 130 3.54 28.34 -31.86
CA VAL C 130 2.32 27.70 -32.35
C VAL C 130 2.53 26.21 -32.55
N ALA C 131 3.68 25.82 -33.11
CA ALA C 131 3.96 24.40 -33.32
C ALA C 131 4.06 23.65 -31.99
N THR C 132 4.75 24.23 -31.01
CA THR C 132 4.84 23.61 -29.70
C THR C 132 3.46 23.50 -29.05
N HIS C 133 2.64 24.54 -29.19
CA HIS C 133 1.28 24.48 -28.64
C HIS C 133 0.46 23.41 -29.33
N LEU C 134 0.53 23.36 -30.66
CA LEU C 134 -0.22 22.35 -31.40
C LEU C 134 0.24 20.94 -31.04
N ASN C 135 1.54 20.75 -30.87
CA ASN C 135 2.04 19.45 -30.46
C ASN C 135 1.58 19.08 -29.06
N HIS C 136 1.34 20.09 -28.21
CA HIS C 136 0.89 19.82 -26.84
C HIS C 136 -0.53 19.26 -26.84
N LEU C 137 -1.44 19.86 -27.61
CA LEU C 137 -2.82 19.35 -27.63
C LEU C 137 -2.90 17.97 -28.25
N ILE C 138 -2.08 17.68 -29.26
CA ILE C 138 -2.12 16.37 -29.90
C ILE C 138 -1.75 15.29 -28.89
N GLY C 139 -0.68 15.50 -28.12
CA GLY C 139 -0.32 14.56 -27.08
C GLY C 139 -1.33 14.49 -25.96
N GLN C 140 -1.95 15.62 -25.64
CA GLN C 140 -2.95 15.65 -24.56
C GLN C 140 -4.22 14.92 -24.98
N PHE C 141 -4.60 14.99 -26.25
CA PHE C 141 -5.82 14.36 -26.75
C PHE C 141 -5.54 13.21 -27.71
N SER C 142 -4.46 12.46 -27.46
CA SER C 142 -4.09 11.36 -28.36
C SER C 142 -5.21 10.33 -28.46
N ALA C 143 -5.89 10.05 -27.35
CA ALA C 143 -6.96 9.05 -27.36
C ALA C 143 -8.14 9.50 -28.21
N GLU C 144 -8.46 10.80 -28.18
CA GLU C 144 -9.61 11.28 -28.94
C GLU C 144 -9.35 11.25 -30.44
N LEU C 145 -8.17 11.69 -30.88
CA LEU C 145 -7.86 11.66 -32.31
C LEU C 145 -7.66 10.24 -32.84
N PHE C 146 -7.65 9.23 -31.99
CA PHE C 146 -7.49 7.84 -32.42
C PHE C 146 -8.86 7.18 -32.43
N GLY C 147 -9.63 7.48 -33.48
CA GLY C 147 -10.93 6.90 -33.66
C GLY C 147 -10.88 5.55 -34.34
N ARG C 148 -12.06 5.02 -34.66
CA ARG C 148 -12.12 3.74 -35.35
C ARG C 148 -11.52 3.84 -36.75
N GLN C 149 -11.54 5.04 -37.34
CA GLN C 149 -10.92 5.24 -38.64
C GLN C 149 -9.44 4.90 -38.60
N GLU C 150 -8.72 5.43 -37.60
CA GLU C 150 -7.31 5.10 -37.43
C GLU C 150 -7.10 3.70 -36.89
N ALA C 151 -8.10 3.14 -36.19
CA ALA C 151 -7.98 1.77 -35.69
C ALA C 151 -7.93 0.76 -36.83
N GLN C 152 -8.92 0.82 -37.73
CA GLN C 152 -8.89 -0.04 -38.91
C GLN C 152 -7.66 0.26 -39.76
N GLN C 153 -7.28 1.53 -39.87
CA GLN C 153 -6.09 1.90 -40.63
C GLN C 153 -4.84 1.30 -39.99
N LEU C 154 -4.76 1.31 -38.66
CA LEU C 154 -3.63 0.70 -37.98
C LEU C 154 -3.64 -0.81 -38.10
N LEU C 155 -4.83 -1.42 -38.15
CA LEU C 155 -4.90 -2.88 -38.24
C LEU C 155 -4.30 -3.39 -39.55
N ASP C 156 -4.72 -2.82 -40.68
CA ASP C 156 -4.08 -3.16 -41.95
C ASP C 156 -2.62 -2.76 -41.93
N ARG C 157 -2.29 -1.66 -41.26
CA ARG C 157 -0.91 -1.23 -41.13
C ARG C 157 -0.09 -2.23 -40.32
N VAL C 158 -0.69 -2.80 -39.27
CA VAL C 158 0.01 -3.81 -38.48
C VAL C 158 -0.13 -5.21 -39.07
N SER C 159 -1.04 -5.40 -40.03
CA SER C 159 -1.18 -6.70 -40.67
C SER C 159 -0.03 -7.02 -41.63
N GLN C 160 0.82 -6.04 -41.95
CA GLN C 160 1.94 -6.26 -42.87
C GLN C 160 3.24 -6.66 -42.19
N GLU C 161 3.47 -6.26 -40.94
CA GLU C 161 4.71 -6.67 -40.28
C GLU C 161 4.65 -8.14 -39.90
N MET C 162 3.60 -8.54 -39.18
CA MET C 162 3.39 -9.94 -38.78
C MET C 162 1.99 -10.33 -39.20
N PRO C 163 1.81 -10.75 -40.46
CA PRO C 163 0.45 -11.12 -40.90
C PRO C 163 -0.06 -12.38 -40.22
N LYS C 164 0.82 -13.27 -39.79
CA LYS C 164 0.37 -14.49 -39.13
C LYS C 164 -0.20 -14.19 -37.75
N LEU C 165 0.24 -13.12 -37.10
CA LEU C 165 -0.24 -12.79 -35.76
C LEU C 165 -1.57 -12.04 -35.82
N THR C 166 -1.68 -11.06 -36.71
CA THR C 166 -2.90 -10.25 -36.76
C THR C 166 -4.06 -11.01 -37.40
N GLU C 167 -3.77 -11.95 -38.29
CA GLU C 167 -4.83 -12.68 -38.98
C GLU C 167 -5.61 -13.56 -38.01
N ASP C 168 -4.91 -14.35 -37.20
CA ASP C 168 -5.56 -15.29 -36.29
C ASP C 168 -6.22 -14.60 -35.10
N LEU C 169 -5.90 -13.34 -34.85
CA LEU C 169 -6.40 -12.65 -33.66
C LEU C 169 -7.75 -11.99 -33.95
N VAL C 170 -7.72 -10.87 -34.66
CA VAL C 170 -8.96 -10.16 -35.00
C VAL C 170 -9.57 -10.80 -36.24
N PRO C 171 -10.88 -11.10 -36.23
CA PRO C 171 -11.80 -10.88 -35.12
C PRO C 171 -12.09 -12.15 -34.31
N GLY C 172 -11.19 -13.13 -34.38
CA GLY C 172 -11.40 -14.40 -33.71
C GLY C 172 -11.53 -14.26 -32.21
N VAL C 173 -10.43 -13.92 -31.53
CA VAL C 173 -10.48 -13.81 -30.08
C VAL C 173 -10.98 -12.43 -29.66
N VAL C 174 -10.49 -11.37 -30.31
CA VAL C 174 -10.92 -10.00 -30.04
C VAL C 174 -11.34 -9.33 -31.34
N THR C 175 -12.47 -8.63 -31.32
CA THR C 175 -12.93 -7.90 -32.48
C THR C 175 -12.20 -6.57 -32.61
N LEU C 176 -12.45 -5.87 -33.72
CA LEU C 176 -11.82 -4.58 -33.94
C LEU C 176 -12.30 -3.54 -32.93
N THR C 177 -13.55 -3.66 -32.45
CA THR C 177 -14.05 -2.70 -31.47
C THR C 177 -13.29 -2.81 -30.16
N THR C 178 -12.97 -4.04 -29.74
CA THR C 178 -12.25 -4.24 -28.49
C THR C 178 -10.80 -3.76 -28.60
N LEU C 179 -10.14 -4.08 -29.71
CA LEU C 179 -8.77 -3.62 -29.91
C LEU C 179 -8.69 -2.10 -29.92
N HIS C 180 -9.71 -1.44 -30.49
CA HIS C 180 -9.71 0.02 -30.52
C HIS C 180 -9.77 0.62 -29.12
N LYS C 181 -10.60 0.04 -28.24
CA LYS C 181 -10.75 0.57 -26.90
C LYS C 181 -9.51 0.34 -26.04
N VAL C 182 -8.83 -0.78 -26.25
CA VAL C 182 -7.59 -1.05 -25.51
C VAL C 182 -6.52 -0.04 -25.90
N LEU C 183 -6.36 0.20 -27.20
CA LEU C 183 -5.39 1.17 -27.66
C LEU C 183 -5.77 2.59 -27.24
N GLN C 184 -7.07 2.89 -27.17
CA GLN C 184 -7.50 4.20 -26.70
C GLN C 184 -7.17 4.41 -25.22
N ASN C 185 -7.40 3.38 -24.40
CA ASN C 185 -7.03 3.49 -22.99
C ASN C 185 -5.53 3.60 -22.81
N LEU C 186 -4.75 2.98 -23.69
CA LEU C 186 -3.30 3.09 -23.62
C LEU C 186 -2.85 4.51 -23.95
N LEU C 187 -3.36 5.06 -25.06
CA LEU C 187 -2.99 6.42 -25.45
C LEU C 187 -3.52 7.46 -24.47
N ALA C 188 -4.64 7.18 -23.81
CA ALA C 188 -5.20 8.13 -22.85
C ALA C 188 -4.26 8.40 -21.68
N GLU C 189 -3.35 7.48 -21.38
CA GLU C 189 -2.38 7.66 -20.31
C GLU C 189 -0.95 7.83 -20.82
N LYS C 190 -0.81 8.29 -22.07
CA LYS C 190 0.48 8.63 -22.68
C LYS C 190 1.41 7.44 -22.85
N VAL C 191 0.87 6.22 -22.91
CA VAL C 191 1.68 5.04 -23.18
C VAL C 191 1.66 4.77 -24.69
N PRO C 192 2.82 4.60 -25.33
CA PRO C 192 2.84 4.41 -26.78
C PRO C 192 2.37 3.03 -27.18
N ILE C 193 1.78 2.95 -28.37
CA ILE C 193 1.31 1.69 -28.92
C ILE C 193 2.22 1.24 -30.05
N ARG C 194 3.52 1.52 -29.92
CA ARG C 194 4.48 1.13 -30.95
C ARG C 194 4.63 -0.38 -31.02
N ASP C 195 4.84 -1.02 -29.88
CA ASP C 195 5.11 -2.46 -29.82
C ASP C 195 3.78 -3.21 -29.95
N MET C 196 3.32 -3.33 -31.19
CA MET C 196 2.10 -4.07 -31.46
C MET C 196 2.28 -5.57 -31.32
N ARG C 197 3.53 -6.04 -31.32
CA ARG C 197 3.79 -7.46 -31.08
C ARG C 197 3.37 -7.86 -29.67
N THR C 198 3.93 -7.20 -28.66
CA THR C 198 3.63 -7.56 -27.27
C THR C 198 2.17 -7.30 -26.94
N ILE C 199 1.58 -6.24 -27.49
CA ILE C 199 0.18 -5.94 -27.21
C ILE C 199 -0.71 -7.09 -27.68
N LEU C 200 -0.54 -7.52 -28.93
CA LEU C 200 -1.37 -8.58 -29.47
C LEU C 200 -0.99 -9.95 -28.92
N GLU C 201 0.30 -10.16 -28.62
CA GLU C 201 0.72 -11.44 -28.05
C GLU C 201 0.04 -11.69 -26.71
N THR C 202 0.12 -10.72 -25.80
CA THR C 202 -0.51 -10.87 -24.50
C THR C 202 -2.03 -10.75 -24.56
N LEU C 203 -2.57 -10.15 -25.62
CA LEU C 203 -4.02 -10.14 -25.79
C LEU C 203 -4.55 -11.54 -26.10
N ALA C 204 -3.86 -12.27 -26.99
CA ALA C 204 -4.28 -13.62 -27.35
C ALA C 204 -4.20 -14.58 -26.17
N GLU C 205 -3.38 -14.27 -25.16
CA GLU C 205 -3.26 -15.15 -24.01
C GLU C 205 -4.39 -14.93 -23.01
N HIS C 206 -5.00 -13.74 -23.01
CA HIS C 206 -6.07 -13.43 -22.07
C HIS C 206 -7.42 -13.16 -22.73
N ALA C 207 -7.47 -12.99 -24.05
CA ALA C 207 -8.75 -12.74 -24.71
C ALA C 207 -9.74 -13.89 -24.59
N PRO C 208 -9.36 -15.15 -24.84
CA PRO C 208 -10.35 -16.24 -24.68
C PRO C 208 -10.89 -16.38 -23.27
N LEU C 209 -10.20 -15.81 -22.27
CA LEU C 209 -10.63 -15.91 -20.88
C LEU C 209 -11.13 -14.59 -20.31
N GLN C 210 -10.87 -13.47 -20.98
CA GLN C 210 -11.28 -12.15 -20.50
C GLN C 210 -11.79 -11.33 -21.67
N SER C 211 -12.98 -10.75 -21.52
CA SER C 211 -13.59 -9.92 -22.55
C SER C 211 -13.91 -8.52 -22.04
N ASP C 212 -13.28 -8.09 -20.94
CA ASP C 212 -13.51 -6.78 -20.37
C ASP C 212 -12.42 -5.84 -20.85
N PRO C 213 -12.76 -4.71 -21.48
CA PRO C 213 -11.71 -3.82 -21.99
C PRO C 213 -10.80 -3.23 -20.92
N HIS C 214 -11.36 -2.83 -19.78
CA HIS C 214 -10.53 -2.27 -18.71
C HIS C 214 -9.58 -3.31 -18.13
N GLU C 215 -10.02 -4.57 -18.03
CA GLU C 215 -9.13 -5.61 -17.51
C GLU C 215 -8.03 -5.95 -18.52
N LEU C 216 -8.38 -6.05 -19.80
CA LEU C 216 -7.37 -6.33 -20.82
C LEU C 216 -6.37 -5.18 -20.92
N THR C 217 -6.82 -3.94 -20.72
CA THR C 217 -5.91 -2.81 -20.71
C THR C 217 -4.86 -2.95 -19.63
N ALA C 218 -5.27 -3.38 -18.43
CA ALA C 218 -4.34 -3.56 -17.32
C ALA C 218 -3.29 -4.62 -17.63
N VAL C 219 -3.71 -5.73 -18.23
CA VAL C 219 -2.75 -6.79 -18.55
C VAL C 219 -1.73 -6.32 -19.58
N VAL C 220 -2.18 -5.53 -20.56
CA VAL C 220 -1.27 -5.03 -21.59
C VAL C 220 -0.26 -4.05 -21.01
N ARG C 221 -0.70 -3.21 -20.08
CA ARG C 221 0.20 -2.23 -19.49
C ARG C 221 1.30 -2.92 -18.69
N VAL C 222 0.99 -4.03 -18.04
CA VAL C 222 2.01 -4.78 -17.32
C VAL C 222 2.99 -5.41 -18.30
N ALA C 223 2.49 -5.89 -19.45
CA ALA C 223 3.37 -6.42 -20.48
C ALA C 223 4.24 -5.32 -21.07
N LEU C 224 3.72 -4.10 -21.16
CA LEU C 224 4.47 -2.95 -21.63
C LEU C 224 5.18 -2.22 -20.50
N GLY C 225 5.31 -2.86 -19.33
CA GLY C 225 5.93 -2.19 -18.19
C GLY C 225 7.37 -1.84 -18.43
N ARG C 226 8.08 -2.64 -19.22
CA ARG C 226 9.47 -2.35 -19.53
C ARG C 226 9.59 -1.06 -20.33
N ALA C 227 8.65 -0.83 -21.25
CA ALA C 227 8.65 0.40 -22.04
C ALA C 227 8.15 1.60 -21.24
N ILE C 228 7.14 1.38 -20.39
CA ILE C 228 6.60 2.47 -19.59
C ILE C 228 7.63 2.96 -18.59
N THR C 229 8.45 2.05 -18.05
CA THR C 229 9.49 2.45 -17.11
C THR C 229 10.52 3.37 -17.78
N GLN C 230 11.03 2.96 -18.94
CA GLN C 230 12.03 3.76 -19.63
C GLN C 230 11.48 5.07 -20.15
N GLN C 231 10.16 5.17 -20.36
CA GLN C 231 9.59 6.41 -20.86
C GLN C 231 9.72 7.53 -19.84
N TRP C 232 9.50 7.21 -18.55
CA TRP C 232 9.56 8.21 -17.49
C TRP C 232 10.83 8.12 -16.65
N PHE C 233 11.61 7.04 -16.78
CA PHE C 233 12.87 6.88 -16.05
C PHE C 233 13.90 6.28 -16.99
N PRO C 234 14.43 7.08 -17.94
CA PRO C 234 15.39 6.59 -18.92
C PRO C 234 16.75 6.27 -18.30
N GLU C 237 19.74 5.31 -13.31
CA GLU C 237 19.93 5.61 -11.90
C GLU C 237 18.70 5.29 -11.05
N GLU C 238 18.62 5.91 -9.88
CA GLU C 238 17.57 5.64 -8.91
C GLU C 238 16.25 6.25 -9.36
N VAL C 239 15.19 5.45 -9.31
CA VAL C 239 13.85 5.87 -9.70
C VAL C 239 13.18 6.54 -8.50
N GLN C 240 12.78 7.80 -8.69
CA GLN C 240 12.22 8.62 -7.62
C GLN C 240 10.76 8.88 -7.93
N VAL C 241 9.86 8.29 -7.13
CA VAL C 241 8.43 8.35 -7.39
C VAL C 241 7.72 8.90 -6.16
N ILE C 242 6.50 9.36 -6.39
CA ILE C 242 5.59 9.73 -5.31
C ILE C 242 4.85 8.48 -4.86
N GLY C 243 4.53 8.41 -3.56
CA GLY C 243 3.82 7.28 -3.01
C GLY C 243 2.70 7.72 -2.09
N LEU C 244 1.88 6.74 -1.70
CA LEU C 244 0.79 6.98 -0.77
C LEU C 244 1.22 6.61 0.64
N ASP C 245 0.77 7.39 1.62
CA ASP C 245 0.91 7.01 3.01
C ASP C 245 0.17 5.71 3.25
N THR C 246 0.80 4.79 3.99
CA THR C 246 0.21 3.48 4.23
C THR C 246 -1.17 3.58 4.87
N ALA C 247 -1.38 4.58 5.73
CA ALA C 247 -2.70 4.80 6.30
C ALA C 247 -3.70 5.20 5.22
N LEU C 248 -3.27 6.03 4.26
CA LEU C 248 -4.15 6.41 3.17
C LEU C 248 -4.38 5.23 2.22
N GLU C 249 -3.35 4.42 2.00
CA GLU C 249 -3.46 3.31 1.07
C GLU C 249 -4.52 2.30 1.50
N ARG C 250 -4.58 1.99 2.80
CA ARG C 250 -5.61 1.05 3.26
C ARG C 250 -6.99 1.69 3.26
N LEU C 251 -7.06 3.02 3.44
CA LEU C 251 -8.34 3.71 3.36
C LEU C 251 -8.92 3.64 1.96
N LEU C 252 -8.07 3.77 0.94
CA LEU C 252 -8.55 3.72 -0.43
C LEU C 252 -8.97 2.31 -0.81
N LEU C 253 -8.20 1.30 -0.37
CA LEU C 253 -8.60 -0.08 -0.59
C LEU C 253 -9.91 -0.39 0.10
N GLN C 254 -10.14 0.22 1.27
CA GLN C 254 -11.43 0.09 1.93
C GLN C 254 -12.52 0.81 1.13
N ALA C 255 -12.18 1.98 0.56
CA ALA C 255 -13.13 2.70 -0.28
C ALA C 255 -13.42 1.92 -1.55
N LEU C 256 -12.40 1.24 -2.10
CA LEU C 256 -12.59 0.43 -3.29
C LEU C 256 -13.43 -0.81 -2.98
N GLN C 257 -13.34 -1.32 -1.75
CA GLN C 257 -14.16 -2.47 -1.38
C GLN C 257 -15.56 -2.03 -0.99
N GLY C 258 -15.72 -0.79 -0.55
CA GLY C 258 -17.04 -0.27 -0.26
C GLY C 258 -17.88 -0.11 -1.52
N GLY C 259 -17.54 0.89 -2.33
CA GLY C 259 -18.25 1.16 -3.56
C GLY C 259 -17.36 1.88 -4.55
N GLY C 260 -17.92 2.11 -5.74
CA GLY C 260 -17.19 2.82 -6.77
C GLY C 260 -17.07 4.29 -6.43
N GLY C 261 -15.84 4.80 -6.34
CA GLY C 261 -15.64 6.21 -6.04
C GLY C 261 -15.45 6.46 -4.56
N LEU C 262 -14.73 7.54 -4.26
CA LEU C 262 -14.43 7.91 -2.88
C LEU C 262 -15.61 8.64 -2.26
N GLU C 263 -15.35 9.39 -1.19
CA GLU C 263 -16.36 10.17 -0.52
C GLU C 263 -16.00 11.65 -0.65
N PRO C 264 -16.95 12.51 -1.03
CA PRO C 264 -16.64 13.94 -1.15
C PRO C 264 -16.19 14.53 0.18
N GLY C 265 -14.96 15.04 0.19
CA GLY C 265 -14.31 15.47 1.40
C GLY C 265 -12.94 14.86 1.53
N LEU C 266 -12.89 13.53 1.53
CA LEU C 266 -11.61 12.85 1.38
C LEU C 266 -11.06 13.03 -0.03
N ALA C 267 -11.95 13.20 -1.02
CA ALA C 267 -11.51 13.44 -2.38
C ALA C 267 -10.85 14.82 -2.50
N ASP C 268 -11.41 15.83 -1.84
CA ASP C 268 -10.81 17.16 -1.89
C ASP C 268 -9.45 17.19 -1.19
N ARG C 269 -9.33 16.48 -0.07
CA ARG C 269 -8.02 16.39 0.60
C ARG C 269 -7.03 15.56 -0.22
N LEU C 270 -7.51 14.49 -0.85
CA LEU C 270 -6.63 13.68 -1.68
C LEU C 270 -6.13 14.49 -2.89
N LEU C 271 -7.00 15.32 -3.47
CA LEU C 271 -6.56 16.18 -4.57
C LEU C 271 -5.56 17.21 -4.08
N ALA C 272 -5.82 17.84 -2.93
CA ALA C 272 -4.90 18.84 -2.42
C ALA C 272 -3.56 18.22 -2.02
N GLN C 273 -3.60 17.14 -1.25
CA GLN C 273 -2.37 16.48 -0.83
C GLN C 273 -1.58 15.94 -2.01
N THR C 274 -2.26 15.55 -3.09
CA THR C 274 -1.56 15.11 -4.29
C THR C 274 -0.89 16.28 -4.99
N GLN C 275 -1.61 17.40 -5.13
CA GLN C 275 -1.03 18.57 -5.79
C GLN C 275 0.14 19.13 -5.00
N GLU C 276 0.03 19.13 -3.66
CA GLU C 276 1.17 19.55 -2.85
C GLU C 276 2.34 18.58 -2.97
N ALA C 277 2.06 17.29 -3.15
CA ALA C 277 3.13 16.33 -3.34
C ALA C 277 3.82 16.52 -4.69
N LEU C 278 3.07 16.99 -5.70
CA LEU C 278 3.69 17.29 -6.99
C LEU C 278 4.64 18.47 -6.87
N SER C 279 4.29 19.45 -6.02
CA SER C 279 5.17 20.58 -5.78
C SER C 279 6.41 20.14 -5.03
N ARG C 280 6.23 19.29 -4.02
CA ARG C 280 7.36 18.74 -3.28
C ARG C 280 8.22 17.89 -4.20
N GLN C 281 7.61 17.18 -5.15
CA GLN C 281 8.39 16.41 -6.12
C GLN C 281 9.12 17.31 -7.12
N GLU C 282 8.54 18.47 -7.46
CA GLU C 282 9.19 19.35 -8.43
C GLU C 282 10.42 20.03 -7.83
N MET C 283 10.34 20.42 -6.55
CA MET C 283 11.48 21.05 -5.90
C MET C 283 12.66 20.10 -5.70
N LEU C 284 12.46 18.80 -5.87
CA LEU C 284 13.52 17.81 -5.75
C LEU C 284 14.07 17.38 -7.09
N GLY C 285 13.52 17.89 -8.20
CA GLY C 285 13.96 17.49 -9.52
C GLY C 285 13.61 16.06 -9.91
N ALA C 286 12.47 15.56 -9.43
CA ALA C 286 12.07 14.20 -9.72
C ALA C 286 10.84 14.19 -10.63
N PRO C 287 10.64 13.12 -11.41
CA PRO C 287 9.52 13.10 -12.34
C PRO C 287 8.21 13.04 -11.59
N PRO C 288 7.13 13.61 -12.15
CA PRO C 288 5.84 13.66 -11.46
C PRO C 288 5.01 12.39 -11.64
N VAL C 289 5.55 11.27 -11.18
CA VAL C 289 4.89 9.98 -11.30
C VAL C 289 4.56 9.45 -9.92
N LEU C 290 3.40 8.80 -9.80
CA LEU C 290 2.91 8.26 -8.54
C LEU C 290 2.80 6.75 -8.67
N LEU C 291 3.59 6.02 -7.87
CA LEU C 291 3.56 4.56 -7.87
C LEU C 291 2.63 4.09 -6.76
N VAL C 292 1.61 3.32 -7.14
CA VAL C 292 0.58 2.86 -6.22
C VAL C 292 0.35 1.36 -6.42
N ASN C 293 -0.40 0.78 -5.49
CA ASN C 293 -0.79 -0.61 -5.57
C ASN C 293 -1.58 -0.88 -6.85
N HIS C 294 -1.47 -2.11 -7.36
CA HIS C 294 -2.10 -2.46 -8.62
C HIS C 294 -3.62 -2.29 -8.55
N ALA C 295 -4.20 -2.61 -7.39
CA ALA C 295 -5.65 -2.51 -7.25
C ALA C 295 -6.14 -1.06 -7.23
N LEU C 296 -5.27 -0.11 -6.91
CA LEU C 296 -5.66 1.29 -6.81
C LEU C 296 -5.32 2.11 -8.05
N ARG C 297 -4.57 1.55 -9.00
CA ARG C 297 -4.09 2.33 -10.13
C ARG C 297 -5.21 2.85 -11.03
N PRO C 298 -6.15 2.01 -11.49
CA PRO C 298 -7.22 2.55 -12.35
C PRO C 298 -8.13 3.55 -11.64
N LEU C 299 -8.39 3.35 -10.35
CA LEU C 299 -9.24 4.28 -9.60
C LEU C 299 -8.59 5.65 -9.52
N LEU C 300 -7.35 5.70 -9.03
CA LEU C 300 -6.65 6.98 -8.88
C LEU C 300 -6.36 7.61 -10.23
N SER C 301 -6.20 6.81 -11.28
CA SER C 301 -5.96 7.37 -12.60
C SER C 301 -7.14 8.20 -13.08
N ARG C 302 -8.34 7.61 -13.10
CA ARG C 302 -9.51 8.34 -13.54
C ARG C 302 -9.82 9.53 -12.66
N PHE C 303 -9.44 9.47 -11.38
CA PHE C 303 -9.77 10.57 -10.47
C PHE C 303 -8.73 11.69 -10.50
N LEU C 304 -7.45 11.35 -10.37
CA LEU C 304 -6.42 12.39 -10.29
C LEU C 304 -6.16 13.03 -11.64
N ARG C 305 -6.00 12.22 -12.68
CA ARG C 305 -5.68 12.75 -14.01
C ARG C 305 -6.82 13.60 -14.57
N ARG C 306 -8.02 13.47 -14.02
CA ARG C 306 -9.13 14.33 -14.44
C ARG C 306 -8.84 15.79 -14.11
N SER C 307 -8.19 16.04 -12.97
CA SER C 307 -7.85 17.39 -12.55
C SER C 307 -6.38 17.75 -12.79
N LEU C 308 -5.46 16.80 -12.59
CA LEU C 308 -4.03 17.02 -12.76
C LEU C 308 -3.54 16.10 -13.88
N PRO C 309 -3.67 16.51 -15.14
CA PRO C 309 -3.24 15.63 -16.23
C PRO C 309 -1.74 15.38 -16.27
N GLN C 310 -0.93 16.31 -15.77
CA GLN C 310 0.52 16.13 -15.79
C GLN C 310 0.97 14.98 -14.91
N LEU C 311 0.12 14.52 -14.00
CA LEU C 311 0.47 13.42 -13.11
C LEU C 311 0.27 12.09 -13.82
N VAL C 312 1.24 11.19 -13.63
CA VAL C 312 1.16 9.82 -14.14
C VAL C 312 1.10 8.88 -12.95
N VAL C 313 0.17 7.94 -12.99
CA VAL C 313 -0.04 6.97 -11.91
C VAL C 313 0.27 5.59 -12.46
N LEU C 314 1.33 4.97 -11.93
CA LEU C 314 1.79 3.66 -12.35
C LEU C 314 1.49 2.63 -11.27
N SER C 315 1.36 1.37 -11.70
CA SER C 315 1.12 0.27 -10.78
C SER C 315 2.44 -0.36 -10.38
N ASN C 316 2.45 -1.00 -9.20
CA ASN C 316 3.67 -1.66 -8.74
C ASN C 316 4.03 -2.83 -9.64
N LEU C 317 3.05 -3.46 -10.27
CA LEU C 317 3.28 -4.59 -11.17
C LEU C 317 3.84 -4.15 -12.51
N GLU C 318 3.90 -2.85 -12.79
CA GLU C 318 4.38 -2.34 -14.07
C GLU C 318 5.82 -1.86 -14.02
N LEU C 319 6.27 -1.35 -12.87
CA LEU C 319 7.66 -0.92 -12.75
C LEU C 319 8.58 -2.13 -12.82
N SER C 320 9.71 -1.97 -13.49
CA SER C 320 10.66 -3.05 -13.64
C SER C 320 11.25 -3.44 -12.29
N ASP C 321 11.37 -4.76 -12.06
CA ASP C 321 11.83 -5.26 -10.77
C ASP C 321 13.32 -5.02 -10.54
N ASN C 322 14.06 -4.60 -11.56
CA ASN C 322 15.49 -4.39 -11.42
C ASN C 322 15.87 -2.96 -11.05
N ARG C 323 14.93 -2.02 -11.13
CA ARG C 323 15.24 -0.62 -10.85
C ARG C 323 15.26 -0.37 -9.34
N HIS C 324 16.08 0.59 -8.93
CA HIS C 324 16.21 0.98 -7.53
C HIS C 324 15.22 2.09 -7.25
N ILE C 325 14.17 1.78 -6.49
CA ILE C 325 13.07 2.71 -6.23
C ILE C 325 13.31 3.40 -4.89
N ARG C 326 13.13 4.72 -4.87
CA ARG C 326 13.12 5.50 -3.64
C ARG C 326 11.91 6.41 -3.66
N MET C 327 11.14 6.41 -2.60
CA MET C 327 9.97 7.27 -2.49
C MET C 327 10.41 8.62 -1.93
N THR C 328 10.42 9.65 -2.77
CA THR C 328 10.90 10.97 -2.38
C THR C 328 9.79 11.87 -1.89
N ALA C 329 8.52 11.50 -2.09
CA ALA C 329 7.40 12.30 -1.63
C ALA C 329 6.24 11.38 -1.30
N THR C 330 5.37 11.85 -0.41
CA THR C 330 4.24 11.07 0.07
C THR C 330 2.99 11.93 0.04
N ILE C 331 1.87 11.32 -0.33
CA ILE C 331 0.58 11.99 -0.34
C ILE C 331 -0.14 11.59 0.95
N GLY C 332 -0.37 12.57 1.81
CA GLY C 332 -1.04 12.32 3.08
C GLY C 332 -0.19 12.67 4.29
N SER D 5 -14.01 -17.09 -25.64
CA SER D 5 -14.56 -15.74 -25.67
C SER D 5 -15.96 -15.73 -26.29
N ILE D 6 -16.96 -16.08 -25.48
CA ILE D 6 -18.33 -16.13 -25.98
C ILE D 6 -18.89 -14.73 -26.18
N ASP D 7 -18.55 -13.79 -25.30
CA ASP D 7 -19.05 -12.42 -25.45
C ASP D 7 -18.55 -11.77 -26.74
N GLU D 8 -17.33 -12.11 -27.17
CA GLU D 8 -16.80 -11.53 -28.39
C GLU D 8 -17.47 -12.12 -29.63
N THR D 9 -17.79 -13.42 -29.60
CA THR D 9 -18.42 -14.05 -30.75
C THR D 9 -19.90 -13.67 -30.87
N VAL D 10 -20.56 -13.42 -29.74
CA VAL D 10 -21.95 -12.96 -29.80
C VAL D 10 -22.03 -11.59 -30.46
N ALA D 11 -21.07 -10.72 -30.16
CA ALA D 11 -21.00 -9.42 -30.82
C ALA D 11 -20.89 -9.57 -32.33
N ARG D 12 -20.10 -10.55 -32.78
CA ARG D 12 -20.00 -10.80 -34.21
C ARG D 12 -21.31 -11.31 -34.78
N TYR D 13 -22.03 -12.14 -34.01
CA TYR D 13 -23.35 -12.60 -34.45
C TYR D 13 -24.32 -11.43 -34.58
N LYS D 14 -24.31 -10.51 -33.61
CA LYS D 14 -25.20 -9.35 -33.68
C LYS D 14 -24.83 -8.44 -34.84
N ALA D 15 -23.52 -8.21 -35.06
CA ALA D 15 -23.09 -7.34 -36.14
C ALA D 15 -23.45 -7.91 -37.50
N GLN D 16 -23.23 -9.21 -37.68
CA GLN D 16 -23.60 -9.84 -38.95
C GLN D 16 -25.11 -9.87 -39.15
N PHE D 17 -25.88 -9.96 -38.06
CA PHE D 17 -27.33 -9.97 -38.17
C PHE D 17 -27.83 -8.65 -38.77
N THR D 18 -27.33 -7.53 -38.27
CA THR D 18 -27.80 -6.24 -38.75
C THR D 18 -27.31 -5.98 -40.16
N GLN D 19 -26.09 -6.41 -40.48
CA GLN D 19 -25.57 -6.21 -41.84
C GLN D 19 -26.36 -7.02 -42.86
N LEU D 20 -26.69 -8.27 -42.52
CA LEU D 20 -27.48 -9.08 -43.43
C LEU D 20 -28.92 -8.61 -43.53
N ASP D 21 -29.47 -8.09 -42.42
CA ASP D 21 -30.84 -7.56 -42.46
C ASP D 21 -30.90 -6.28 -43.29
N THR D 22 -29.86 -5.45 -43.23
CA THR D 22 -29.80 -4.26 -44.06
C THR D 22 -29.71 -4.64 -45.53
N MET D 23 -28.97 -5.70 -45.85
CA MET D 23 -28.90 -6.17 -47.23
C MET D 23 -30.24 -6.72 -47.69
N MET D 24 -30.95 -7.42 -46.80
CA MET D 24 -32.26 -7.95 -47.16
C MET D 24 -33.31 -6.86 -47.34
N SER D 25 -33.07 -5.67 -46.79
CA SER D 25 -33.97 -4.55 -47.03
C SER D 25 -33.65 -3.87 -48.36
N LYS D 26 -32.37 -3.61 -48.62
CA LYS D 26 -31.97 -3.10 -49.92
C LYS D 26 -32.26 -4.11 -51.03
N LEU D 27 -32.42 -5.38 -50.67
CA LEU D 27 -32.78 -6.38 -51.67
C LEU D 27 -34.20 -6.15 -52.19
N ASN D 28 -35.08 -5.57 -51.39
CA ASN D 28 -36.42 -5.27 -51.85
C ASN D 28 -36.47 -3.95 -52.61
N ASN D 29 -35.55 -3.02 -52.32
CA ASN D 29 -35.47 -1.80 -53.11
C ASN D 29 -35.04 -2.10 -54.54
N THR D 30 -34.16 -3.08 -54.73
CA THR D 30 -33.73 -3.46 -56.07
C THR D 30 -34.68 -4.48 -56.71
N SER D 31 -35.51 -5.15 -55.92
CA SER D 31 -36.46 -6.10 -56.49
C SER D 31 -37.61 -5.37 -57.18
N SER D 32 -37.99 -4.19 -56.68
CA SER D 32 -39.00 -3.38 -57.34
C SER D 32 -38.46 -2.68 -58.57
N TYR D 33 -37.18 -2.29 -58.55
CA TYR D 33 -36.59 -1.64 -59.72
C TYR D 33 -36.39 -2.62 -60.87
N LEU D 34 -36.05 -3.87 -60.55
CA LEU D 34 -35.81 -4.84 -61.61
C LEU D 34 -37.11 -5.40 -62.18
N THR D 35 -38.15 -5.54 -61.35
CA THR D 35 -39.41 -6.06 -61.85
C THR D 35 -40.11 -5.06 -62.77
N GLN D 36 -39.97 -3.76 -62.50
CA GLN D 36 -40.58 -2.75 -63.36
C GLN D 36 -39.79 -2.56 -64.64
N GLN D 37 -38.46 -2.62 -64.57
CA GLN D 37 -37.66 -2.57 -65.78
C GLN D 37 -37.76 -3.84 -66.60
N PHE D 38 -38.11 -4.97 -65.97
CA PHE D 38 -38.34 -6.20 -66.71
C PHE D 38 -39.61 -6.10 -67.55
N THR D 39 -40.70 -5.65 -66.95
CA THR D 39 -41.96 -5.50 -67.68
C THR D 39 -41.90 -4.38 -68.71
N ALA D 40 -40.94 -3.48 -68.61
CA ALA D 40 -40.75 -2.42 -69.60
C ALA D 40 -40.03 -2.91 -70.85
N MET D 41 -39.66 -4.19 -70.91
CA MET D 41 -39.00 -4.78 -72.08
C MET D 41 -39.76 -6.01 -72.56
N ASN D 42 -41.09 -5.95 -72.51
CA ASN D 42 -41.93 -7.03 -73.02
C ASN D 42 -43.19 -6.47 -73.68
N THR D 59 -20.21 0.60 -81.42
CA THR D 59 -21.63 0.93 -81.26
C THR D 59 -22.05 0.71 -79.81
N SER D 60 -23.02 1.50 -79.35
CA SER D 60 -23.47 1.42 -77.97
C SER D 60 -24.32 0.19 -77.68
N THR D 61 -24.65 -0.61 -78.70
CA THR D 61 -25.46 -1.80 -78.46
C THR D 61 -24.73 -2.81 -77.59
N VAL D 62 -23.40 -2.87 -77.69
CA VAL D 62 -22.65 -3.82 -76.89
C VAL D 62 -22.63 -3.39 -75.42
N GLU D 63 -22.36 -2.12 -75.16
CA GLU D 63 -22.41 -1.65 -73.78
C GLU D 63 -23.83 -1.41 -73.30
N PHE D 64 -24.72 -2.36 -73.59
CA PHE D 64 -26.07 -2.40 -73.05
C PHE D 64 -26.34 -3.83 -72.61
N ILE D 65 -25.77 -4.78 -73.35
CA ILE D 65 -25.84 -6.17 -72.93
C ILE D 65 -24.96 -6.40 -71.71
N ASN D 66 -23.79 -5.76 -71.67
CA ASN D 66 -22.87 -5.94 -70.56
C ASN D 66 -23.38 -5.31 -69.29
N ARG D 67 -24.09 -4.18 -69.40
CA ARG D 67 -24.64 -3.55 -68.21
C ARG D 67 -25.73 -4.40 -67.56
N TRP D 68 -26.49 -5.15 -68.37
CA TRP D 68 -27.47 -6.07 -67.82
C TRP D 68 -26.92 -7.46 -67.56
N GLN D 69 -25.77 -7.79 -68.13
CA GLN D 69 -25.11 -9.05 -67.81
C GLN D 69 -24.28 -8.95 -66.53
N ARG D 70 -23.70 -7.78 -66.25
CA ARG D 70 -22.97 -7.61 -64.99
C ARG D 70 -23.92 -7.69 -63.80
N ILE D 71 -25.17 -7.24 -63.97
CA ILE D 71 -26.16 -7.39 -62.90
C ILE D 71 -26.52 -8.85 -62.72
N ALA D 72 -26.74 -9.57 -63.83
CA ALA D 72 -27.10 -10.98 -63.74
C ALA D 72 -25.94 -11.82 -63.20
N LEU D 73 -24.70 -11.38 -63.45
CA LEU D 73 -23.54 -12.14 -62.97
C LEU D 73 -23.29 -11.88 -61.49
N LEU D 74 -23.41 -10.61 -61.06
CA LEU D 74 -23.20 -10.31 -59.65
C LEU D 74 -24.30 -10.91 -58.77
N SER D 75 -25.53 -10.97 -59.28
CA SER D 75 -26.59 -11.66 -58.54
C SER D 75 -26.31 -13.15 -58.47
N GLN D 76 -25.62 -13.69 -59.47
CA GLN D 76 -25.18 -15.09 -59.41
C GLN D 76 -24.09 -15.27 -58.37
N SER D 77 -23.20 -14.28 -58.24
CA SER D 77 -22.13 -14.35 -57.25
C SER D 77 -22.69 -14.36 -55.84
N LEU D 78 -23.68 -13.51 -55.57
CA LEU D 78 -24.28 -13.45 -54.23
C LEU D 78 -24.98 -14.74 -53.89
N LEU D 79 -25.68 -15.35 -54.85
CA LEU D 79 -26.38 -16.60 -54.59
C LEU D 79 -25.40 -17.74 -54.34
N GLU D 80 -24.29 -17.76 -55.07
CA GLU D 80 -23.29 -18.81 -54.85
C GLU D 80 -22.61 -18.63 -53.49
N LEU D 81 -22.31 -17.38 -53.11
CA LEU D 81 -21.71 -17.13 -51.81
C LEU D 81 -22.68 -17.43 -50.67
N ALA D 82 -23.98 -17.26 -50.91
CA ALA D 82 -24.96 -17.60 -49.87
C ALA D 82 -25.08 -19.11 -49.70
N GLN D 83 -25.04 -19.84 -50.81
CA GLN D 83 -25.13 -21.30 -50.73
C GLN D 83 -23.90 -21.91 -50.08
N ARG D 84 -22.74 -21.27 -50.25
CA ARG D 84 -21.48 -21.75 -49.69
C ARG D 84 -21.15 -21.15 -48.33
N GLY D 85 -22.01 -20.30 -47.79
CA GLY D 85 -21.81 -19.77 -46.45
C GLY D 85 -20.73 -18.72 -46.32
N GLU D 86 -20.27 -18.14 -47.43
CA GLU D 86 -19.25 -17.09 -47.38
C GLU D 86 -19.93 -15.74 -47.13
N TRP D 87 -20.38 -15.58 -45.88
CA TRP D 87 -21.18 -14.40 -45.54
C TRP D 87 -20.33 -13.13 -45.49
N ASP D 88 -19.07 -13.25 -45.09
CA ASP D 88 -18.20 -12.08 -45.08
C ASP D 88 -17.91 -11.59 -46.50
N LEU D 89 -17.64 -12.52 -47.42
CA LEU D 89 -17.47 -12.14 -48.82
C LEU D 89 -18.79 -11.72 -49.45
N LEU D 90 -19.90 -12.27 -48.97
CA LEU D 90 -21.22 -11.88 -49.49
C LEU D 90 -21.51 -10.42 -49.20
N LEU D 91 -21.00 -9.90 -48.08
CA LEU D 91 -21.21 -8.50 -47.74
C LEU D 91 -20.25 -7.58 -48.48
N GLN D 92 -19.12 -8.08 -48.95
CA GLN D 92 -18.21 -7.27 -49.75
C GLN D 92 -18.71 -7.16 -51.19
N GLN D 93 -19.32 -8.21 -51.71
CA GLN D 93 -19.90 -8.17 -53.05
C GLN D 93 -21.21 -7.42 -53.11
N GLU D 94 -21.85 -7.14 -51.97
CA GLU D 94 -23.09 -6.37 -51.99
C GLU D 94 -22.84 -4.96 -52.52
N VAL D 95 -21.68 -4.39 -52.21
CA VAL D 95 -21.38 -3.03 -52.65
C VAL D 95 -21.28 -2.99 -54.17
N SER D 96 -20.50 -3.89 -54.75
CA SER D 96 -20.36 -3.92 -56.20
C SER D 96 -21.68 -4.27 -56.89
N TYR D 97 -22.53 -5.07 -56.24
CA TYR D 97 -23.83 -5.37 -56.81
C TYR D 97 -24.73 -4.15 -56.78
N LEU D 98 -24.60 -3.30 -55.77
CA LEU D 98 -25.39 -2.08 -55.71
C LEU D 98 -24.85 -1.02 -56.64
N GLN D 99 -23.53 -0.96 -56.84
CA GLN D 99 -22.97 -0.02 -57.81
C GLN D 99 -23.36 -0.39 -59.23
N SER D 100 -23.50 -1.69 -59.52
CA SER D 100 -23.82 -2.11 -60.88
C SER D 100 -25.26 -1.80 -61.24
N ILE D 101 -26.17 -1.83 -60.27
CA ILE D 101 -27.56 -1.52 -60.59
C ILE D 101 -27.74 -0.03 -60.83
N GLU D 102 -26.97 0.80 -60.13
CA GLU D 102 -27.09 2.25 -60.34
C GLU D 102 -26.55 2.65 -61.71
N THR D 103 -25.59 1.88 -62.23
CA THR D 103 -25.07 2.14 -63.58
C THR D 103 -26.15 1.91 -64.63
N VAL D 104 -27.04 0.94 -64.40
CA VAL D 104 -28.19 0.76 -65.27
C VAL D 104 -29.24 1.84 -65.04
N MET D 105 -29.26 2.45 -63.85
CA MET D 105 -30.21 3.53 -63.60
C MET D 105 -29.79 4.81 -64.33
N GLU D 106 -28.49 5.10 -64.38
CA GLU D 106 -28.03 6.31 -65.05
C GLU D 106 -28.20 6.23 -66.56
N LYS D 107 -27.91 5.08 -67.16
CA LYS D 107 -27.90 4.93 -68.61
C LYS D 107 -29.17 4.24 -69.07
N GLN D 108 -29.93 4.91 -69.94
CA GLN D 108 -31.20 4.41 -70.44
C GLN D 108 -30.96 3.40 -71.57
N THR D 109 -32.05 2.79 -72.05
CA THR D 109 -31.95 1.82 -73.12
C THR D 109 -31.63 2.53 -74.44
N PRO D 110 -30.69 2.02 -75.24
CA PRO D 110 -30.38 2.66 -76.52
C PRO D 110 -31.56 2.58 -77.47
N PRO D 111 -31.61 3.45 -78.49
CA PRO D 111 -32.76 3.40 -79.39
C PRO D 111 -32.78 2.18 -80.30
N GLY D 112 -31.63 1.58 -80.61
CA GLY D 112 -31.59 0.43 -81.48
C GLY D 112 -31.82 -0.91 -80.81
N ILE D 113 -33.05 -1.22 -80.46
CA ILE D 113 -33.39 -2.48 -79.81
C ILE D 113 -34.04 -3.40 -80.82
N THR D 114 -33.42 -4.55 -81.05
CA THR D 114 -34.01 -5.56 -81.92
C THR D 114 -34.85 -6.52 -81.09
N ARG D 115 -35.75 -7.23 -81.77
CA ARG D 115 -36.62 -8.18 -81.10
C ARG D 115 -35.82 -9.29 -80.44
N SER D 116 -34.62 -9.57 -80.96
CA SER D 116 -33.77 -10.64 -80.45
C SER D 116 -32.91 -10.20 -79.29
N ILE D 117 -32.45 -8.95 -79.27
CA ILE D 117 -31.62 -8.48 -78.16
C ILE D 117 -32.49 -8.02 -77.00
N GLN D 118 -33.71 -7.56 -77.27
CA GLN D 118 -34.60 -7.14 -76.20
C GLN D 118 -35.06 -8.33 -75.37
N ASP D 119 -35.38 -9.44 -76.03
CA ASP D 119 -35.85 -10.61 -75.30
C ASP D 119 -34.71 -11.44 -74.74
N MET D 120 -33.48 -11.24 -75.24
CA MET D 120 -32.32 -11.86 -74.60
C MET D 120 -32.00 -11.19 -73.26
N VAL D 121 -32.12 -9.86 -73.20
CA VAL D 121 -31.93 -9.17 -71.93
C VAL D 121 -33.07 -9.51 -70.97
N ALA D 122 -34.28 -9.67 -71.51
CA ALA D 122 -35.42 -10.06 -70.69
C ALA D 122 -35.20 -11.40 -70.01
N GLY D 123 -34.33 -12.25 -70.58
CA GLY D 123 -33.97 -13.47 -69.89
C GLY D 123 -32.90 -13.26 -68.84
N TYR D 124 -32.06 -12.23 -69.00
CA TYR D 124 -31.06 -11.93 -67.99
C TYR D 124 -31.68 -11.16 -66.82
N ILE D 125 -32.64 -10.29 -67.10
CA ILE D 125 -33.34 -9.60 -66.02
C ILE D 125 -34.16 -10.59 -65.20
N LYS D 126 -34.81 -11.55 -65.88
CA LYS D 126 -35.53 -12.60 -65.17
C LYS D 126 -34.61 -13.53 -64.41
N GLN D 127 -33.33 -13.63 -64.83
CA GLN D 127 -32.40 -14.46 -64.08
C GLN D 127 -32.07 -13.83 -62.72
N THR D 128 -31.90 -12.51 -62.68
CA THR D 128 -31.61 -11.86 -61.41
C THR D 128 -32.78 -11.95 -60.45
N LEU D 129 -34.02 -11.93 -60.96
CA LEU D 129 -35.19 -12.03 -60.11
C LEU D 129 -35.28 -13.39 -59.44
N ASP D 130 -35.08 -14.46 -60.21
CA ASP D 130 -35.08 -15.80 -59.62
C ASP D 130 -33.86 -16.04 -58.75
N ASN D 131 -32.78 -15.27 -58.96
CA ASN D 131 -31.61 -15.38 -58.10
C ASN D 131 -31.81 -14.61 -56.79
N GLU D 132 -32.58 -13.52 -56.82
CA GLU D 132 -32.84 -12.78 -55.59
C GLU D 132 -33.90 -13.47 -54.73
N GLN D 133 -34.82 -14.20 -55.35
CA GLN D 133 -35.83 -14.90 -54.57
C GLN D 133 -35.20 -16.05 -53.79
N LEU D 134 -34.19 -16.70 -54.38
CA LEU D 134 -33.43 -17.69 -53.63
C LEU D 134 -32.42 -17.05 -52.68
N LEU D 135 -31.85 -15.90 -53.07
CA LEU D 135 -30.92 -15.21 -52.18
C LEU D 135 -31.63 -14.69 -50.94
N LYS D 136 -32.80 -14.09 -51.11
CA LYS D 136 -33.55 -13.60 -49.96
C LYS D 136 -33.96 -14.75 -49.05
N GLY D 137 -34.36 -15.88 -49.64
CA GLY D 137 -34.71 -17.04 -48.85
C GLY D 137 -33.53 -17.59 -48.06
N LEU D 138 -32.32 -17.48 -48.60
CA LEU D 138 -31.13 -17.89 -47.87
C LEU D 138 -30.67 -16.81 -46.91
N LEU D 139 -30.82 -15.54 -47.29
CA LEU D 139 -30.43 -14.45 -46.39
C LEU D 139 -31.32 -14.43 -45.16
N GLN D 140 -32.57 -14.89 -45.30
CA GLN D 140 -33.49 -14.93 -44.16
C GLN D 140 -33.16 -16.07 -43.20
N GLN D 141 -32.89 -17.26 -43.74
CA GLN D 141 -32.62 -18.40 -42.87
C GLN D 141 -31.30 -18.24 -42.12
N ARG D 142 -30.40 -17.37 -42.59
CA ARG D 142 -29.21 -17.07 -41.81
C ARG D 142 -29.55 -16.19 -40.61
N LEU D 143 -30.48 -15.26 -40.80
CA LEU D 143 -30.96 -14.47 -39.67
C LEU D 143 -31.67 -15.37 -38.66
N ASP D 144 -32.40 -16.36 -39.15
CA ASP D 144 -33.04 -17.33 -38.25
C ASP D 144 -32.00 -18.18 -37.53
N GLU D 145 -30.88 -18.47 -38.18
CA GLU D 145 -29.82 -19.26 -37.55
C GLU D 145 -29.01 -18.43 -36.57
N LEU D 146 -28.76 -17.16 -36.91
CA LEU D 146 -28.01 -16.29 -36.01
C LEU D 146 -28.79 -16.02 -34.72
N SER D 147 -30.11 -15.91 -34.82
CA SER D 147 -30.92 -15.74 -33.61
C SER D 147 -30.83 -16.97 -32.71
N SER D 148 -30.74 -18.16 -33.31
CA SER D 148 -30.53 -19.36 -32.50
C SER D 148 -29.14 -19.37 -31.89
N LEU D 149 -28.13 -18.97 -32.67
CA LEU D 149 -26.76 -18.98 -32.18
C LEU D 149 -26.57 -18.00 -31.02
N ILE D 150 -27.21 -16.83 -31.10
CA ILE D 150 -27.10 -15.87 -30.00
C ILE D 150 -27.80 -16.41 -28.75
N GLY D 151 -28.97 -17.04 -28.93
CA GLY D 151 -29.66 -17.60 -27.79
C GLY D 151 -28.92 -18.75 -27.16
N GLN D 152 -28.32 -19.62 -27.98
CA GLN D 152 -27.55 -20.74 -27.45
C GLN D 152 -26.26 -20.28 -26.79
N SER D 153 -25.62 -19.23 -27.32
CA SER D 153 -24.37 -18.75 -26.75
C SER D 153 -24.57 -18.08 -25.40
N THR D 154 -25.70 -17.40 -25.20
CA THR D 154 -25.97 -16.79 -23.91
C THR D 154 -26.37 -17.83 -22.88
N ARG D 155 -27.06 -18.89 -23.29
CA ARG D 155 -27.34 -19.99 -22.37
C ARG D 155 -26.05 -20.72 -22.00
N GLN D 156 -25.15 -20.89 -22.97
CA GLN D 156 -23.85 -21.51 -22.70
C GLN D 156 -22.99 -20.63 -21.80
N LYS D 157 -23.14 -19.30 -21.90
CA LYS D 157 -22.40 -18.41 -21.01
C LYS D 157 -22.85 -18.57 -19.56
N SER D 158 -24.14 -18.86 -19.33
CA SER D 158 -24.61 -19.09 -17.97
C SER D 158 -24.00 -20.37 -17.40
N LEU D 159 -23.84 -21.41 -18.23
CA LEU D 159 -23.19 -22.62 -17.76
C LEU D 159 -21.75 -22.37 -17.36
N ASN D 160 -21.01 -21.60 -18.17
CA ASN D 160 -19.60 -21.38 -17.90
C ASN D 160 -19.37 -20.53 -16.65
N ASN D 161 -20.29 -19.60 -16.35
CA ASN D 161 -20.13 -18.80 -15.15
C ASN D 161 -20.40 -19.61 -13.89
N ALA D 162 -21.35 -20.56 -13.96
CA ALA D 162 -21.68 -21.36 -12.78
C ALA D 162 -20.57 -22.35 -12.46
N TYR D 163 -20.07 -23.04 -13.47
CA TYR D 163 -19.05 -24.07 -13.28
C TYR D 163 -17.63 -23.55 -13.47
N GLY D 164 -17.46 -22.25 -13.72
CA GLY D 164 -16.13 -21.70 -13.92
C GLY D 164 -15.65 -20.85 -12.76
N MET E 4 13.22 11.04 43.74
CA MET E 4 12.11 11.58 42.98
C MET E 4 11.99 10.86 41.62
N SER E 5 13.05 10.17 41.23
CA SER E 5 13.08 9.36 40.02
C SER E 5 13.69 8.01 40.35
N ILE E 6 13.79 7.15 39.34
CA ILE E 6 14.35 5.83 39.58
C ILE E 6 15.86 5.91 39.78
N ASP E 7 16.54 6.77 39.01
CA ASP E 7 17.97 6.96 39.21
C ASP E 7 18.26 7.59 40.56
N GLU E 8 17.37 8.45 41.05
CA GLU E 8 17.59 9.09 42.34
C GLU E 8 17.41 8.09 43.48
N THR E 9 16.43 7.19 43.36
CA THR E 9 16.19 6.22 44.42
C THR E 9 17.21 5.09 44.41
N VAL E 10 17.69 4.68 43.23
CA VAL E 10 18.72 3.64 43.19
C VAL E 10 19.99 4.15 43.84
N ALA E 11 20.38 5.39 43.55
CA ALA E 11 21.54 5.98 44.22
C ALA E 11 21.35 6.02 45.73
N ARG E 12 20.14 6.34 46.18
CA ARG E 12 19.85 6.35 47.61
C ARG E 12 19.91 4.94 48.19
N TYR E 13 19.44 3.94 47.44
CA TYR E 13 19.56 2.56 47.89
C TYR E 13 21.02 2.15 48.01
N LYS E 14 21.85 2.55 47.05
CA LYS E 14 23.26 2.21 47.10
C LYS E 14 23.95 2.87 48.29
N ALA E 15 23.62 4.14 48.55
CA ALA E 15 24.26 4.84 49.67
C ALA E 15 23.90 4.20 50.99
N GLN E 16 22.62 3.84 51.18
CA GLN E 16 22.20 3.19 52.41
C GLN E 16 22.80 1.81 52.55
N PHE E 17 23.07 1.13 51.43
CA PHE E 17 23.66 -0.19 51.48
C PHE E 17 25.08 -0.15 52.07
N THR E 18 25.89 0.82 51.63
CA THR E 18 27.28 0.88 52.09
C THR E 18 27.37 1.34 53.54
N GLN E 19 26.51 2.27 53.96
CA GLN E 19 26.54 2.73 55.34
C GLN E 19 26.13 1.60 56.29
N LEU E 20 25.12 0.82 55.90
CA LEU E 20 24.70 -0.31 56.73
C LEU E 20 25.72 -1.44 56.70
N ASP E 21 26.41 -1.63 55.57
CA ASP E 21 27.42 -2.68 55.51
C ASP E 21 28.60 -2.36 56.40
N THR E 22 28.97 -1.08 56.50
CA THR E 22 30.02 -0.67 57.42
C THR E 22 29.58 -0.87 58.87
N MET E 23 28.31 -0.62 59.16
CA MET E 23 27.80 -0.82 60.51
C MET E 23 27.79 -2.31 60.88
N MET E 24 27.45 -3.18 59.94
CA MET E 24 27.45 -4.61 60.26
C MET E 24 28.85 -5.16 60.46
N SER E 25 29.87 -4.48 59.93
CA SER E 25 31.25 -4.91 60.19
C SER E 25 31.73 -4.39 61.54
N LYS E 26 31.49 -3.10 61.82
CA LYS E 26 31.78 -2.57 63.15
C LYS E 26 30.93 -3.21 64.24
N LEU E 27 29.80 -3.84 63.86
CA LEU E 27 28.99 -4.54 64.85
C LEU E 27 29.74 -5.75 65.39
N ASN E 28 30.58 -6.38 64.58
CA ASN E 28 31.43 -7.47 65.05
C ASN E 28 32.72 -6.95 65.66
N ASN E 29 33.16 -5.76 65.26
CA ASN E 29 34.31 -5.13 65.89
C ASN E 29 34.03 -4.80 67.36
N THR E 30 32.80 -4.38 67.67
CA THR E 30 32.42 -4.11 69.04
C THR E 30 31.93 -5.34 69.79
N SER E 31 31.59 -6.43 69.08
CA SER E 31 31.15 -7.64 69.75
C SER E 31 32.31 -8.38 70.40
N SER E 32 33.53 -8.22 69.87
CA SER E 32 34.68 -8.85 70.50
C SER E 32 35.08 -8.09 71.78
N TYR E 33 34.89 -6.77 71.81
CA TYR E 33 35.19 -6.03 73.02
C TYR E 33 34.18 -6.28 74.13
N LEU E 34 32.90 -6.51 73.76
CA LEU E 34 31.88 -6.72 74.77
C LEU E 34 31.91 -8.13 75.33
N THR E 35 32.28 -9.12 74.52
CA THR E 35 32.32 -10.49 75.01
C THR E 35 33.44 -10.71 76.03
N GLN E 36 34.56 -10.03 75.86
CA GLN E 36 35.65 -10.13 76.83
C GLN E 36 35.40 -9.32 78.10
N GLN E 37 34.53 -8.30 78.02
CA GLN E 37 34.10 -7.59 79.22
C GLN E 37 32.99 -8.31 79.95
N PHE E 38 32.25 -9.18 79.26
CA PHE E 38 31.18 -9.95 79.91
C PHE E 38 31.74 -11.03 80.81
N THR E 39 32.60 -11.90 80.26
CA THR E 39 33.18 -12.97 81.04
C THR E 39 34.12 -12.47 82.12
N ALA E 40 34.59 -11.22 82.03
CA ALA E 40 35.39 -10.61 83.08
C ALA E 40 34.55 -10.11 84.25
N MET E 41 33.24 -10.31 84.22
CA MET E 41 32.39 -9.93 85.34
C MET E 41 31.38 -11.01 85.70
N ASN E 42 31.66 -12.26 85.36
CA ASN E 42 30.75 -13.36 85.66
C ASN E 42 31.49 -14.49 86.40
N MET E 58 32.48 8.04 97.60
CA MET E 58 32.80 8.21 96.18
C MET E 58 31.66 7.69 95.31
N THR E 59 31.28 8.48 94.30
CA THR E 59 30.24 8.10 93.35
C THR E 59 30.79 7.32 92.16
N SER E 60 31.85 6.52 92.36
CA SER E 60 32.40 5.73 91.27
C SER E 60 31.44 4.63 90.84
N THR E 61 30.68 4.06 91.79
CA THR E 61 29.72 3.03 91.43
C THR E 61 28.60 3.58 90.56
N VAL E 62 28.21 4.84 90.78
CA VAL E 62 27.15 5.44 89.97
C VAL E 62 27.66 5.74 88.57
N GLU E 63 28.84 6.35 88.47
CA GLU E 63 29.44 6.64 87.17
C GLU E 63 30.06 5.39 86.55
N PHE E 64 29.53 4.22 86.89
CA PHE E 64 29.96 2.96 86.28
C PHE E 64 28.74 2.18 85.80
N ILE E 65 27.63 2.29 86.51
CA ILE E 65 26.39 1.69 86.03
C ILE E 65 25.86 2.44 84.82
N ASN E 66 25.99 3.77 84.82
CA ASN E 66 25.45 4.57 83.72
C ASN E 66 26.23 4.36 82.43
N ARG E 67 27.54 4.14 82.51
CA ARG E 67 28.31 3.89 81.31
C ARG E 67 27.94 2.55 80.67
N TRP E 68 27.56 1.56 81.49
CA TRP E 68 27.12 0.28 80.97
C TRP E 68 25.62 0.22 80.71
N GLN E 69 24.85 1.15 81.27
CA GLN E 69 23.44 1.26 80.92
C GLN E 69 23.23 2.06 79.65
N ARG E 70 24.09 3.06 79.41
CA ARG E 70 24.00 3.83 78.17
C ARG E 70 24.32 2.97 76.96
N ILE E 71 25.21 1.98 77.11
CA ILE E 71 25.49 1.05 76.02
C ILE E 71 24.29 0.14 75.79
N ALA E 72 23.72 -0.39 76.86
CA ALA E 72 22.58 -1.30 76.71
C ALA E 72 21.34 -0.58 76.20
N LEU E 73 21.22 0.73 76.48
CA LEU E 73 20.07 1.48 76.00
C LEU E 73 20.23 1.84 74.52
N LEU E 74 21.41 2.26 74.11
CA LEU E 74 21.63 2.60 72.71
C LEU E 74 21.53 1.35 71.82
N SER E 75 22.00 0.21 72.31
CA SER E 75 21.80 -1.04 71.57
C SER E 75 20.34 -1.42 71.51
N GLN E 76 19.56 -1.06 72.54
CA GLN E 76 18.13 -1.28 72.50
C GLN E 76 17.48 -0.36 71.46
N SER E 77 17.97 0.87 71.35
CA SER E 77 17.44 1.80 70.37
C SER E 77 17.70 1.30 68.94
N LEU E 78 18.90 0.80 68.68
CA LEU E 78 19.23 0.33 67.34
C LEU E 78 18.36 -0.85 66.94
N LEU E 79 18.13 -1.79 67.86
CA LEU E 79 17.33 -2.96 67.54
C LEU E 79 15.86 -2.59 67.31
N GLU E 80 15.33 -1.65 68.10
CA GLU E 80 13.95 -1.21 67.89
C GLU E 80 13.80 -0.44 66.59
N LEU E 81 14.79 0.40 66.26
CA LEU E 81 14.74 1.13 65.00
C LEU E 81 14.88 0.20 63.80
N ALA E 82 15.59 -0.92 63.96
CA ALA E 82 15.72 -1.88 62.88
C ALA E 82 14.42 -2.64 62.64
N GLN E 83 13.71 -2.99 63.72
CA GLN E 83 12.43 -3.68 63.57
C GLN E 83 11.37 -2.79 62.96
N ARG E 84 11.45 -1.49 63.19
CA ARG E 84 10.45 -0.54 62.68
C ARG E 84 10.84 0.04 61.32
N GLY E 85 11.99 -0.36 60.77
CA GLY E 85 12.41 0.07 59.46
C GLY E 85 12.88 1.50 59.36
N GLU E 86 13.15 2.16 60.49
CA GLU E 86 13.65 3.53 60.48
C GLU E 86 15.17 3.51 60.31
N TRP E 87 15.59 3.18 59.09
CA TRP E 87 17.01 3.00 58.81
C TRP E 87 17.77 4.32 58.81
N ASP E 88 17.11 5.42 58.40
CA ASP E 88 17.78 6.70 58.39
C ASP E 88 18.12 7.16 59.81
N LEU E 89 17.17 7.01 60.75
CA LEU E 89 17.46 7.33 62.14
C LEU E 89 18.38 6.31 62.77
N LEU E 90 18.33 5.05 62.30
CA LEU E 90 19.21 4.02 62.84
C LEU E 90 20.68 4.34 62.57
N LEU E 91 20.97 5.02 61.46
CA LEU E 91 22.35 5.40 61.15
C LEU E 91 22.80 6.63 61.89
N GLN E 92 21.87 7.49 62.33
CA GLN E 92 22.24 8.65 63.14
C GLN E 92 22.50 8.24 64.58
N GLN E 93 21.74 7.27 65.11
CA GLN E 93 21.96 6.77 66.45
C GLN E 93 23.18 5.87 66.55
N GLU E 94 23.69 5.39 65.41
CA GLU E 94 24.89 4.54 65.43
C GLU E 94 26.12 5.31 65.92
N VAL E 95 26.20 6.60 65.62
CA VAL E 95 27.36 7.40 66.02
C VAL E 95 27.47 7.47 67.53
N SER E 96 26.37 7.84 68.20
CA SER E 96 26.40 7.94 69.66
C SER E 96 26.62 6.58 70.32
N TYR E 97 26.16 5.50 69.68
CA TYR E 97 26.38 4.16 70.22
C TYR E 97 27.85 3.79 70.19
N LEU E 98 28.58 4.25 69.17
CA LEU E 98 30.01 3.98 69.10
C LEU E 98 30.80 4.86 70.06
N GLN E 99 30.33 6.09 70.29
CA GLN E 99 30.99 6.94 71.28
C GLN E 99 30.79 6.39 72.68
N SER E 100 29.63 5.81 72.96
CA SER E 100 29.35 5.31 74.31
C SER E 100 30.11 4.03 74.59
N ILE E 101 30.31 3.19 73.58
CA ILE E 101 31.04 1.93 73.80
C ILE E 101 32.55 2.21 73.96
N GLU E 102 33.08 3.17 73.21
CA GLU E 102 34.47 3.55 73.39
C GLU E 102 34.70 4.30 74.70
N THR E 103 33.68 4.97 75.22
CA THR E 103 33.83 5.66 76.49
C THR E 103 34.08 4.67 77.63
N VAL E 104 33.64 3.42 77.46
CA VAL E 104 33.93 2.39 78.44
C VAL E 104 35.38 1.93 78.34
N MET E 105 36.01 2.08 77.17
CA MET E 105 37.44 1.75 77.07
C MET E 105 38.29 2.81 77.76
N GLU E 106 37.87 4.07 77.69
CA GLU E 106 38.63 5.15 78.30
C GLU E 106 38.67 5.03 79.81
N LYS E 107 37.54 4.68 80.43
CA LYS E 107 37.37 4.66 81.87
C LYS E 107 37.43 3.22 82.39
N GLN E 108 38.35 2.96 83.31
CA GLN E 108 38.51 1.61 83.83
C GLN E 108 37.42 1.31 84.87
N THR E 109 37.37 0.06 85.30
CA THR E 109 36.41 -0.33 86.32
C THR E 109 36.86 0.21 87.67
N PRO E 110 35.97 0.80 88.47
CA PRO E 110 36.37 1.32 89.79
C PRO E 110 36.79 0.19 90.71
N PRO E 111 37.58 0.48 91.75
CA PRO E 111 38.03 -0.60 92.64
C PRO E 111 36.95 -1.18 93.54
N GLY E 112 35.90 -0.42 93.85
CA GLY E 112 34.85 -0.93 94.73
C GLY E 112 33.80 -1.76 94.02
N ILE E 113 34.17 -3.01 93.67
CA ILE E 113 33.30 -3.93 92.95
C ILE E 113 32.77 -4.98 93.91
N THR E 114 31.54 -4.83 94.34
CA THR E 114 30.88 -5.84 95.16
C THR E 114 30.18 -6.87 94.28
N ARG E 115 29.87 -8.02 94.89
CA ARG E 115 29.24 -9.13 94.17
C ARG E 115 27.88 -8.73 93.58
N SER E 116 27.20 -7.76 94.19
CA SER E 116 25.86 -7.39 93.76
C SER E 116 25.86 -6.38 92.63
N ILE E 117 26.84 -5.48 92.60
CA ILE E 117 26.93 -4.50 91.53
C ILE E 117 27.62 -5.09 90.30
N GLN E 118 28.49 -6.08 90.51
CA GLN E 118 29.18 -6.70 89.39
C GLN E 118 28.22 -7.51 88.53
N ASP E 119 27.27 -8.21 89.15
CA ASP E 119 26.33 -9.03 88.40
C ASP E 119 25.16 -8.23 87.84
N MET E 120 24.93 -7.00 88.34
CA MET E 120 23.94 -6.15 87.70
C MET E 120 24.41 -5.67 86.33
N VAL E 121 25.70 -5.31 86.22
CA VAL E 121 26.25 -4.96 84.91
C VAL E 121 26.34 -6.18 84.01
N ALA E 122 26.66 -7.35 84.59
CA ALA E 122 26.75 -8.58 83.81
C ALA E 122 25.43 -8.95 83.14
N GLY E 123 24.30 -8.47 83.68
CA GLY E 123 23.04 -8.65 83.00
C GLY E 123 22.80 -7.65 81.90
N TYR E 124 23.42 -6.47 82.01
CA TYR E 124 23.30 -5.46 80.96
C TYR E 124 24.24 -5.75 79.80
N ILE E 125 25.44 -6.27 80.09
CA ILE E 125 26.34 -6.65 79.02
C ILE E 125 25.79 -7.82 78.22
N LYS E 126 25.17 -8.80 78.91
CA LYS E 126 24.54 -9.89 78.21
C LYS E 126 23.32 -9.44 77.40
N GLN E 127 22.70 -8.33 77.79
CA GLN E 127 21.60 -7.79 76.99
C GLN E 127 22.11 -7.21 75.68
N THR E 128 23.24 -6.50 75.72
CA THR E 128 23.79 -5.91 74.49
C THR E 128 24.23 -6.97 73.50
N LEU E 129 24.74 -8.11 73.99
CA LEU E 129 25.14 -9.19 73.08
C LEU E 129 23.92 -9.79 72.41
N ASP E 130 22.87 -10.05 73.18
CA ASP E 130 21.64 -10.60 72.60
C ASP E 130 20.91 -9.58 71.73
N ASN E 131 21.18 -8.29 71.92
CA ASN E 131 20.57 -7.27 71.07
C ASN E 131 21.29 -7.13 69.74
N GLU E 132 22.60 -7.39 69.71
CA GLU E 132 23.36 -7.30 68.47
C GLU E 132 23.14 -8.51 67.57
N GLN E 133 22.88 -9.68 68.15
CA GLN E 133 22.60 -10.85 67.33
C GLN E 133 21.26 -10.73 66.60
N LEU E 134 20.28 -10.10 67.24
CA LEU E 134 19.04 -9.81 66.53
C LEU E 134 19.21 -8.63 65.58
N LEU E 135 20.06 -7.67 65.94
CA LEU E 135 20.33 -6.54 65.05
C LEU E 135 21.08 -6.99 63.81
N LYS E 136 22.08 -7.87 63.98
CA LYS E 136 22.83 -8.38 62.84
C LYS E 136 21.95 -9.18 61.91
N GLY E 137 21.06 -10.00 62.46
CA GLY E 137 20.16 -10.78 61.62
C GLY E 137 19.21 -9.91 60.82
N LEU E 138 18.80 -8.77 61.38
CA LEU E 138 17.95 -7.83 60.66
C LEU E 138 18.76 -6.89 59.77
N LEU E 139 19.97 -6.52 60.21
CA LEU E 139 20.82 -5.67 59.38
C LEU E 139 21.25 -6.39 58.11
N GLN E 140 21.37 -7.73 58.17
CA GLN E 140 21.76 -8.49 56.98
C GLN E 140 20.61 -8.59 55.99
N GLN E 141 19.40 -8.88 56.47
CA GLN E 141 18.26 -9.00 55.56
C GLN E 141 17.87 -7.68 54.92
N ARG E 142 18.29 -6.55 55.51
CA ARG E 142 18.07 -5.26 54.87
C ARG E 142 19.02 -5.06 53.69
N LEU E 143 20.25 -5.54 53.81
CA LEU E 143 21.16 -5.50 52.66
C LEU E 143 20.65 -6.41 51.55
N ASP E 144 20.10 -7.57 51.91
CA ASP E 144 19.51 -8.46 50.91
C ASP E 144 18.26 -7.84 50.28
N GLU E 145 17.53 -7.04 51.05
CA GLU E 145 16.35 -6.37 50.51
C GLU E 145 16.73 -5.21 49.61
N LEU E 146 17.80 -4.49 49.95
CA LEU E 146 18.25 -3.39 49.11
C LEU E 146 18.74 -3.89 47.77
N SER E 147 19.44 -5.04 47.76
CA SER E 147 19.87 -5.62 46.49
C SER E 147 18.69 -6.02 45.63
N SER E 148 17.62 -6.50 46.24
CA SER E 148 16.42 -6.81 45.48
C SER E 148 15.76 -5.54 44.95
N LEU E 149 15.71 -4.48 45.75
CA LEU E 149 15.08 -3.25 45.31
C LEU E 149 15.83 -2.61 44.16
N ILE E 150 17.17 -2.66 44.20
CA ILE E 150 17.95 -2.11 43.10
C ILE E 150 17.74 -2.93 41.84
N GLY E 151 17.65 -4.26 41.98
CA GLY E 151 17.38 -5.10 40.83
C GLY E 151 15.99 -4.87 40.26
N GLN E 152 14.99 -4.71 41.13
CA GLN E 152 13.63 -4.45 40.65
C GLN E 152 13.52 -3.07 40.02
N SER E 153 14.25 -2.09 40.55
CA SER E 153 14.18 -0.75 40.00
C SER E 153 14.85 -0.67 38.64
N THR E 154 15.91 -1.45 38.42
CA THR E 154 16.55 -1.45 37.11
C THR E 154 15.73 -2.24 36.10
N ARG E 155 15.04 -3.31 36.53
CA ARG E 155 14.12 -4.00 35.63
C ARG E 155 12.95 -3.10 35.25
N GLN E 156 12.44 -2.33 36.21
CA GLN E 156 11.38 -1.37 35.92
C GLN E 156 11.87 -0.26 35.00
N LYS E 157 13.14 0.12 35.12
CA LYS E 157 13.71 1.10 34.20
C LYS E 157 13.75 0.56 32.77
N SER E 158 13.96 -0.76 32.62
CA SER E 158 13.92 -1.37 31.29
C SER E 158 12.51 -1.36 30.72
N LEU E 159 11.50 -1.56 31.57
CA LEU E 159 10.12 -1.48 31.12
C LEU E 159 9.78 -0.08 30.64
N ASN E 160 10.25 0.94 31.34
CA ASN E 160 9.94 2.31 30.97
C ASN E 160 10.57 2.70 29.65
N ASN E 161 11.74 2.15 29.33
CA ASN E 161 12.37 2.45 28.05
C ASN E 161 11.64 1.78 26.91
N ALA E 162 11.07 0.59 27.15
CA ALA E 162 10.38 -0.14 26.10
C ALA E 162 9.06 0.54 25.74
N TYR E 163 8.29 0.95 26.75
CA TYR E 163 6.99 1.56 26.55
C TYR E 163 7.03 3.08 26.48
N GLY E 164 8.23 3.67 26.49
CA GLY E 164 8.38 5.12 26.42
C GLY E 164 7.76 5.86 27.59
N ARG E 165 8.16 5.51 28.80
CA ARG E 165 7.62 6.13 30.00
C ARG E 165 8.53 7.25 30.49
N MET F 4 26.58 27.33 -19.37
CA MET F 4 26.93 26.07 -18.73
C MET F 4 25.84 25.02 -18.94
N SER F 5 25.97 23.89 -18.27
CA SER F 5 25.04 22.78 -18.40
C SER F 5 24.02 22.84 -17.27
N ILE F 6 22.75 22.72 -17.63
CA ILE F 6 21.68 22.80 -16.63
C ILE F 6 21.67 21.56 -15.74
N ASP F 7 21.93 20.39 -16.32
CA ASP F 7 22.02 19.18 -15.50
C ASP F 7 23.19 19.24 -14.53
N GLU F 8 24.26 19.94 -14.91
CA GLU F 8 25.41 20.08 -14.02
C GLU F 8 25.09 21.00 -12.86
N THR F 9 24.25 22.02 -13.08
CA THR F 9 23.90 22.95 -12.00
C THR F 9 22.96 22.30 -10.98
N VAL F 10 22.07 21.41 -11.45
CA VAL F 10 21.15 20.74 -10.54
C VAL F 10 21.90 19.77 -9.62
N ALA F 11 22.86 19.02 -10.18
CA ALA F 11 23.66 18.11 -9.37
C ALA F 11 24.41 18.85 -8.26
N ARG F 12 24.99 20.01 -8.55
CA ARG F 12 25.68 20.75 -7.50
C ARG F 12 24.71 21.27 -6.44
N TYR F 13 23.52 21.71 -6.87
CA TYR F 13 22.51 22.15 -5.92
C TYR F 13 22.06 21.01 -5.01
N LYS F 14 21.83 19.83 -5.57
CA LYS F 14 21.42 18.68 -4.76
C LYS F 14 22.55 18.25 -3.82
N ALA F 15 23.79 18.22 -4.31
CA ALA F 15 24.90 17.79 -3.48
C ALA F 15 25.14 18.75 -2.32
N GLN F 16 25.09 20.05 -2.59
CA GLN F 16 25.27 21.04 -1.52
C GLN F 16 24.11 21.00 -0.53
N PHE F 17 22.91 20.65 -0.99
CA PHE F 17 21.77 20.54 -0.10
C PHE F 17 21.98 19.44 0.93
N THR F 18 22.45 18.27 0.48
CA THR F 18 22.66 17.16 1.39
C THR F 18 23.88 17.38 2.28
N GLN F 19 24.93 18.00 1.75
CA GLN F 19 26.12 18.26 2.56
C GLN F 19 25.83 19.25 3.69
N LEU F 20 25.04 20.30 3.39
CA LEU F 20 24.68 21.24 4.45
C LEU F 20 23.71 20.63 5.44
N ASP F 21 22.82 19.75 4.97
CA ASP F 21 21.89 19.08 5.88
C ASP F 21 22.63 18.07 6.77
N THR F 22 23.63 17.39 6.21
CA THR F 22 24.45 16.49 7.03
C THR F 22 25.26 17.26 8.06
N MET F 23 25.76 18.45 7.70
CA MET F 23 26.48 19.25 8.67
C MET F 23 25.55 19.74 9.77
N MET F 24 24.32 20.09 9.41
CA MET F 24 23.33 20.52 10.40
C MET F 24 22.85 19.36 11.26
N SER F 25 23.02 18.11 10.79
CA SER F 25 22.64 16.95 11.59
C SER F 25 23.76 16.55 12.56
N LYS F 26 25.00 16.49 12.07
CA LYS F 26 26.14 16.22 12.94
C LYS F 26 26.37 17.34 13.95
N LEU F 27 25.80 18.53 13.71
CA LEU F 27 25.93 19.63 14.65
C LEU F 27 25.21 19.37 15.97
N ASN F 28 24.13 18.57 15.94
CA ASN F 28 23.40 18.24 17.16
C ASN F 28 24.00 17.06 17.92
N ASN F 29 24.77 16.19 17.26
CA ASN F 29 25.49 15.14 17.97
C ASN F 29 26.48 15.75 18.96
N THR F 30 27.00 16.93 18.64
CA THR F 30 27.95 17.65 19.47
C THR F 30 27.28 18.43 20.61
N SER F 31 25.96 18.58 20.58
CA SER F 31 25.29 19.35 21.64
C SER F 31 25.33 18.64 22.98
N SER F 32 25.29 17.31 23.00
CA SER F 32 25.48 16.57 24.24
C SER F 32 26.95 16.50 24.61
N TYR F 33 27.82 16.48 23.60
CA TYR F 33 29.26 16.35 23.81
C TYR F 33 29.85 17.63 24.41
N LEU F 34 29.29 18.79 24.08
CA LEU F 34 29.79 20.07 24.58
C LEU F 34 29.36 20.37 26.00
N THR F 35 28.19 19.87 26.42
CA THR F 35 27.70 20.17 27.77
C THR F 35 28.61 19.59 28.84
N GLN F 36 29.25 18.47 28.56
CA GLN F 36 30.16 17.84 29.51
C GLN F 36 31.46 18.63 29.58
N THR F 61 48.78 17.84 29.58
CA THR F 61 47.75 17.97 30.59
C THR F 61 47.55 19.43 30.97
N VAL F 62 48.64 20.20 30.94
CA VAL F 62 48.56 21.62 31.30
C VAL F 62 47.85 22.42 30.22
N GLU F 63 48.21 22.19 28.95
CA GLU F 63 47.57 22.87 27.83
C GLU F 63 46.22 22.22 27.61
N PHE F 64 45.18 22.83 28.18
CA PHE F 64 43.81 22.39 28.03
C PHE F 64 42.92 23.55 27.60
N ILE F 65 43.30 24.76 28.00
CA ILE F 65 42.58 25.96 27.54
C ILE F 65 42.76 26.14 26.05
N ASN F 66 43.93 25.79 25.51
CA ASN F 66 44.21 26.00 24.09
C ASN F 66 43.35 25.10 23.20
N ARG F 67 43.06 23.88 23.64
CA ARG F 67 42.19 23.01 22.85
C ARG F 67 40.77 23.54 22.78
N TRP F 68 40.33 24.25 23.81
CA TRP F 68 39.02 24.89 23.83
C TRP F 68 39.03 26.29 23.20
N GLN F 69 40.20 26.87 22.96
CA GLN F 69 40.25 28.13 22.23
C GLN F 69 40.13 27.89 20.73
N ARG F 70 40.63 26.75 20.25
CA ARG F 70 40.46 26.40 18.85
C ARG F 70 39.01 26.10 18.51
N ILE F 71 38.25 25.53 19.46
CA ILE F 71 36.83 25.28 19.21
C ILE F 71 36.05 26.58 19.18
N ALA F 72 36.30 27.47 20.15
CA ALA F 72 35.56 28.72 20.21
C ALA F 72 35.93 29.66 19.06
N LEU F 73 37.17 29.57 18.56
CA LEU F 73 37.59 30.44 17.47
C LEU F 73 37.09 29.93 16.11
N LEU F 74 37.13 28.61 15.89
CA LEU F 74 36.66 28.05 14.63
C LEU F 74 35.17 28.26 14.43
N SER F 75 34.39 28.25 15.52
CA SER F 75 32.96 28.54 15.40
C SER F 75 32.73 29.98 14.94
N GLN F 76 33.63 30.90 15.27
CA GLN F 76 33.52 32.26 14.75
C GLN F 76 33.82 32.30 13.26
N SER F 77 34.77 31.48 12.80
CA SER F 77 35.08 31.43 11.37
C SER F 77 33.90 30.88 10.57
N LEU F 78 33.24 29.84 11.09
CA LEU F 78 32.11 29.26 10.39
C LEU F 78 30.95 30.26 10.28
N LEU F 79 30.71 31.03 11.34
CA LEU F 79 29.64 32.02 11.30
C LEU F 79 29.96 33.14 10.33
N GLU F 80 31.22 33.55 10.26
CA GLU F 80 31.61 34.60 9.34
C GLU F 80 31.48 34.12 7.89
N LEU F 81 31.84 32.88 7.63
CA LEU F 81 31.68 32.32 6.28
C LEU F 81 30.21 32.14 5.92
N ALA F 82 29.35 31.88 6.91
CA ALA F 82 27.93 31.71 6.63
C ALA F 82 27.26 33.04 6.29
N GLN F 83 27.65 34.12 6.99
CA GLN F 83 27.09 35.43 6.69
C GLN F 83 27.53 35.94 5.34
N ARG F 84 28.72 35.54 4.89
CA ARG F 84 29.28 35.98 3.62
C ARG F 84 28.96 35.04 2.47
N GLY F 85 28.18 33.98 2.72
CA GLY F 85 27.75 33.09 1.66
C GLY F 85 28.78 32.13 1.13
N GLU F 86 29.88 31.92 1.85
CA GLU F 86 30.91 30.97 1.43
C GLU F 86 30.53 29.56 1.91
N TRP F 87 29.51 29.01 1.25
CA TRP F 87 28.96 27.72 1.68
C TRP F 87 29.88 26.56 1.34
N ASP F 88 30.62 26.64 0.22
CA ASP F 88 31.54 25.57 -0.13
C ASP F 88 32.71 25.49 0.85
N LEU F 89 33.26 26.64 1.25
CA LEU F 89 34.32 26.64 2.24
C LEU F 89 33.81 26.24 3.62
N LEU F 90 32.53 26.50 3.89
CA LEU F 90 31.94 26.11 5.17
C LEU F 90 31.94 24.58 5.33
N LEU F 91 31.82 23.85 4.23
CA LEU F 91 31.81 22.39 4.28
C LEU F 91 33.21 21.79 4.39
N GLN F 92 34.24 22.52 3.97
CA GLN F 92 35.60 22.01 4.13
C GLN F 92 36.10 22.21 5.55
N GLN F 93 35.71 23.31 6.20
CA GLN F 93 36.06 23.53 7.60
C GLN F 93 35.24 22.65 8.54
N GLU F 94 34.15 22.06 8.06
CA GLU F 94 33.35 21.18 8.91
C GLU F 94 34.14 19.95 9.34
N VAL F 95 35.01 19.45 8.45
CA VAL F 95 35.76 18.22 8.77
C VAL F 95 36.69 18.45 9.95
N SER F 96 37.51 19.51 9.88
CA SER F 96 38.43 19.79 10.99
C SER F 96 37.70 20.23 12.24
N TYR F 97 36.55 20.90 12.11
CA TYR F 97 35.80 21.33 13.28
C TYR F 97 35.14 20.16 14.00
N LEU F 98 34.66 19.15 13.26
CA LEU F 98 34.02 18.01 13.89
C LEU F 98 35.02 17.03 14.50
N GLN F 99 36.19 16.86 13.88
CA GLN F 99 37.22 16.03 14.51
C GLN F 99 37.83 16.71 15.72
N SER F 100 37.94 18.04 15.70
CA SER F 100 38.59 18.76 16.79
C SER F 100 37.73 18.77 18.06
N ILE F 101 36.40 18.77 17.92
CA ILE F 101 35.55 18.74 19.10
C ILE F 101 35.60 17.37 19.78
N GLU F 102 35.64 16.31 18.99
CA GLU F 102 35.67 14.98 19.59
C GLU F 102 36.99 14.69 20.28
N THR F 103 38.07 15.35 19.85
CA THR F 103 39.36 15.20 20.52
C THR F 103 39.36 15.80 21.92
N VAL F 104 38.62 16.90 22.12
CA VAL F 104 38.82 17.72 23.32
C VAL F 104 38.22 17.08 24.58
N MET F 105 37.17 16.26 24.44
CA MET F 105 36.59 15.56 25.59
C MET F 105 37.44 14.37 26.04
N GLU F 106 38.16 13.73 25.12
CA GLU F 106 38.89 12.50 25.43
C GLU F 106 39.87 12.72 26.58
N LYS F 107 40.49 13.89 26.65
CA LYS F 107 41.50 14.20 27.65
C LYS F 107 40.82 15.00 28.74
N GLN F 108 40.93 14.52 29.98
CA GLN F 108 40.17 15.04 31.10
C GLN F 108 40.72 16.39 31.57
N THR F 109 40.03 16.98 32.54
CA THR F 109 40.40 18.27 33.08
C THR F 109 41.69 18.14 33.88
N PRO F 110 42.62 19.08 33.72
CA PRO F 110 43.90 19.01 34.45
C PRO F 110 43.68 19.10 35.95
N PRO F 111 44.67 18.70 36.75
CA PRO F 111 44.50 18.71 38.21
C PRO F 111 44.35 20.10 38.80
N GLY F 112 44.71 21.14 38.05
CA GLY F 112 44.62 22.51 38.52
C GLY F 112 43.19 22.99 38.52
N ILE F 113 42.46 22.69 39.59
CA ILE F 113 41.04 22.99 39.69
C ILE F 113 40.91 24.35 40.37
N THR F 114 41.48 25.37 39.74
CA THR F 114 41.32 26.75 40.18
C THR F 114 40.19 27.41 39.39
N ARG F 115 39.60 28.45 39.99
CA ARG F 115 38.52 29.17 39.34
C ARG F 115 38.99 29.94 38.12
N SER F 116 40.25 30.35 38.07
CA SER F 116 40.69 31.21 36.98
C SER F 116 41.14 30.45 35.74
N ILE F 117 41.83 29.32 35.89
CA ILE F 117 42.30 28.58 34.72
C ILE F 117 41.28 27.56 34.23
N GLN F 118 40.56 26.90 35.14
CA GLN F 118 39.58 25.90 34.71
C GLN F 118 38.29 26.54 34.18
N ASP F 119 37.81 27.59 34.85
CA ASP F 119 36.56 28.24 34.46
C ASP F 119 36.72 29.26 33.35
N MET F 120 37.95 29.62 32.99
CA MET F 120 38.16 30.40 31.78
C MET F 120 37.75 29.59 30.56
N VAL F 121 37.97 28.27 30.61
CA VAL F 121 37.50 27.38 29.56
C VAL F 121 35.98 27.37 29.51
N ALA F 122 35.33 27.47 30.68
CA ALA F 122 33.88 27.50 30.72
C ALA F 122 33.30 28.68 29.94
N GLY F 123 34.09 29.74 29.74
CA GLY F 123 33.65 30.82 28.86
C GLY F 123 33.87 30.51 27.40
N TYR F 124 34.83 29.64 27.09
CA TYR F 124 35.07 29.23 25.71
C TYR F 124 34.07 28.17 25.26
N ILE F 125 33.67 27.27 26.17
CA ILE F 125 32.68 26.26 25.81
C ILE F 125 31.32 26.90 25.55
N LYS F 126 30.93 27.86 26.38
CA LYS F 126 29.68 28.59 26.15
C LYS F 126 29.76 29.51 24.93
N GLN F 127 30.97 29.90 24.52
CA GLN F 127 31.10 30.74 23.34
C GLN F 127 30.73 30.00 22.06
N THR F 128 31.10 28.72 21.97
CA THR F 128 30.79 27.93 20.78
C THR F 128 29.29 27.73 20.61
N LEU F 129 28.54 27.65 21.71
CA LEU F 129 27.10 27.45 21.62
C LEU F 129 26.39 28.64 20.99
N ASP F 130 26.74 29.85 21.40
CA ASP F 130 26.10 31.04 20.85
C ASP F 130 26.48 31.30 19.39
N ASN F 131 27.60 30.78 18.93
CA ASN F 131 27.98 30.92 17.52
C ASN F 131 27.26 29.90 16.64
N GLU F 132 26.93 28.73 17.19
CA GLU F 132 26.25 27.70 16.40
C GLU F 132 24.78 28.01 16.20
N GLN F 133 24.15 28.72 17.14
CA GLN F 133 22.75 29.08 17.00
C GLN F 133 22.54 30.08 15.86
N LEU F 134 23.49 30.98 15.63
CA LEU F 134 23.42 31.86 14.47
C LEU F 134 23.76 31.14 13.18
N LEU F 135 24.63 30.13 13.24
CA LEU F 135 24.95 29.35 12.06
C LEU F 135 23.75 28.51 11.60
N LYS F 136 23.03 27.90 12.54
CA LYS F 136 21.88 27.08 12.19
C LYS F 136 20.77 27.92 11.55
N GLY F 137 20.55 29.13 12.05
CA GLY F 137 19.55 30.00 11.46
C GLY F 137 19.85 30.39 10.02
N LEU F 138 21.14 30.54 9.69
CA LEU F 138 21.53 30.80 8.31
C LEU F 138 21.64 29.52 7.50
N LEU F 139 22.05 28.42 8.13
CA LEU F 139 22.13 27.14 7.43
C LEU F 139 20.76 26.63 7.01
N GLN F 140 19.72 26.99 7.78
CA GLN F 140 18.37 26.54 7.43
C GLN F 140 17.81 27.33 6.25
N GLN F 141 17.99 28.66 6.26
CA GLN F 141 17.47 29.48 5.17
C GLN F 141 18.19 29.22 3.85
N ARG F 142 19.41 28.66 3.91
CA ARG F 142 20.10 28.27 2.68
C ARG F 142 19.51 27.00 2.09
N LEU F 143 19.11 26.05 2.95
CA LEU F 143 18.44 24.85 2.46
C LEU F 143 17.11 25.17 1.81
N ASP F 144 16.37 26.13 2.38
CA ASP F 144 15.12 26.55 1.76
C ASP F 144 15.36 27.26 0.43
N GLU F 145 16.49 27.96 0.31
CA GLU F 145 16.83 28.62 -0.94
C GLU F 145 17.33 27.61 -1.97
N LEU F 146 18.06 26.58 -1.53
CA LEU F 146 18.55 25.56 -2.46
C LEU F 146 17.39 24.77 -3.05
N SER F 147 16.36 24.48 -2.26
CA SER F 147 15.17 23.81 -2.80
C SER F 147 14.47 24.71 -3.81
N SER F 148 14.48 26.02 -3.58
CA SER F 148 13.92 26.95 -4.56
C SER F 148 14.76 26.97 -5.83
N LEU F 149 16.09 26.94 -5.68
CA LEU F 149 16.96 26.95 -6.86
C LEU F 149 16.79 25.68 -7.68
N ILE F 150 16.61 24.54 -7.01
CA ILE F 150 16.40 23.28 -7.73
C ILE F 150 15.06 23.33 -8.47
N GLY F 151 14.03 23.90 -7.84
CA GLY F 151 12.75 24.02 -8.52
C GLY F 151 12.80 24.94 -9.72
N GLN F 152 13.55 26.04 -9.62
CA GLN F 152 13.67 26.96 -10.74
C GLN F 152 14.43 26.32 -11.90
N SER F 153 15.44 25.50 -11.59
CA SER F 153 16.22 24.89 -12.65
C SER F 153 15.45 23.79 -13.36
N THR F 154 14.57 23.06 -12.65
CA THR F 154 13.77 22.03 -13.28
C THR F 154 12.61 22.61 -14.10
N ARG F 155 12.04 23.72 -13.65
CA ARG F 155 11.04 24.41 -14.47
C ARG F 155 11.66 24.98 -15.73
N GLN F 156 12.88 25.52 -15.63
CA GLN F 156 13.57 26.01 -16.81
C GLN F 156 13.90 24.89 -17.78
N LYS F 157 14.19 23.69 -17.27
CA LYS F 157 14.42 22.56 -18.15
C LYS F 157 13.16 22.15 -18.88
N SER F 158 11.99 22.29 -18.23
CA SER F 158 10.74 21.98 -18.90
C SER F 158 10.46 22.98 -20.02
N LEU F 159 10.79 24.25 -19.79
CA LEU F 159 10.61 25.25 -20.84
C LEU F 159 11.52 24.98 -22.03
N ASN F 160 12.79 24.65 -21.77
CA ASN F 160 13.73 24.42 -22.86
C ASN F 160 13.43 23.15 -23.62
N ASN F 161 12.92 22.11 -22.94
CA ASN F 161 12.60 20.86 -23.61
C ASN F 161 11.32 20.95 -24.43
N ALA F 162 10.34 21.72 -23.97
CA ALA F 162 9.07 21.80 -24.70
C ALA F 162 9.22 22.60 -25.98
N TYR F 163 9.91 23.73 -25.91
CA TYR F 163 10.07 24.61 -27.07
C TYR F 163 11.36 24.34 -27.84
N GLY F 164 12.13 23.33 -27.46
CA GLY F 164 13.38 23.06 -28.15
C GLY F 164 13.17 22.50 -29.55
N ARG F 165 12.27 21.53 -29.68
CA ARG F 165 11.98 20.92 -30.98
C ARG F 165 10.57 21.28 -31.46
N MET F 169 13.34 27.27 -33.23
CA MET F 169 14.29 28.31 -32.85
C MET F 169 14.09 28.73 -31.40
N LEU F 170 15.14 28.56 -30.60
CA LEU F 170 15.13 28.89 -29.18
C LEU F 170 16.17 29.97 -28.90
N LEU F 171 16.25 30.37 -27.63
CA LEU F 171 17.18 31.39 -27.18
C LEU F 171 17.25 31.37 -25.65
N VAL F 172 17.87 30.33 -25.10
CA VAL F 172 17.86 30.08 -23.66
C VAL F 172 18.99 30.87 -22.98
N PRO F 173 18.82 31.26 -21.71
CA PRO F 173 19.88 31.91 -20.95
C PRO F 173 20.85 30.92 -20.32
C1 GOL G . -38.57 0.79 -28.14
O1 GOL G . -38.05 1.80 -28.95
C2 GOL G . -39.48 -0.07 -29.05
O2 GOL G . -40.51 0.67 -29.60
C3 GOL G . -38.54 -0.68 -30.12
O3 GOL G . -39.34 -1.42 -30.99
C1 GOL H . 20.16 -7.82 32.33
O1 GOL H . 19.51 -8.99 32.70
C2 GOL H . 20.86 -7.26 33.61
O2 GOL H . 22.19 -7.65 33.71
C3 GOL H . 20.72 -5.72 33.52
O3 GOL H . 21.33 -5.18 34.64
#